data_2EBB
# 
_entry.id   2EBB 
# 
_audit_conform.dict_name       mmcif_pdbx.dic 
_audit_conform.dict_version    5.388 
_audit_conform.dict_location   http://mmcif.pdb.org/dictionaries/ascii/mmcif_pdbx.dic 
# 
loop_
_database_2.database_id 
_database_2.database_code 
_database_2.pdbx_database_accession 
_database_2.pdbx_DOI 
PDB   2EBB         pdb_00002ebb 10.2210/pdb2ebb/pdb 
RCSB  RCSB026459   ?            ?                   
WWPDB D_1000026459 ?            ?                   
# 
loop_
_pdbx_audit_revision_history.ordinal 
_pdbx_audit_revision_history.data_content_type 
_pdbx_audit_revision_history.major_revision 
_pdbx_audit_revision_history.minor_revision 
_pdbx_audit_revision_history.revision_date 
1 'Structure model' 1 0 2008-02-12 
2 'Structure model' 1 1 2011-07-13 
3 'Structure model' 1 2 2024-03-13 
# 
_pdbx_audit_revision_details.ordinal             1 
_pdbx_audit_revision_details.revision_ordinal    1 
_pdbx_audit_revision_details.data_content_type   'Structure model' 
_pdbx_audit_revision_details.provider            repository 
_pdbx_audit_revision_details.type                'Initial release' 
_pdbx_audit_revision_details.description         ? 
_pdbx_audit_revision_details.details             ? 
# 
loop_
_pdbx_audit_revision_group.ordinal 
_pdbx_audit_revision_group.revision_ordinal 
_pdbx_audit_revision_group.data_content_type 
_pdbx_audit_revision_group.group 
1 2 'Structure model' 'Version format compliance' 
2 3 'Structure model' 'Data collection'           
3 3 'Structure model' 'Database references'       
# 
loop_
_pdbx_audit_revision_category.ordinal 
_pdbx_audit_revision_category.revision_ordinal 
_pdbx_audit_revision_category.data_content_type 
_pdbx_audit_revision_category.category 
1 3 'Structure model' chem_comp_atom 
2 3 'Structure model' chem_comp_bond 
3 3 'Structure model' database_2     
# 
loop_
_pdbx_audit_revision_item.ordinal 
_pdbx_audit_revision_item.revision_ordinal 
_pdbx_audit_revision_item.data_content_type 
_pdbx_audit_revision_item.item 
1 3 'Structure model' '_database_2.pdbx_DOI'                
2 3 'Structure model' '_database_2.pdbx_database_accession' 
# 
_pdbx_database_status.status_code                     REL 
_pdbx_database_status.entry_id                        2EBB 
_pdbx_database_status.recvd_initial_deposition_date   2007-02-07 
_pdbx_database_status.deposit_site                    PDBJ 
_pdbx_database_status.process_site                    PDBJ 
_pdbx_database_status.status_code_sf                  REL 
_pdbx_database_status.status_code_mr                  ? 
_pdbx_database_status.SG_entry                        Y 
_pdbx_database_status.pdb_format_compatible           Y 
_pdbx_database_status.status_code_cs                  ? 
_pdbx_database_status.status_code_nmr_data            ? 
_pdbx_database_status.methods_development_category    ? 
# 
_pdbx_database_related.db_name        TargetDB 
_pdbx_database_related.db_id          gka001001984.1 
_pdbx_database_related.details        . 
_pdbx_database_related.content_type   unspecified 
# 
loop_
_audit_author.name 
_audit_author.pdbx_ordinal 
'Kumarevel, T.S.'                                        1 
'Karthe, P.'                                             2 
'Kuramitsu, S.'                                          3 
'Yokoyama, S.'                                           4 
'RIKEN Structural Genomics/Proteomics Initiative (RSGI)' 5 
# 
_citation.id                        primary 
_citation.title                     
;Crystal structure of pterin-4-alpha-carbinolamine dehydratase (pterin carbinolamine dehydratase) from Geobacillus kaustophilus HTA426
;
_citation.journal_abbrev            'To be Published' 
_citation.journal_volume            ? 
_citation.page_first                ? 
_citation.page_last                 ? 
_citation.year                      ? 
_citation.journal_id_ASTM           ? 
_citation.country                   ? 
_citation.journal_id_ISSN           ? 
_citation.journal_id_CSD            0353 
_citation.book_publisher            ? 
_citation.pdbx_database_id_PubMed   ? 
_citation.pdbx_database_id_DOI      ? 
# 
loop_
_citation_author.citation_id 
_citation_author.name 
_citation_author.ordinal 
_citation_author.identifier_ORCID 
primary 'Kumarevel, T.S.' 1 ? 
primary 'Karthe, P.'      2 ? 
primary 'Kuramitsu, S.'   3 ? 
primary 'Yokoyama, S.'    4 ? 
# 
loop_
_entity.id 
_entity.type 
_entity.src_method 
_entity.pdbx_description 
_entity.formula_weight 
_entity.pdbx_number_of_molecules 
_entity.pdbx_ec 
_entity.pdbx_mutation 
_entity.pdbx_fragment 
_entity.details 
1 polymer man 'Pterin-4-alpha-carbinolamine dehydratase' 11984.644 1   4.2.1.96 ? ? ? 
2 water   nat water                                      18.015    107 ?        ? ? ? 
# 
_entity_name_com.entity_id   1 
_entity_name_com.name        'Pterin carbinolamine dehydratase' 
# 
_entity_poly.entity_id                      1 
_entity_poly.type                           'polypeptide(L)' 
_entity_poly.nstd_linkage                   no 
_entity_poly.nstd_monomer                   no 
_entity_poly.pdbx_seq_one_letter_code       
;MRLTEEEVQALLEKADGWKLADERWIVKKYRFQDYLQGIEFVRRIAAISENANHHPFISIDYKLITVKLSSWRAKGLTKL
DFDLAKQYDEVYNQMKQGEGE
;
_entity_poly.pdbx_seq_one_letter_code_can   
;MRLTEEEVQALLEKADGWKLADERWIVKKYRFQDYLQGIEFVRRIAAISENANHHPFISIDYKLITVKLSSWRAKGLTKL
DFDLAKQYDEVYNQMKQGEGE
;
_entity_poly.pdbx_strand_id                 A 
_entity_poly.pdbx_target_identifier         gka001001984.1 
# 
_pdbx_entity_nonpoly.entity_id   2 
_pdbx_entity_nonpoly.name        water 
_pdbx_entity_nonpoly.comp_id     HOH 
# 
loop_
_entity_poly_seq.entity_id 
_entity_poly_seq.num 
_entity_poly_seq.mon_id 
_entity_poly_seq.hetero 
1 1   MET n 
1 2   ARG n 
1 3   LEU n 
1 4   THR n 
1 5   GLU n 
1 6   GLU n 
1 7   GLU n 
1 8   VAL n 
1 9   GLN n 
1 10  ALA n 
1 11  LEU n 
1 12  LEU n 
1 13  GLU n 
1 14  LYS n 
1 15  ALA n 
1 16  ASP n 
1 17  GLY n 
1 18  TRP n 
1 19  LYS n 
1 20  LEU n 
1 21  ALA n 
1 22  ASP n 
1 23  GLU n 
1 24  ARG n 
1 25  TRP n 
1 26  ILE n 
1 27  VAL n 
1 28  LYS n 
1 29  LYS n 
1 30  TYR n 
1 31  ARG n 
1 32  PHE n 
1 33  GLN n 
1 34  ASP n 
1 35  TYR n 
1 36  LEU n 
1 37  GLN n 
1 38  GLY n 
1 39  ILE n 
1 40  GLU n 
1 41  PHE n 
1 42  VAL n 
1 43  ARG n 
1 44  ARG n 
1 45  ILE n 
1 46  ALA n 
1 47  ALA n 
1 48  ILE n 
1 49  SER n 
1 50  GLU n 
1 51  ASN n 
1 52  ALA n 
1 53  ASN n 
1 54  HIS n 
1 55  HIS n 
1 56  PRO n 
1 57  PHE n 
1 58  ILE n 
1 59  SER n 
1 60  ILE n 
1 61  ASP n 
1 62  TYR n 
1 63  LYS n 
1 64  LEU n 
1 65  ILE n 
1 66  THR n 
1 67  VAL n 
1 68  LYS n 
1 69  LEU n 
1 70  SER n 
1 71  SER n 
1 72  TRP n 
1 73  ARG n 
1 74  ALA n 
1 75  LYS n 
1 76  GLY n 
1 77  LEU n 
1 78  THR n 
1 79  LYS n 
1 80  LEU n 
1 81  ASP n 
1 82  PHE n 
1 83  ASP n 
1 84  LEU n 
1 85  ALA n 
1 86  LYS n 
1 87  GLN n 
1 88  TYR n 
1 89  ASP n 
1 90  GLU n 
1 91  VAL n 
1 92  TYR n 
1 93  ASN n 
1 94  GLN n 
1 95  MET n 
1 96  LYS n 
1 97  GLN n 
1 98  GLY n 
1 99  GLU n 
1 100 GLY n 
1 101 GLU n 
# 
_entity_src_gen.entity_id                          1 
_entity_src_gen.pdbx_src_id                        1 
_entity_src_gen.pdbx_alt_source_flag               sample 
_entity_src_gen.pdbx_seq_type                      ? 
_entity_src_gen.pdbx_beg_seq_num                   ? 
_entity_src_gen.pdbx_end_seq_num                   ? 
_entity_src_gen.gene_src_common_name               ? 
_entity_src_gen.gene_src_genus                     Geobacillus 
_entity_src_gen.pdbx_gene_src_gene                 GK1984 
_entity_src_gen.gene_src_species                   ? 
_entity_src_gen.gene_src_strain                    ? 
_entity_src_gen.gene_src_tissue                    ? 
_entity_src_gen.gene_src_tissue_fraction           ? 
_entity_src_gen.gene_src_details                   ? 
_entity_src_gen.pdbx_gene_src_fragment             ? 
_entity_src_gen.pdbx_gene_src_scientific_name      'Geobacillus kaustophilus' 
_entity_src_gen.pdbx_gene_src_ncbi_taxonomy_id     1462 
_entity_src_gen.pdbx_gene_src_variant              ? 
_entity_src_gen.pdbx_gene_src_cell_line            ? 
_entity_src_gen.pdbx_gene_src_atcc                 ? 
_entity_src_gen.pdbx_gene_src_organ                ? 
_entity_src_gen.pdbx_gene_src_organelle            ? 
_entity_src_gen.pdbx_gene_src_cell                 ? 
_entity_src_gen.pdbx_gene_src_cellular_location    ? 
_entity_src_gen.host_org_common_name               ? 
_entity_src_gen.pdbx_host_org_scientific_name      'Escherichia coli' 
_entity_src_gen.pdbx_host_org_ncbi_taxonomy_id     562 
_entity_src_gen.host_org_genus                     Escherichia 
_entity_src_gen.pdbx_host_org_gene                 ? 
_entity_src_gen.pdbx_host_org_organ                ? 
_entity_src_gen.host_org_species                   ? 
_entity_src_gen.pdbx_host_org_tissue               ? 
_entity_src_gen.pdbx_host_org_tissue_fraction      ? 
_entity_src_gen.pdbx_host_org_strain               'BL21 (DE3) codonplus-RIL-X' 
_entity_src_gen.pdbx_host_org_variant              ? 
_entity_src_gen.pdbx_host_org_cell_line            ? 
_entity_src_gen.pdbx_host_org_atcc                 ? 
_entity_src_gen.pdbx_host_org_culture_collection   ? 
_entity_src_gen.pdbx_host_org_cell                 ? 
_entity_src_gen.pdbx_host_org_organelle            ? 
_entity_src_gen.pdbx_host_org_cellular_location    ? 
_entity_src_gen.pdbx_host_org_vector_type          plasmid 
_entity_src_gen.pdbx_host_org_vector               ? 
_entity_src_gen.host_org_details                   ? 
_entity_src_gen.expression_system_id               ? 
_entity_src_gen.plasmid_name                       'pET-His TEV' 
_entity_src_gen.plasmid_details                    ? 
_entity_src_gen.pdbx_description                   ? 
# 
loop_
_chem_comp.id 
_chem_comp.type 
_chem_comp.mon_nstd_flag 
_chem_comp.name 
_chem_comp.pdbx_synonyms 
_chem_comp.formula 
_chem_comp.formula_weight 
ALA 'L-peptide linking' y ALANINE         ? 'C3 H7 N O2'     89.093  
ARG 'L-peptide linking' y ARGININE        ? 'C6 H15 N4 O2 1' 175.209 
ASN 'L-peptide linking' y ASPARAGINE      ? 'C4 H8 N2 O3'    132.118 
ASP 'L-peptide linking' y 'ASPARTIC ACID' ? 'C4 H7 N O4'     133.103 
GLN 'L-peptide linking' y GLUTAMINE       ? 'C5 H10 N2 O3'   146.144 
GLU 'L-peptide linking' y 'GLUTAMIC ACID' ? 'C5 H9 N O4'     147.129 
GLY 'peptide linking'   y GLYCINE         ? 'C2 H5 N O2'     75.067  
HIS 'L-peptide linking' y HISTIDINE       ? 'C6 H10 N3 O2 1' 156.162 
HOH non-polymer         . WATER           ? 'H2 O'           18.015  
ILE 'L-peptide linking' y ISOLEUCINE      ? 'C6 H13 N O2'    131.173 
LEU 'L-peptide linking' y LEUCINE         ? 'C6 H13 N O2'    131.173 
LYS 'L-peptide linking' y LYSINE          ? 'C6 H15 N2 O2 1' 147.195 
MET 'L-peptide linking' y METHIONINE      ? 'C5 H11 N O2 S'  149.211 
PHE 'L-peptide linking' y PHENYLALANINE   ? 'C9 H11 N O2'    165.189 
PRO 'L-peptide linking' y PROLINE         ? 'C5 H9 N O2'     115.130 
SER 'L-peptide linking' y SERINE          ? 'C3 H7 N O3'     105.093 
THR 'L-peptide linking' y THREONINE       ? 'C4 H9 N O3'     119.119 
TRP 'L-peptide linking' y TRYPTOPHAN      ? 'C11 H12 N2 O2'  204.225 
TYR 'L-peptide linking' y TYROSINE        ? 'C9 H11 N O3'    181.189 
VAL 'L-peptide linking' y VALINE          ? 'C5 H11 N O2'    117.146 
# 
loop_
_pdbx_poly_seq_scheme.asym_id 
_pdbx_poly_seq_scheme.entity_id 
_pdbx_poly_seq_scheme.seq_id 
_pdbx_poly_seq_scheme.mon_id 
_pdbx_poly_seq_scheme.ndb_seq_num 
_pdbx_poly_seq_scheme.pdb_seq_num 
_pdbx_poly_seq_scheme.auth_seq_num 
_pdbx_poly_seq_scheme.pdb_mon_id 
_pdbx_poly_seq_scheme.auth_mon_id 
_pdbx_poly_seq_scheme.pdb_strand_id 
_pdbx_poly_seq_scheme.pdb_ins_code 
_pdbx_poly_seq_scheme.hetero 
A 1 1   MET 1   3   3  MET ALA A . n 
A 1 2   ARG 2   4   4  ARG ARG A . n 
A 1 3   LEU 3   5   5  LEU LEU A . n 
A 1 4   THR 4   6   6  THR THR A . n 
A 1 5   GLU 5   7   7  GLU GLU A . n 
A 1 6   GLU 6   8   8  GLU GLU A . n 
A 1 7   GLU 7   9   9  GLU GLU A . n 
A 1 8   VAL 8   10  10 VAL VAL A . n 
A 1 9   GLN 9   11  11 GLN GLN A . n 
A 1 10  ALA 10  12  12 ALA ALA A . n 
A 1 11  LEU 11  13  13 LEU LEU A . n 
A 1 12  LEU 12  14  14 LEU LEU A . n 
A 1 13  GLU 13  15  15 GLU GLU A . n 
A 1 14  LYS 14  16  16 LYS LYS A . n 
A 1 15  ALA 15  17  17 ALA ALA A . n 
A 1 16  ASP 16  18  18 ASP ASP A . n 
A 1 17  GLY 17  19  19 GLY GLY A . n 
A 1 18  TRP 18  20  20 TRP TRP A . n 
A 1 19  LYS 19  21  21 LYS LYS A . n 
A 1 20  LEU 20  22  22 LEU LEU A . n 
A 1 21  ALA 21  23  23 ALA ALA A . n 
A 1 22  ASP 22  24  24 ASP ASP A . n 
A 1 23  GLU 23  25  25 GLU GLU A . n 
A 1 24  ARG 24  26  26 ARG ARG A . n 
A 1 25  TRP 25  27  27 TRP TRP A . n 
A 1 26  ILE 26  28  28 ILE ILE A . n 
A 1 27  VAL 27  29  29 VAL VAL A . n 
A 1 28  LYS 28  30  30 LYS LYS A . n 
A 1 29  LYS 29  31  31 LYS LYS A . n 
A 1 30  TYR 30  32  32 TYR TYR A . n 
A 1 31  ARG 31  33  33 ARG ARG A . n 
A 1 32  PHE 32  34  34 PHE PHE A . n 
A 1 33  GLN 33  35  35 GLN GLN A . n 
A 1 34  ASP 34  36  36 ASP ASP A . n 
A 1 35  TYR 35  37  37 TYR TYR A . n 
A 1 36  LEU 36  38  38 LEU LEU A . n 
A 1 37  GLN 37  39  39 GLN GLN A . n 
A 1 38  GLY 38  40  40 GLY GLY A . n 
A 1 39  ILE 39  41  41 ILE ILE A . n 
A 1 40  GLU 40  42  42 GLU GLU A . n 
A 1 41  PHE 41  43  43 PHE PHE A . n 
A 1 42  VAL 42  44  44 VAL VAL A . n 
A 1 43  ARG 43  45  45 ARG ARG A . n 
A 1 44  ARG 44  46  46 ARG ARG A . n 
A 1 45  ILE 45  47  47 ILE ILE A . n 
A 1 46  ALA 46  48  48 ALA ALA A . n 
A 1 47  ALA 47  49  49 ALA ALA A . n 
A 1 48  ILE 48  50  50 ILE ILE A . n 
A 1 49  SER 49  51  51 SER SER A . n 
A 1 50  GLU 50  52  52 GLU GLU A . n 
A 1 51  ASN 51  53  53 ASN ASN A . n 
A 1 52  ALA 52  54  54 ALA ALA A . n 
A 1 53  ASN 53  55  55 ASN ASN A . n 
A 1 54  HIS 54  56  56 HIS HIS A . n 
A 1 55  HIS 55  57  57 HIS HIS A . n 
A 1 56  PRO 56  58  58 PRO PRO A . n 
A 1 57  PHE 57  59  59 PHE PHE A . n 
A 1 58  ILE 58  60  60 ILE ILE A . n 
A 1 59  SER 59  61  61 SER SER A . n 
A 1 60  ILE 60  62  62 ILE ILE A . n 
A 1 61  ASP 61  63  63 ASP ASP A . n 
A 1 62  TYR 62  64  64 TYR TYR A . n 
A 1 63  LYS 63  65  65 LYS LYS A . n 
A 1 64  LEU 64  66  66 LEU LEU A . n 
A 1 65  ILE 65  67  67 ILE ILE A . n 
A 1 66  THR 66  68  68 THR THR A . n 
A 1 67  VAL 67  69  69 VAL VAL A . n 
A 1 68  LYS 68  70  70 LYS LYS A . n 
A 1 69  LEU 69  71  71 LEU LEU A . n 
A 1 70  SER 70  72  72 SER SER A . n 
A 1 71  SER 71  73  73 SER SER A . n 
A 1 72  TRP 72  74  74 TRP TRP A . n 
A 1 73  ARG 73  75  75 ARG ARG A . n 
A 1 74  ALA 74  76  76 ALA ALA A . n 
A 1 75  LYS 75  77  77 LYS LYS A . n 
A 1 76  GLY 76  78  78 GLY GLY A . n 
A 1 77  LEU 77  79  79 LEU LEU A . n 
A 1 78  THR 78  80  80 THR THR A . n 
A 1 79  LYS 79  81  81 LYS LYS A . n 
A 1 80  LEU 80  82  82 LEU LEU A . n 
A 1 81  ASP 81  83  83 ASP ASP A . n 
A 1 82  PHE 82  84  84 PHE PHE A . n 
A 1 83  ASP 83  85  85 ASP ASP A . n 
A 1 84  LEU 84  86  86 LEU LEU A . n 
A 1 85  ALA 85  87  87 ALA ALA A . n 
A 1 86  LYS 86  88  88 LYS LYS A . n 
A 1 87  GLN 87  89  89 GLN GLN A . n 
A 1 88  TYR 88  90  90 TYR TYR A . n 
A 1 89  ASP 89  91  91 ASP ASP A . n 
A 1 90  GLU 90  92  92 GLU GLU A . n 
A 1 91  VAL 91  93  93 VAL VAL A . n 
A 1 92  TYR 92  94  94 TYR TYR A . n 
A 1 93  ASN 93  95  95 ASN ASN A . n 
A 1 94  GLN 94  96  96 GLN GLN A . n 
A 1 95  MET 95  97  97 MET MET A . n 
A 1 96  LYS 96  98  98 LYS LYS A . n 
A 1 97  GLN 97  99  ?  ?   ?   A . n 
A 1 98  GLY 98  100 ?  ?   ?   A . n 
A 1 99  GLU 99  101 ?  ?   ?   A . n 
A 1 100 GLY 100 102 ?  ?   ?   A . n 
A 1 101 GLU 101 103 ?  ?   ?   A . n 
# 
loop_
_pdbx_nonpoly_scheme.asym_id 
_pdbx_nonpoly_scheme.entity_id 
_pdbx_nonpoly_scheme.mon_id 
_pdbx_nonpoly_scheme.ndb_seq_num 
_pdbx_nonpoly_scheme.pdb_seq_num 
_pdbx_nonpoly_scheme.auth_seq_num 
_pdbx_nonpoly_scheme.pdb_mon_id 
_pdbx_nonpoly_scheme.auth_mon_id 
_pdbx_nonpoly_scheme.pdb_strand_id 
_pdbx_nonpoly_scheme.pdb_ins_code 
B 2 HOH 1   104 1   HOH HOH A . 
B 2 HOH 2   105 2   HOH HOH A . 
B 2 HOH 3   106 3   HOH HOH A . 
B 2 HOH 4   107 4   HOH HOH A . 
B 2 HOH 5   108 5   HOH HOH A . 
B 2 HOH 6   109 6   HOH HOH A . 
B 2 HOH 7   110 7   HOH HOH A . 
B 2 HOH 8   111 8   HOH HOH A . 
B 2 HOH 9   112 9   HOH HOH A . 
B 2 HOH 10  113 10  HOH HOH A . 
B 2 HOH 11  114 11  HOH HOH A . 
B 2 HOH 12  115 12  HOH HOH A . 
B 2 HOH 13  116 13  HOH HOH A . 
B 2 HOH 14  117 14  HOH HOH A . 
B 2 HOH 15  118 15  HOH HOH A . 
B 2 HOH 16  119 16  HOH HOH A . 
B 2 HOH 17  120 17  HOH HOH A . 
B 2 HOH 18  121 18  HOH HOH A . 
B 2 HOH 19  122 19  HOH HOH A . 
B 2 HOH 20  123 20  HOH HOH A . 
B 2 HOH 21  124 21  HOH HOH A . 
B 2 HOH 22  125 22  HOH HOH A . 
B 2 HOH 23  126 23  HOH HOH A . 
B 2 HOH 24  127 24  HOH HOH A . 
B 2 HOH 25  128 25  HOH HOH A . 
B 2 HOH 26  129 26  HOH HOH A . 
B 2 HOH 27  130 27  HOH HOH A . 
B 2 HOH 28  131 28  HOH HOH A . 
B 2 HOH 29  132 29  HOH HOH A . 
B 2 HOH 30  133 30  HOH HOH A . 
B 2 HOH 31  134 32  HOH HOH A . 
B 2 HOH 32  135 33  HOH HOH A . 
B 2 HOH 33  136 34  HOH HOH A . 
B 2 HOH 34  137 35  HOH HOH A . 
B 2 HOH 35  138 36  HOH HOH A . 
B 2 HOH 36  139 37  HOH HOH A . 
B 2 HOH 37  140 38  HOH HOH A . 
B 2 HOH 38  141 39  HOH HOH A . 
B 2 HOH 39  142 40  HOH HOH A . 
B 2 HOH 40  143 41  HOH HOH A . 
B 2 HOH 41  144 43  HOH HOH A . 
B 2 HOH 42  145 45  HOH HOH A . 
B 2 HOH 43  146 46  HOH HOH A . 
B 2 HOH 44  147 47  HOH HOH A . 
B 2 HOH 45  148 48  HOH HOH A . 
B 2 HOH 46  149 49  HOH HOH A . 
B 2 HOH 47  150 50  HOH HOH A . 
B 2 HOH 48  151 52  HOH HOH A . 
B 2 HOH 49  152 53  HOH HOH A . 
B 2 HOH 50  153 54  HOH HOH A . 
B 2 HOH 51  154 55  HOH HOH A . 
B 2 HOH 52  155 56  HOH HOH A . 
B 2 HOH 53  156 57  HOH HOH A . 
B 2 HOH 54  157 58  HOH HOH A . 
B 2 HOH 55  158 59  HOH HOH A . 
B 2 HOH 56  159 60  HOH HOH A . 
B 2 HOH 57  160 63  HOH HOH A . 
B 2 HOH 58  161 66  HOH HOH A . 
B 2 HOH 59  162 67  HOH HOH A . 
B 2 HOH 60  163 68  HOH HOH A . 
B 2 HOH 61  164 69  HOH HOH A . 
B 2 HOH 62  165 70  HOH HOH A . 
B 2 HOH 63  166 73  HOH HOH A . 
B 2 HOH 64  167 75  HOH HOH A . 
B 2 HOH 65  168 76  HOH HOH A . 
B 2 HOH 66  169 77  HOH HOH A . 
B 2 HOH 67  170 79  HOH HOH A . 
B 2 HOH 68  171 80  HOH HOH A . 
B 2 HOH 69  172 81  HOH HOH A . 
B 2 HOH 70  173 82  HOH HOH A . 
B 2 HOH 71  174 83  HOH HOH A . 
B 2 HOH 72  175 84  HOH HOH A . 
B 2 HOH 73  176 85  HOH HOH A . 
B 2 HOH 74  177 86  HOH HOH A . 
B 2 HOH 75  178 87  HOH HOH A . 
B 2 HOH 76  179 88  HOH HOH A . 
B 2 HOH 77  180 89  HOH HOH A . 
B 2 HOH 78  181 90  HOH HOH A . 
B 2 HOH 79  182 91  HOH HOH A . 
B 2 HOH 80  183 92  HOH HOH A . 
B 2 HOH 81  184 93  HOH HOH A . 
B 2 HOH 82  185 94  HOH HOH A . 
B 2 HOH 83  186 95  HOH HOH A . 
B 2 HOH 84  187 96  HOH HOH A . 
B 2 HOH 85  188 97  HOH HOH A . 
B 2 HOH 86  189 98  HOH HOH A . 
B 2 HOH 87  190 99  HOH HOH A . 
B 2 HOH 88  191 100 HOH HOH A . 
B 2 HOH 89  192 102 HOH HOH A . 
B 2 HOH 90  193 104 HOH HOH A . 
B 2 HOH 91  194 105 HOH HOH A . 
B 2 HOH 92  195 106 HOH HOH A . 
B 2 HOH 93  196 107 HOH HOH A . 
B 2 HOH 94  197 110 HOH HOH A . 
B 2 HOH 95  198 112 HOH HOH A . 
B 2 HOH 96  199 113 HOH HOH A . 
B 2 HOH 97  200 114 HOH HOH A . 
B 2 HOH 98  201 115 HOH HOH A . 
B 2 HOH 99  202 116 HOH HOH A . 
B 2 HOH 100 203 117 HOH HOH A . 
B 2 HOH 101 204 118 HOH HOH A . 
B 2 HOH 102 205 119 HOH HOH A . 
B 2 HOH 103 206 120 HOH HOH A . 
B 2 HOH 104 207 121 HOH HOH A . 
B 2 HOH 105 208 123 HOH HOH A . 
B 2 HOH 106 209 125 HOH HOH A . 
B 2 HOH 107 210 201 HOH HOH A . 
# 
loop_
_pdbx_unobs_or_zero_occ_atoms.id 
_pdbx_unobs_or_zero_occ_atoms.PDB_model_num 
_pdbx_unobs_or_zero_occ_atoms.polymer_flag 
_pdbx_unobs_or_zero_occ_atoms.occupancy_flag 
_pdbx_unobs_or_zero_occ_atoms.auth_asym_id 
_pdbx_unobs_or_zero_occ_atoms.auth_comp_id 
_pdbx_unobs_or_zero_occ_atoms.auth_seq_id 
_pdbx_unobs_or_zero_occ_atoms.PDB_ins_code 
_pdbx_unobs_or_zero_occ_atoms.auth_atom_id 
_pdbx_unobs_or_zero_occ_atoms.label_alt_id 
_pdbx_unobs_or_zero_occ_atoms.label_asym_id 
_pdbx_unobs_or_zero_occ_atoms.label_comp_id 
_pdbx_unobs_or_zero_occ_atoms.label_seq_id 
_pdbx_unobs_or_zero_occ_atoms.label_atom_id 
1 1 Y 1 A MET 3 ? CG ? A MET 1 CG 
2 1 Y 1 A MET 3 ? SD ? A MET 1 SD 
3 1 Y 1 A MET 3 ? CE ? A MET 1 CE 
# 
loop_
_software.name 
_software.classification 
_software.version 
_software.citation_id 
_software.pdbx_ordinal 
CNS      refinement        1.1 ? 1 
BSS      'data collection' .   ? 2 
HKL-2000 'data reduction'  .   ? 3 
HKL-2000 'data scaling'    .   ? 4 
SOLVE    phasing           .   ? 5 
# 
_cell.entry_id           2EBB 
_cell.length_a           46.866 
_cell.length_b           67.471 
_cell.length_c           31.275 
_cell.angle_alpha        90.00 
_cell.angle_beta         90.00 
_cell.angle_gamma        90.00 
_cell.Z_PDB              4 
_cell.pdbx_unique_axis   ? 
_cell.length_a_esd       ? 
_cell.length_b_esd       ? 
_cell.length_c_esd       ? 
_cell.angle_alpha_esd    ? 
_cell.angle_beta_esd     ? 
_cell.angle_gamma_esd    ? 
# 
_symmetry.entry_id                         2EBB 
_symmetry.space_group_name_H-M             'P 21 21 2' 
_symmetry.pdbx_full_space_group_name_H-M   ? 
_symmetry.cell_setting                     ? 
_symmetry.Int_Tables_number                18 
_symmetry.space_group_name_Hall            ? 
# 
_exptl.entry_id          2EBB 
_exptl.method            'X-RAY DIFFRACTION' 
_exptl.crystals_number   1 
# 
_exptl_crystal.id                    1 
_exptl_crystal.density_meas          ? 
_exptl_crystal.density_Matthews      2.06 
_exptl_crystal.density_percent_sol   40.37 
_exptl_crystal.description           ? 
_exptl_crystal.F_000                 ? 
_exptl_crystal.preparation           ? 
# 
_exptl_crystal_grow.crystal_id      1 
_exptl_crystal_grow.method          'LIQUID DIFFUSION' 
_exptl_crystal_grow.temp            293 
_exptl_crystal_grow.temp_details    ? 
_exptl_crystal_grow.pH              4.6 
_exptl_crystal_grow.pdbx_details    '30% MPD, 0.1M Actetate, 0.02M CaCl2, pH 4.6, LIQUID DIFFUSION, temperature 293K' 
_exptl_crystal_grow.pdbx_pH_range   . 
# 
_diffrn.id                     1 
_diffrn.ambient_temp           180 
_diffrn.ambient_temp_details   ? 
_diffrn.crystal_id             1 
# 
_diffrn_detector.diffrn_id              1 
_diffrn_detector.detector               CCD 
_diffrn_detector.type                   'RIGAKU JUPITER 210' 
_diffrn_detector.pdbx_collection_date   2006-10-20 
_diffrn_detector.details                ? 
# 
_diffrn_radiation.diffrn_id                        1 
_diffrn_radiation.wavelength_id                    1 
_diffrn_radiation.pdbx_monochromatic_or_laue_m_l   M 
_diffrn_radiation.monochromator                    Si 
_diffrn_radiation.pdbx_diffrn_protocol             'SINGLE WAVELENGTH' 
_diffrn_radiation.pdbx_scattering_type             x-ray 
# 
_diffrn_radiation_wavelength.id           1 
_diffrn_radiation_wavelength.wavelength   0.97915 
_diffrn_radiation_wavelength.wt           1.0 
# 
_diffrn_source.diffrn_id                   1 
_diffrn_source.source                      SYNCHROTRON 
_diffrn_source.type                        'SPRING-8 BEAMLINE BL26B2' 
_diffrn_source.pdbx_synchrotron_site       SPring-8 
_diffrn_source.pdbx_synchrotron_beamline   BL26B2 
_diffrn_source.pdbx_wavelength             ? 
_diffrn_source.pdbx_wavelength_list        0.97915 
# 
_reflns.entry_id                     2EBB 
_reflns.observed_criterion_sigma_I   2 
_reflns.observed_criterion_sigma_F   2 
_reflns.d_resolution_low             50.0 
_reflns.d_resolution_high            1.60 
_reflns.number_obs                   13572 
_reflns.number_all                   13572 
_reflns.percent_possible_obs         98.8 
_reflns.pdbx_Rmerge_I_obs            0.042 
_reflns.pdbx_Rsym_value              ? 
_reflns.pdbx_netI_over_sigmaI        ? 
_reflns.B_iso_Wilson_estimate        20.5 
_reflns.pdbx_redundancy              6.7 
_reflns.R_free_details               ? 
_reflns.limit_h_max                  ? 
_reflns.limit_h_min                  ? 
_reflns.limit_k_max                  ? 
_reflns.limit_k_min                  ? 
_reflns.limit_l_max                  ? 
_reflns.limit_l_min                  ? 
_reflns.observed_criterion_F_max     ? 
_reflns.observed_criterion_F_min     ? 
_reflns.pdbx_chi_squared             ? 
_reflns.pdbx_scaling_rejects         ? 
_reflns.pdbx_diffrn_id               1 
_reflns.pdbx_ordinal                 1 
# 
_reflns_shell.d_res_high             1.60 
_reflns_shell.d_res_low              1.66 
_reflns_shell.percent_possible_all   93.7 
_reflns_shell.Rmerge_I_obs           0.135 
_reflns_shell.pdbx_Rsym_value        ? 
_reflns_shell.meanI_over_sigI_obs    ? 
_reflns_shell.pdbx_redundancy        5.9 
_reflns_shell.percent_possible_obs   ? 
_reflns_shell.number_unique_all      1275 
_reflns_shell.number_measured_all    ? 
_reflns_shell.number_measured_obs    ? 
_reflns_shell.number_unique_obs      ? 
_reflns_shell.pdbx_chi_squared       ? 
_reflns_shell.pdbx_diffrn_id         ? 
_reflns_shell.pdbx_ordinal           1 
# 
_refine.entry_id                                 2EBB 
_refine.ls_number_reflns_obs                     13535 
_refine.ls_number_reflns_all                     13572 
_refine.pdbx_ls_sigma_I                          ? 
_refine.pdbx_ls_sigma_F                          0.0 
_refine.pdbx_data_cutoff_high_absF               623847.67 
_refine.pdbx_data_cutoff_low_absF                0.000000 
_refine.pdbx_data_cutoff_high_rms_absF           ? 
_refine.ls_d_res_low                             19.25 
_refine.ls_d_res_high                            1.60 
_refine.ls_percent_reflns_obs                    99.2 
_refine.ls_R_factor_obs                          0.223 
_refine.ls_R_factor_all                          ? 
_refine.ls_R_factor_R_work                       0.223 
_refine.ls_R_factor_R_free                       0.237 
_refine.ls_R_factor_R_free_error                 0.009 
_refine.ls_R_factor_R_free_error_details         ? 
_refine.ls_percent_reflns_R_free                 5.0 
_refine.ls_number_reflns_R_free                  677 
_refine.ls_number_parameters                     ? 
_refine.ls_number_restraints                     ? 
_refine.occupancy_min                            ? 
_refine.occupancy_max                            ? 
_refine.correlation_coeff_Fo_to_Fc               ? 
_refine.correlation_coeff_Fo_to_Fc_free          ? 
_refine.B_iso_mean                               20.5 
_refine.aniso_B[1][1]                            -2.09 
_refine.aniso_B[2][2]                            1.40 
_refine.aniso_B[3][3]                            0.69 
_refine.aniso_B[1][2]                            0.00 
_refine.aniso_B[1][3]                            0.00 
_refine.aniso_B[2][3]                            0.00 
_refine.solvent_model_details                    'FLAT MODEL' 
_refine.solvent_model_param_ksol                 0.394974 
_refine.solvent_model_param_bsol                 50.3669 
_refine.pdbx_solvent_vdw_probe_radii             ? 
_refine.pdbx_solvent_ion_probe_radii             ? 
_refine.pdbx_solvent_shrinkage_radii             ? 
_refine.pdbx_ls_cross_valid_method               THROUGHOUT 
_refine.details                                  ? 
_refine.pdbx_starting_model                      ? 
_refine.pdbx_method_to_determine_struct          SAD 
_refine.pdbx_isotropic_thermal_model             RESTRAINED 
_refine.pdbx_stereochemistry_target_values       'Engh & Huber' 
_refine.pdbx_stereochem_target_val_spec_case     ? 
_refine.pdbx_R_Free_selection_details            RANDOM 
_refine.pdbx_overall_ESU_R                       ? 
_refine.pdbx_overall_ESU_R_Free                  ? 
_refine.overall_SU_ML                            ? 
_refine.overall_SU_B                             ? 
_refine.ls_redundancy_reflns_obs                 ? 
_refine.B_iso_min                                ? 
_refine.B_iso_max                                ? 
_refine.overall_SU_R_Cruickshank_DPI             ? 
_refine.overall_SU_R_free                        ? 
_refine.ls_wR_factor_R_free                      ? 
_refine.ls_wR_factor_R_work                      ? 
_refine.overall_FOM_free_R_set                   ? 
_refine.overall_FOM_work_R_set                   ? 
_refine.pdbx_overall_phase_error                 ? 
_refine.pdbx_refine_id                           'X-RAY DIFFRACTION' 
_refine.pdbx_diffrn_id                           1 
_refine.pdbx_TLS_residual_ADP_flag               ? 
_refine.pdbx_overall_SU_R_free_Cruickshank_DPI   ? 
_refine.pdbx_overall_SU_R_Blow_DPI               ? 
_refine.pdbx_overall_SU_R_free_Blow_DPI          ? 
# 
_refine_analyze.entry_id                        2EBB 
_refine_analyze.Luzzati_coordinate_error_obs    0.20 
_refine_analyze.Luzzati_sigma_a_obs             0.06 
_refine_analyze.Luzzati_d_res_low_obs           5.00 
_refine_analyze.Luzzati_coordinate_error_free   0.22 
_refine_analyze.Luzzati_sigma_a_free            0.09 
_refine_analyze.Luzzati_d_res_low_free          ? 
_refine_analyze.number_disordered_residues      ? 
_refine_analyze.occupancy_sum_hydrogen          ? 
_refine_analyze.occupancy_sum_non_hydrogen      ? 
_refine_analyze.pdbx_Luzzati_d_res_high_obs     ? 
_refine_analyze.pdbx_refine_id                  'X-RAY DIFFRACTION' 
# 
_refine_hist.pdbx_refine_id                   'X-RAY DIFFRACTION' 
_refine_hist.cycle_id                         LAST 
_refine_hist.pdbx_number_atoms_protein        807 
_refine_hist.pdbx_number_atoms_nucleic_acid   0 
_refine_hist.pdbx_number_atoms_ligand         0 
_refine_hist.number_atoms_solvent             107 
_refine_hist.number_atoms_total               914 
_refine_hist.d_res_high                       1.60 
_refine_hist.d_res_low                        19.25 
# 
loop_
_refine_ls_restr.type 
_refine_ls_restr.dev_ideal 
_refine_ls_restr.dev_ideal_target 
_refine_ls_restr.weight 
_refine_ls_restr.number 
_refine_ls_restr.pdbx_refine_id 
_refine_ls_restr.pdbx_restraint_function 
c_bond_d           0.005 ?    ? ? 'X-RAY DIFFRACTION' ? 
c_angle_deg        1.1   ?    ? ? 'X-RAY DIFFRACTION' ? 
c_dihedral_angle_d 21.3  ?    ? ? 'X-RAY DIFFRACTION' ? 
c_improper_angle_d 0.70  ?    ? ? 'X-RAY DIFFRACTION' ? 
c_mcbond_it        1.18  1.50 ? ? 'X-RAY DIFFRACTION' ? 
c_mcangle_it       1.80  2.00 ? ? 'X-RAY DIFFRACTION' ? 
c_scbond_it        2.18  2.00 ? ? 'X-RAY DIFFRACTION' ? 
c_scangle_it       3.29  2.50 ? ? 'X-RAY DIFFRACTION' ? 
# 
_refine_ls_shell.pdbx_total_number_of_bins_used   6 
_refine_ls_shell.d_res_high                       1.60 
_refine_ls_shell.d_res_low                        1.70 
_refine_ls_shell.number_reflns_R_work             2062 
_refine_ls_shell.R_factor_R_work                  0.25 
_refine_ls_shell.percent_reflns_obs               97.8 
_refine_ls_shell.R_factor_R_free                  0.306 
_refine_ls_shell.R_factor_R_free_error            0.029 
_refine_ls_shell.percent_reflns_R_free            5.1 
_refine_ls_shell.number_reflns_R_free             111 
_refine_ls_shell.number_reflns_all                ? 
_refine_ls_shell.R_factor_all                     ? 
_refine_ls_shell.number_reflns_obs                ? 
_refine_ls_shell.redundancy_reflns_obs            ? 
_refine_ls_shell.pdbx_refine_id                   'X-RAY DIFFRACTION' 
# 
loop_
_pdbx_xplor_file.serial_no 
_pdbx_xplor_file.param_file 
_pdbx_xplor_file.topol_file 
_pdbx_xplor_file.pdbx_refine_id 
1 protein_rep.param protein.top     'X-RAY DIFFRACTION' 
2 water_rep.param   water.top       'X-RAY DIFFRACTION' 
3 dna-rna_rep.param dna-rna_rep.top 'X-RAY DIFFRACTION' 
4 ion.param         ion.top         'X-RAY DIFFRACTION' 
# 
_struct.entry_id                  2EBB 
_struct.title                     
;Crystal structure of pterin-4-alpha-carbinolamine dehydratase (pterin carbinolamine dehydratase) from Geobacillus kaustophilus HTA426
;
_struct.pdbx_model_details        ? 
_struct.pdbx_CASP_flag            ? 
_struct.pdbx_model_type_details   ? 
# 
_struct_keywords.entry_id        2EBB 
_struct_keywords.pdbx_keywords   LYASE 
_struct_keywords.text            
;pterin-4-alpha-carbinolamine dehydratase, coenzyme biosyntheses, GK1984, Structural Genomics, NPPSFA, National Project on Protein Structural and Functional Analyses, RIKEN Structural Genomics/Proteomics Initiative, RSGI, LYASE
;
# 
loop_
_struct_asym.id 
_struct_asym.pdbx_blank_PDB_chainid_flag 
_struct_asym.pdbx_modified 
_struct_asym.entity_id 
_struct_asym.details 
A N N 1 ? 
B N N 2 ? 
# 
_struct_ref.id                         1 
_struct_ref.db_name                    UNP 
_struct_ref.db_code                    Q5KYG7_GEOKA 
_struct_ref.pdbx_db_accession          Q5KYG7 
_struct_ref.entity_id                  1 
_struct_ref.pdbx_seq_one_letter_code   
;MRLTEEEVQALLEKADGWKLADERWIVKKYRFQDYLQGIEFVRRIAAISENANHHPFISIDYKLITVKLSSWRAKGLTKL
DFDLAKQYDEVYNQMKQGEGE
;
_struct_ref.pdbx_align_begin           1 
_struct_ref.pdbx_db_isoform            ? 
# 
_struct_ref_seq.align_id                      1 
_struct_ref_seq.ref_id                        1 
_struct_ref_seq.pdbx_PDB_id_code              2EBB 
_struct_ref_seq.pdbx_strand_id                A 
_struct_ref_seq.seq_align_beg                 1 
_struct_ref_seq.pdbx_seq_align_beg_ins_code   ? 
_struct_ref_seq.seq_align_end                 101 
_struct_ref_seq.pdbx_seq_align_end_ins_code   ? 
_struct_ref_seq.pdbx_db_accession             Q5KYG7 
_struct_ref_seq.db_align_beg                  1 
_struct_ref_seq.pdbx_db_align_beg_ins_code    ? 
_struct_ref_seq.db_align_end                  101 
_struct_ref_seq.pdbx_db_align_end_ins_code    ? 
_struct_ref_seq.pdbx_auth_seq_align_beg       3 
_struct_ref_seq.pdbx_auth_seq_align_end       103 
# 
_pdbx_struct_assembly.id                   1 
_pdbx_struct_assembly.details              author_defined_assembly 
_pdbx_struct_assembly.method_details       ? 
_pdbx_struct_assembly.oligomeric_details   dimeric 
_pdbx_struct_assembly.oligomeric_count     2 
# 
_pdbx_struct_assembly_gen.assembly_id       1 
_pdbx_struct_assembly_gen.oper_expression   1,2 
_pdbx_struct_assembly_gen.asym_id_list      A,B 
# 
loop_
_pdbx_struct_oper_list.id 
_pdbx_struct_oper_list.type 
_pdbx_struct_oper_list.name 
_pdbx_struct_oper_list.symmetry_operation 
_pdbx_struct_oper_list.matrix[1][1] 
_pdbx_struct_oper_list.matrix[1][2] 
_pdbx_struct_oper_list.matrix[1][3] 
_pdbx_struct_oper_list.vector[1] 
_pdbx_struct_oper_list.matrix[2][1] 
_pdbx_struct_oper_list.matrix[2][2] 
_pdbx_struct_oper_list.matrix[2][3] 
_pdbx_struct_oper_list.vector[2] 
_pdbx_struct_oper_list.matrix[3][1] 
_pdbx_struct_oper_list.matrix[3][2] 
_pdbx_struct_oper_list.matrix[3][3] 
_pdbx_struct_oper_list.vector[3] 
1 'identity operation'         1_555 x,y,z     1.0000000000  0.0000000000  0.0000000000 0.0000000000   0.0000000000  1.0000000000 0.0000000000  0.0000000000  0.0000000000 0.0000000000  1.0000000000  0.0000000000   
2 'crystal symmetry operation' 2_755 -x+2,-y,z -0.9965062268 -0.0828658694 0.0104205442 -22.6147929334 -0.0828658694 0.9654258638 -0.2471561232 -2.3589423395 0.0104205442 -0.2471561232 -0.9689196370 -11.1764651947 
# 
_struct_biol.id        1 
_struct_biol.details   ? 
# 
loop_
_struct_conf.conf_type_id 
_struct_conf.id 
_struct_conf.pdbx_PDB_helix_id 
_struct_conf.beg_label_comp_id 
_struct_conf.beg_label_asym_id 
_struct_conf.beg_label_seq_id 
_struct_conf.pdbx_beg_PDB_ins_code 
_struct_conf.end_label_comp_id 
_struct_conf.end_label_asym_id 
_struct_conf.end_label_seq_id 
_struct_conf.pdbx_end_PDB_ins_code 
_struct_conf.beg_auth_comp_id 
_struct_conf.beg_auth_asym_id 
_struct_conf.beg_auth_seq_id 
_struct_conf.end_auth_comp_id 
_struct_conf.end_auth_asym_id 
_struct_conf.end_auth_seq_id 
_struct_conf.pdbx_PDB_helix_class 
_struct_conf.details 
_struct_conf.pdbx_PDB_helix_length 
HELX_P HELX_P1 1 THR A 4  ? LYS A 14 ? THR A 6  LYS A 16 1 ? 11 
HELX_P HELX_P2 2 ASP A 34 ? ALA A 52 ? ASP A 36 ALA A 54 1 ? 19 
HELX_P HELX_P3 3 THR A 78 ? LYS A 96 ? THR A 80 LYS A 98 1 ? 19 
# 
_struct_conf_type.id          HELX_P 
_struct_conf_type.criteria    ? 
_struct_conf_type.reference   ? 
# 
_struct_sheet.id               A 
_struct_sheet.type             ? 
_struct_sheet.number_strands   4 
_struct_sheet.details          ? 
# 
loop_
_struct_sheet_order.sheet_id 
_struct_sheet_order.range_id_1 
_struct_sheet_order.range_id_2 
_struct_sheet_order.offset 
_struct_sheet_order.sense 
A 1 2 ? anti-parallel 
A 2 3 ? anti-parallel 
A 3 4 ? anti-parallel 
# 
loop_
_struct_sheet_range.sheet_id 
_struct_sheet_range.id 
_struct_sheet_range.beg_label_comp_id 
_struct_sheet_range.beg_label_asym_id 
_struct_sheet_range.beg_label_seq_id 
_struct_sheet_range.pdbx_beg_PDB_ins_code 
_struct_sheet_range.end_label_comp_id 
_struct_sheet_range.end_label_asym_id 
_struct_sheet_range.end_label_seq_id 
_struct_sheet_range.pdbx_end_PDB_ins_code 
_struct_sheet_range.beg_auth_comp_id 
_struct_sheet_range.beg_auth_asym_id 
_struct_sheet_range.beg_auth_seq_id 
_struct_sheet_range.end_auth_comp_id 
_struct_sheet_range.end_auth_asym_id 
_struct_sheet_range.end_auth_seq_id 
A 1 LYS A 19 ? ALA A 21 ? LYS A 21 ALA A 23 
A 2 TRP A 25 ? ARG A 31 ? TRP A 27 ARG A 33 
A 3 LEU A 64 ? LEU A 69 ? LEU A 66 LEU A 71 
A 4 PHE A 57 ? ASP A 61 ? PHE A 59 ASP A 63 
# 
loop_
_pdbx_struct_sheet_hbond.sheet_id 
_pdbx_struct_sheet_hbond.range_id_1 
_pdbx_struct_sheet_hbond.range_id_2 
_pdbx_struct_sheet_hbond.range_1_label_atom_id 
_pdbx_struct_sheet_hbond.range_1_label_comp_id 
_pdbx_struct_sheet_hbond.range_1_label_asym_id 
_pdbx_struct_sheet_hbond.range_1_label_seq_id 
_pdbx_struct_sheet_hbond.range_1_PDB_ins_code 
_pdbx_struct_sheet_hbond.range_1_auth_atom_id 
_pdbx_struct_sheet_hbond.range_1_auth_comp_id 
_pdbx_struct_sheet_hbond.range_1_auth_asym_id 
_pdbx_struct_sheet_hbond.range_1_auth_seq_id 
_pdbx_struct_sheet_hbond.range_2_label_atom_id 
_pdbx_struct_sheet_hbond.range_2_label_comp_id 
_pdbx_struct_sheet_hbond.range_2_label_asym_id 
_pdbx_struct_sheet_hbond.range_2_label_seq_id 
_pdbx_struct_sheet_hbond.range_2_PDB_ins_code 
_pdbx_struct_sheet_hbond.range_2_auth_atom_id 
_pdbx_struct_sheet_hbond.range_2_auth_comp_id 
_pdbx_struct_sheet_hbond.range_2_auth_asym_id 
_pdbx_struct_sheet_hbond.range_2_auth_seq_id 
A 1 2 N ALA A 21 ? N ALA A 23 O TRP A 25 ? O TRP A 27 
A 2 3 N TYR A 30 ? N TYR A 32 O ILE A 65 ? O ILE A 67 
A 3 4 O LEU A 64 ? O LEU A 66 N ASP A 61 ? N ASP A 63 
# 
_pdbx_validate_close_contact.id               1 
_pdbx_validate_close_contact.PDB_model_num    1 
_pdbx_validate_close_contact.auth_atom_id_1   O 
_pdbx_validate_close_contact.auth_asym_id_1   A 
_pdbx_validate_close_contact.auth_comp_id_1   HOH 
_pdbx_validate_close_contact.auth_seq_id_1    173 
_pdbx_validate_close_contact.PDB_ins_code_1   ? 
_pdbx_validate_close_contact.label_alt_id_1   ? 
_pdbx_validate_close_contact.auth_atom_id_2   O 
_pdbx_validate_close_contact.auth_asym_id_2   A 
_pdbx_validate_close_contact.auth_comp_id_2   HOH 
_pdbx_validate_close_contact.auth_seq_id_2    210 
_pdbx_validate_close_contact.PDB_ins_code_2   ? 
_pdbx_validate_close_contact.label_alt_id_2   ? 
_pdbx_validate_close_contact.dist             2.16 
# 
_pdbx_validate_symm_contact.id                1 
_pdbx_validate_symm_contact.PDB_model_num     1 
_pdbx_validate_symm_contact.auth_atom_id_1    O 
_pdbx_validate_symm_contact.auth_asym_id_1    A 
_pdbx_validate_symm_contact.auth_comp_id_1    HOH 
_pdbx_validate_symm_contact.auth_seq_id_1     181 
_pdbx_validate_symm_contact.PDB_ins_code_1    ? 
_pdbx_validate_symm_contact.label_alt_id_1    ? 
_pdbx_validate_symm_contact.site_symmetry_1   1_555 
_pdbx_validate_symm_contact.auth_atom_id_2    O 
_pdbx_validate_symm_contact.auth_asym_id_2    A 
_pdbx_validate_symm_contact.auth_comp_id_2    HOH 
_pdbx_validate_symm_contact.auth_seq_id_2     181 
_pdbx_validate_symm_contact.PDB_ins_code_2    ? 
_pdbx_validate_symm_contact.label_alt_id_2    ? 
_pdbx_validate_symm_contact.site_symmetry_2   2_755 
_pdbx_validate_symm_contact.dist              1.76 
# 
loop_
_pdbx_validate_torsion.id 
_pdbx_validate_torsion.PDB_model_num 
_pdbx_validate_torsion.auth_comp_id 
_pdbx_validate_torsion.auth_asym_id 
_pdbx_validate_torsion.auth_seq_id 
_pdbx_validate_torsion.PDB_ins_code 
_pdbx_validate_torsion.label_alt_id 
_pdbx_validate_torsion.phi 
_pdbx_validate_torsion.psi 
1 1 GLU A 25 ? ? 64.50   -31.05  
2 1 ARG A 26 ? ? -140.67 26.61   
3 1 TYR A 64 ? ? 54.64   -117.16 
# 
_pdbx_SG_project.id                    1 
_pdbx_SG_project.project_name          'NPPSFA, National Project on Protein Structural and Functional Analyses' 
_pdbx_SG_project.full_name_of_center   'RIKEN Structural Genomics/Proteomics Initiative' 
_pdbx_SG_project.initial_of_center     RSGI 
# 
loop_
_pdbx_unobs_or_zero_occ_residues.id 
_pdbx_unobs_or_zero_occ_residues.PDB_model_num 
_pdbx_unobs_or_zero_occ_residues.polymer_flag 
_pdbx_unobs_or_zero_occ_residues.occupancy_flag 
_pdbx_unobs_or_zero_occ_residues.auth_asym_id 
_pdbx_unobs_or_zero_occ_residues.auth_comp_id 
_pdbx_unobs_or_zero_occ_residues.auth_seq_id 
_pdbx_unobs_or_zero_occ_residues.PDB_ins_code 
_pdbx_unobs_or_zero_occ_residues.label_asym_id 
_pdbx_unobs_or_zero_occ_residues.label_comp_id 
_pdbx_unobs_or_zero_occ_residues.label_seq_id 
1 1 Y 1 A GLN 99  ? A GLN 97  
2 1 Y 1 A GLY 100 ? A GLY 98  
3 1 Y 1 A GLU 101 ? A GLU 99  
4 1 Y 1 A GLY 102 ? A GLY 100 
5 1 Y 1 A GLU 103 ? A GLU 101 
# 
loop_
_chem_comp_atom.comp_id 
_chem_comp_atom.atom_id 
_chem_comp_atom.type_symbol 
_chem_comp_atom.pdbx_aromatic_flag 
_chem_comp_atom.pdbx_stereo_config 
_chem_comp_atom.pdbx_ordinal 
ALA N    N N N 1   
ALA CA   C N S 2   
ALA C    C N N 3   
ALA O    O N N 4   
ALA CB   C N N 5   
ALA OXT  O N N 6   
ALA H    H N N 7   
ALA H2   H N N 8   
ALA HA   H N N 9   
ALA HB1  H N N 10  
ALA HB2  H N N 11  
ALA HB3  H N N 12  
ALA HXT  H N N 13  
ARG N    N N N 14  
ARG CA   C N S 15  
ARG C    C N N 16  
ARG O    O N N 17  
ARG CB   C N N 18  
ARG CG   C N N 19  
ARG CD   C N N 20  
ARG NE   N N N 21  
ARG CZ   C N N 22  
ARG NH1  N N N 23  
ARG NH2  N N N 24  
ARG OXT  O N N 25  
ARG H    H N N 26  
ARG H2   H N N 27  
ARG HA   H N N 28  
ARG HB2  H N N 29  
ARG HB3  H N N 30  
ARG HG2  H N N 31  
ARG HG3  H N N 32  
ARG HD2  H N N 33  
ARG HD3  H N N 34  
ARG HE   H N N 35  
ARG HH11 H N N 36  
ARG HH12 H N N 37  
ARG HH21 H N N 38  
ARG HH22 H N N 39  
ARG HXT  H N N 40  
ASN N    N N N 41  
ASN CA   C N S 42  
ASN C    C N N 43  
ASN O    O N N 44  
ASN CB   C N N 45  
ASN CG   C N N 46  
ASN OD1  O N N 47  
ASN ND2  N N N 48  
ASN OXT  O N N 49  
ASN H    H N N 50  
ASN H2   H N N 51  
ASN HA   H N N 52  
ASN HB2  H N N 53  
ASN HB3  H N N 54  
ASN HD21 H N N 55  
ASN HD22 H N N 56  
ASN HXT  H N N 57  
ASP N    N N N 58  
ASP CA   C N S 59  
ASP C    C N N 60  
ASP O    O N N 61  
ASP CB   C N N 62  
ASP CG   C N N 63  
ASP OD1  O N N 64  
ASP OD2  O N N 65  
ASP OXT  O N N 66  
ASP H    H N N 67  
ASP H2   H N N 68  
ASP HA   H N N 69  
ASP HB2  H N N 70  
ASP HB3  H N N 71  
ASP HD2  H N N 72  
ASP HXT  H N N 73  
GLN N    N N N 74  
GLN CA   C N S 75  
GLN C    C N N 76  
GLN O    O N N 77  
GLN CB   C N N 78  
GLN CG   C N N 79  
GLN CD   C N N 80  
GLN OE1  O N N 81  
GLN NE2  N N N 82  
GLN OXT  O N N 83  
GLN H    H N N 84  
GLN H2   H N N 85  
GLN HA   H N N 86  
GLN HB2  H N N 87  
GLN HB3  H N N 88  
GLN HG2  H N N 89  
GLN HG3  H N N 90  
GLN HE21 H N N 91  
GLN HE22 H N N 92  
GLN HXT  H N N 93  
GLU N    N N N 94  
GLU CA   C N S 95  
GLU C    C N N 96  
GLU O    O N N 97  
GLU CB   C N N 98  
GLU CG   C N N 99  
GLU CD   C N N 100 
GLU OE1  O N N 101 
GLU OE2  O N N 102 
GLU OXT  O N N 103 
GLU H    H N N 104 
GLU H2   H N N 105 
GLU HA   H N N 106 
GLU HB2  H N N 107 
GLU HB3  H N N 108 
GLU HG2  H N N 109 
GLU HG3  H N N 110 
GLU HE2  H N N 111 
GLU HXT  H N N 112 
GLY N    N N N 113 
GLY CA   C N N 114 
GLY C    C N N 115 
GLY O    O N N 116 
GLY OXT  O N N 117 
GLY H    H N N 118 
GLY H2   H N N 119 
GLY HA2  H N N 120 
GLY HA3  H N N 121 
GLY HXT  H N N 122 
HIS N    N N N 123 
HIS CA   C N S 124 
HIS C    C N N 125 
HIS O    O N N 126 
HIS CB   C N N 127 
HIS CG   C Y N 128 
HIS ND1  N Y N 129 
HIS CD2  C Y N 130 
HIS CE1  C Y N 131 
HIS NE2  N Y N 132 
HIS OXT  O N N 133 
HIS H    H N N 134 
HIS H2   H N N 135 
HIS HA   H N N 136 
HIS HB2  H N N 137 
HIS HB3  H N N 138 
HIS HD1  H N N 139 
HIS HD2  H N N 140 
HIS HE1  H N N 141 
HIS HE2  H N N 142 
HIS HXT  H N N 143 
HOH O    O N N 144 
HOH H1   H N N 145 
HOH H2   H N N 146 
ILE N    N N N 147 
ILE CA   C N S 148 
ILE C    C N N 149 
ILE O    O N N 150 
ILE CB   C N S 151 
ILE CG1  C N N 152 
ILE CG2  C N N 153 
ILE CD1  C N N 154 
ILE OXT  O N N 155 
ILE H    H N N 156 
ILE H2   H N N 157 
ILE HA   H N N 158 
ILE HB   H N N 159 
ILE HG12 H N N 160 
ILE HG13 H N N 161 
ILE HG21 H N N 162 
ILE HG22 H N N 163 
ILE HG23 H N N 164 
ILE HD11 H N N 165 
ILE HD12 H N N 166 
ILE HD13 H N N 167 
ILE HXT  H N N 168 
LEU N    N N N 169 
LEU CA   C N S 170 
LEU C    C N N 171 
LEU O    O N N 172 
LEU CB   C N N 173 
LEU CG   C N N 174 
LEU CD1  C N N 175 
LEU CD2  C N N 176 
LEU OXT  O N N 177 
LEU H    H N N 178 
LEU H2   H N N 179 
LEU HA   H N N 180 
LEU HB2  H N N 181 
LEU HB3  H N N 182 
LEU HG   H N N 183 
LEU HD11 H N N 184 
LEU HD12 H N N 185 
LEU HD13 H N N 186 
LEU HD21 H N N 187 
LEU HD22 H N N 188 
LEU HD23 H N N 189 
LEU HXT  H N N 190 
LYS N    N N N 191 
LYS CA   C N S 192 
LYS C    C N N 193 
LYS O    O N N 194 
LYS CB   C N N 195 
LYS CG   C N N 196 
LYS CD   C N N 197 
LYS CE   C N N 198 
LYS NZ   N N N 199 
LYS OXT  O N N 200 
LYS H    H N N 201 
LYS H2   H N N 202 
LYS HA   H N N 203 
LYS HB2  H N N 204 
LYS HB3  H N N 205 
LYS HG2  H N N 206 
LYS HG3  H N N 207 
LYS HD2  H N N 208 
LYS HD3  H N N 209 
LYS HE2  H N N 210 
LYS HE3  H N N 211 
LYS HZ1  H N N 212 
LYS HZ2  H N N 213 
LYS HZ3  H N N 214 
LYS HXT  H N N 215 
MET N    N N N 216 
MET CA   C N S 217 
MET C    C N N 218 
MET O    O N N 219 
MET CB   C N N 220 
MET CG   C N N 221 
MET SD   S N N 222 
MET CE   C N N 223 
MET OXT  O N N 224 
MET H    H N N 225 
MET H2   H N N 226 
MET HA   H N N 227 
MET HB2  H N N 228 
MET HB3  H N N 229 
MET HG2  H N N 230 
MET HG3  H N N 231 
MET HE1  H N N 232 
MET HE2  H N N 233 
MET HE3  H N N 234 
MET HXT  H N N 235 
PHE N    N N N 236 
PHE CA   C N S 237 
PHE C    C N N 238 
PHE O    O N N 239 
PHE CB   C N N 240 
PHE CG   C Y N 241 
PHE CD1  C Y N 242 
PHE CD2  C Y N 243 
PHE CE1  C Y N 244 
PHE CE2  C Y N 245 
PHE CZ   C Y N 246 
PHE OXT  O N N 247 
PHE H    H N N 248 
PHE H2   H N N 249 
PHE HA   H N N 250 
PHE HB2  H N N 251 
PHE HB3  H N N 252 
PHE HD1  H N N 253 
PHE HD2  H N N 254 
PHE HE1  H N N 255 
PHE HE2  H N N 256 
PHE HZ   H N N 257 
PHE HXT  H N N 258 
PRO N    N N N 259 
PRO CA   C N S 260 
PRO C    C N N 261 
PRO O    O N N 262 
PRO CB   C N N 263 
PRO CG   C N N 264 
PRO CD   C N N 265 
PRO OXT  O N N 266 
PRO H    H N N 267 
PRO HA   H N N 268 
PRO HB2  H N N 269 
PRO HB3  H N N 270 
PRO HG2  H N N 271 
PRO HG3  H N N 272 
PRO HD2  H N N 273 
PRO HD3  H N N 274 
PRO HXT  H N N 275 
SER N    N N N 276 
SER CA   C N S 277 
SER C    C N N 278 
SER O    O N N 279 
SER CB   C N N 280 
SER OG   O N N 281 
SER OXT  O N N 282 
SER H    H N N 283 
SER H2   H N N 284 
SER HA   H N N 285 
SER HB2  H N N 286 
SER HB3  H N N 287 
SER HG   H N N 288 
SER HXT  H N N 289 
THR N    N N N 290 
THR CA   C N S 291 
THR C    C N N 292 
THR O    O N N 293 
THR CB   C N R 294 
THR OG1  O N N 295 
THR CG2  C N N 296 
THR OXT  O N N 297 
THR H    H N N 298 
THR H2   H N N 299 
THR HA   H N N 300 
THR HB   H N N 301 
THR HG1  H N N 302 
THR HG21 H N N 303 
THR HG22 H N N 304 
THR HG23 H N N 305 
THR HXT  H N N 306 
TRP N    N N N 307 
TRP CA   C N S 308 
TRP C    C N N 309 
TRP O    O N N 310 
TRP CB   C N N 311 
TRP CG   C Y N 312 
TRP CD1  C Y N 313 
TRP CD2  C Y N 314 
TRP NE1  N Y N 315 
TRP CE2  C Y N 316 
TRP CE3  C Y N 317 
TRP CZ2  C Y N 318 
TRP CZ3  C Y N 319 
TRP CH2  C Y N 320 
TRP OXT  O N N 321 
TRP H    H N N 322 
TRP H2   H N N 323 
TRP HA   H N N 324 
TRP HB2  H N N 325 
TRP HB3  H N N 326 
TRP HD1  H N N 327 
TRP HE1  H N N 328 
TRP HE3  H N N 329 
TRP HZ2  H N N 330 
TRP HZ3  H N N 331 
TRP HH2  H N N 332 
TRP HXT  H N N 333 
TYR N    N N N 334 
TYR CA   C N S 335 
TYR C    C N N 336 
TYR O    O N N 337 
TYR CB   C N N 338 
TYR CG   C Y N 339 
TYR CD1  C Y N 340 
TYR CD2  C Y N 341 
TYR CE1  C Y N 342 
TYR CE2  C Y N 343 
TYR CZ   C Y N 344 
TYR OH   O N N 345 
TYR OXT  O N N 346 
TYR H    H N N 347 
TYR H2   H N N 348 
TYR HA   H N N 349 
TYR HB2  H N N 350 
TYR HB3  H N N 351 
TYR HD1  H N N 352 
TYR HD2  H N N 353 
TYR HE1  H N N 354 
TYR HE2  H N N 355 
TYR HH   H N N 356 
TYR HXT  H N N 357 
VAL N    N N N 358 
VAL CA   C N S 359 
VAL C    C N N 360 
VAL O    O N N 361 
VAL CB   C N N 362 
VAL CG1  C N N 363 
VAL CG2  C N N 364 
VAL OXT  O N N 365 
VAL H    H N N 366 
VAL H2   H N N 367 
VAL HA   H N N 368 
VAL HB   H N N 369 
VAL HG11 H N N 370 
VAL HG12 H N N 371 
VAL HG13 H N N 372 
VAL HG21 H N N 373 
VAL HG22 H N N 374 
VAL HG23 H N N 375 
VAL HXT  H N N 376 
# 
loop_
_chem_comp_bond.comp_id 
_chem_comp_bond.atom_id_1 
_chem_comp_bond.atom_id_2 
_chem_comp_bond.value_order 
_chem_comp_bond.pdbx_aromatic_flag 
_chem_comp_bond.pdbx_stereo_config 
_chem_comp_bond.pdbx_ordinal 
ALA N   CA   sing N N 1   
ALA N   H    sing N N 2   
ALA N   H2   sing N N 3   
ALA CA  C    sing N N 4   
ALA CA  CB   sing N N 5   
ALA CA  HA   sing N N 6   
ALA C   O    doub N N 7   
ALA C   OXT  sing N N 8   
ALA CB  HB1  sing N N 9   
ALA CB  HB2  sing N N 10  
ALA CB  HB3  sing N N 11  
ALA OXT HXT  sing N N 12  
ARG N   CA   sing N N 13  
ARG N   H    sing N N 14  
ARG N   H2   sing N N 15  
ARG CA  C    sing N N 16  
ARG CA  CB   sing N N 17  
ARG CA  HA   sing N N 18  
ARG C   O    doub N N 19  
ARG C   OXT  sing N N 20  
ARG CB  CG   sing N N 21  
ARG CB  HB2  sing N N 22  
ARG CB  HB3  sing N N 23  
ARG CG  CD   sing N N 24  
ARG CG  HG2  sing N N 25  
ARG CG  HG3  sing N N 26  
ARG CD  NE   sing N N 27  
ARG CD  HD2  sing N N 28  
ARG CD  HD3  sing N N 29  
ARG NE  CZ   sing N N 30  
ARG NE  HE   sing N N 31  
ARG CZ  NH1  sing N N 32  
ARG CZ  NH2  doub N N 33  
ARG NH1 HH11 sing N N 34  
ARG NH1 HH12 sing N N 35  
ARG NH2 HH21 sing N N 36  
ARG NH2 HH22 sing N N 37  
ARG OXT HXT  sing N N 38  
ASN N   CA   sing N N 39  
ASN N   H    sing N N 40  
ASN N   H2   sing N N 41  
ASN CA  C    sing N N 42  
ASN CA  CB   sing N N 43  
ASN CA  HA   sing N N 44  
ASN C   O    doub N N 45  
ASN C   OXT  sing N N 46  
ASN CB  CG   sing N N 47  
ASN CB  HB2  sing N N 48  
ASN CB  HB3  sing N N 49  
ASN CG  OD1  doub N N 50  
ASN CG  ND2  sing N N 51  
ASN ND2 HD21 sing N N 52  
ASN ND2 HD22 sing N N 53  
ASN OXT HXT  sing N N 54  
ASP N   CA   sing N N 55  
ASP N   H    sing N N 56  
ASP N   H2   sing N N 57  
ASP CA  C    sing N N 58  
ASP CA  CB   sing N N 59  
ASP CA  HA   sing N N 60  
ASP C   O    doub N N 61  
ASP C   OXT  sing N N 62  
ASP CB  CG   sing N N 63  
ASP CB  HB2  sing N N 64  
ASP CB  HB3  sing N N 65  
ASP CG  OD1  doub N N 66  
ASP CG  OD2  sing N N 67  
ASP OD2 HD2  sing N N 68  
ASP OXT HXT  sing N N 69  
GLN N   CA   sing N N 70  
GLN N   H    sing N N 71  
GLN N   H2   sing N N 72  
GLN CA  C    sing N N 73  
GLN CA  CB   sing N N 74  
GLN CA  HA   sing N N 75  
GLN C   O    doub N N 76  
GLN C   OXT  sing N N 77  
GLN CB  CG   sing N N 78  
GLN CB  HB2  sing N N 79  
GLN CB  HB3  sing N N 80  
GLN CG  CD   sing N N 81  
GLN CG  HG2  sing N N 82  
GLN CG  HG3  sing N N 83  
GLN CD  OE1  doub N N 84  
GLN CD  NE2  sing N N 85  
GLN NE2 HE21 sing N N 86  
GLN NE2 HE22 sing N N 87  
GLN OXT HXT  sing N N 88  
GLU N   CA   sing N N 89  
GLU N   H    sing N N 90  
GLU N   H2   sing N N 91  
GLU CA  C    sing N N 92  
GLU CA  CB   sing N N 93  
GLU CA  HA   sing N N 94  
GLU C   O    doub N N 95  
GLU C   OXT  sing N N 96  
GLU CB  CG   sing N N 97  
GLU CB  HB2  sing N N 98  
GLU CB  HB3  sing N N 99  
GLU CG  CD   sing N N 100 
GLU CG  HG2  sing N N 101 
GLU CG  HG3  sing N N 102 
GLU CD  OE1  doub N N 103 
GLU CD  OE2  sing N N 104 
GLU OE2 HE2  sing N N 105 
GLU OXT HXT  sing N N 106 
GLY N   CA   sing N N 107 
GLY N   H    sing N N 108 
GLY N   H2   sing N N 109 
GLY CA  C    sing N N 110 
GLY CA  HA2  sing N N 111 
GLY CA  HA3  sing N N 112 
GLY C   O    doub N N 113 
GLY C   OXT  sing N N 114 
GLY OXT HXT  sing N N 115 
HIS N   CA   sing N N 116 
HIS N   H    sing N N 117 
HIS N   H2   sing N N 118 
HIS CA  C    sing N N 119 
HIS CA  CB   sing N N 120 
HIS CA  HA   sing N N 121 
HIS C   O    doub N N 122 
HIS C   OXT  sing N N 123 
HIS CB  CG   sing N N 124 
HIS CB  HB2  sing N N 125 
HIS CB  HB3  sing N N 126 
HIS CG  ND1  sing Y N 127 
HIS CG  CD2  doub Y N 128 
HIS ND1 CE1  doub Y N 129 
HIS ND1 HD1  sing N N 130 
HIS CD2 NE2  sing Y N 131 
HIS CD2 HD2  sing N N 132 
HIS CE1 NE2  sing Y N 133 
HIS CE1 HE1  sing N N 134 
HIS NE2 HE2  sing N N 135 
HIS OXT HXT  sing N N 136 
HOH O   H1   sing N N 137 
HOH O   H2   sing N N 138 
ILE N   CA   sing N N 139 
ILE N   H    sing N N 140 
ILE N   H2   sing N N 141 
ILE CA  C    sing N N 142 
ILE CA  CB   sing N N 143 
ILE CA  HA   sing N N 144 
ILE C   O    doub N N 145 
ILE C   OXT  sing N N 146 
ILE CB  CG1  sing N N 147 
ILE CB  CG2  sing N N 148 
ILE CB  HB   sing N N 149 
ILE CG1 CD1  sing N N 150 
ILE CG1 HG12 sing N N 151 
ILE CG1 HG13 sing N N 152 
ILE CG2 HG21 sing N N 153 
ILE CG2 HG22 sing N N 154 
ILE CG2 HG23 sing N N 155 
ILE CD1 HD11 sing N N 156 
ILE CD1 HD12 sing N N 157 
ILE CD1 HD13 sing N N 158 
ILE OXT HXT  sing N N 159 
LEU N   CA   sing N N 160 
LEU N   H    sing N N 161 
LEU N   H2   sing N N 162 
LEU CA  C    sing N N 163 
LEU CA  CB   sing N N 164 
LEU CA  HA   sing N N 165 
LEU C   O    doub N N 166 
LEU C   OXT  sing N N 167 
LEU CB  CG   sing N N 168 
LEU CB  HB2  sing N N 169 
LEU CB  HB3  sing N N 170 
LEU CG  CD1  sing N N 171 
LEU CG  CD2  sing N N 172 
LEU CG  HG   sing N N 173 
LEU CD1 HD11 sing N N 174 
LEU CD1 HD12 sing N N 175 
LEU CD1 HD13 sing N N 176 
LEU CD2 HD21 sing N N 177 
LEU CD2 HD22 sing N N 178 
LEU CD2 HD23 sing N N 179 
LEU OXT HXT  sing N N 180 
LYS N   CA   sing N N 181 
LYS N   H    sing N N 182 
LYS N   H2   sing N N 183 
LYS CA  C    sing N N 184 
LYS CA  CB   sing N N 185 
LYS CA  HA   sing N N 186 
LYS C   O    doub N N 187 
LYS C   OXT  sing N N 188 
LYS CB  CG   sing N N 189 
LYS CB  HB2  sing N N 190 
LYS CB  HB3  sing N N 191 
LYS CG  CD   sing N N 192 
LYS CG  HG2  sing N N 193 
LYS CG  HG3  sing N N 194 
LYS CD  CE   sing N N 195 
LYS CD  HD2  sing N N 196 
LYS CD  HD3  sing N N 197 
LYS CE  NZ   sing N N 198 
LYS CE  HE2  sing N N 199 
LYS CE  HE3  sing N N 200 
LYS NZ  HZ1  sing N N 201 
LYS NZ  HZ2  sing N N 202 
LYS NZ  HZ3  sing N N 203 
LYS OXT HXT  sing N N 204 
MET N   CA   sing N N 205 
MET N   H    sing N N 206 
MET N   H2   sing N N 207 
MET CA  C    sing N N 208 
MET CA  CB   sing N N 209 
MET CA  HA   sing N N 210 
MET C   O    doub N N 211 
MET C   OXT  sing N N 212 
MET CB  CG   sing N N 213 
MET CB  HB2  sing N N 214 
MET CB  HB3  sing N N 215 
MET CG  SD   sing N N 216 
MET CG  HG2  sing N N 217 
MET CG  HG3  sing N N 218 
MET SD  CE   sing N N 219 
MET CE  HE1  sing N N 220 
MET CE  HE2  sing N N 221 
MET CE  HE3  sing N N 222 
MET OXT HXT  sing N N 223 
PHE N   CA   sing N N 224 
PHE N   H    sing N N 225 
PHE N   H2   sing N N 226 
PHE CA  C    sing N N 227 
PHE CA  CB   sing N N 228 
PHE CA  HA   sing N N 229 
PHE C   O    doub N N 230 
PHE C   OXT  sing N N 231 
PHE CB  CG   sing N N 232 
PHE CB  HB2  sing N N 233 
PHE CB  HB3  sing N N 234 
PHE CG  CD1  doub Y N 235 
PHE CG  CD2  sing Y N 236 
PHE CD1 CE1  sing Y N 237 
PHE CD1 HD1  sing N N 238 
PHE CD2 CE2  doub Y N 239 
PHE CD2 HD2  sing N N 240 
PHE CE1 CZ   doub Y N 241 
PHE CE1 HE1  sing N N 242 
PHE CE2 CZ   sing Y N 243 
PHE CE2 HE2  sing N N 244 
PHE CZ  HZ   sing N N 245 
PHE OXT HXT  sing N N 246 
PRO N   CA   sing N N 247 
PRO N   CD   sing N N 248 
PRO N   H    sing N N 249 
PRO CA  C    sing N N 250 
PRO CA  CB   sing N N 251 
PRO CA  HA   sing N N 252 
PRO C   O    doub N N 253 
PRO C   OXT  sing N N 254 
PRO CB  CG   sing N N 255 
PRO CB  HB2  sing N N 256 
PRO CB  HB3  sing N N 257 
PRO CG  CD   sing N N 258 
PRO CG  HG2  sing N N 259 
PRO CG  HG3  sing N N 260 
PRO CD  HD2  sing N N 261 
PRO CD  HD3  sing N N 262 
PRO OXT HXT  sing N N 263 
SER N   CA   sing N N 264 
SER N   H    sing N N 265 
SER N   H2   sing N N 266 
SER CA  C    sing N N 267 
SER CA  CB   sing N N 268 
SER CA  HA   sing N N 269 
SER C   O    doub N N 270 
SER C   OXT  sing N N 271 
SER CB  OG   sing N N 272 
SER CB  HB2  sing N N 273 
SER CB  HB3  sing N N 274 
SER OG  HG   sing N N 275 
SER OXT HXT  sing N N 276 
THR N   CA   sing N N 277 
THR N   H    sing N N 278 
THR N   H2   sing N N 279 
THR CA  C    sing N N 280 
THR CA  CB   sing N N 281 
THR CA  HA   sing N N 282 
THR C   O    doub N N 283 
THR C   OXT  sing N N 284 
THR CB  OG1  sing N N 285 
THR CB  CG2  sing N N 286 
THR CB  HB   sing N N 287 
THR OG1 HG1  sing N N 288 
THR CG2 HG21 sing N N 289 
THR CG2 HG22 sing N N 290 
THR CG2 HG23 sing N N 291 
THR OXT HXT  sing N N 292 
TRP N   CA   sing N N 293 
TRP N   H    sing N N 294 
TRP N   H2   sing N N 295 
TRP CA  C    sing N N 296 
TRP CA  CB   sing N N 297 
TRP CA  HA   sing N N 298 
TRP C   O    doub N N 299 
TRP C   OXT  sing N N 300 
TRP CB  CG   sing N N 301 
TRP CB  HB2  sing N N 302 
TRP CB  HB3  sing N N 303 
TRP CG  CD1  doub Y N 304 
TRP CG  CD2  sing Y N 305 
TRP CD1 NE1  sing Y N 306 
TRP CD1 HD1  sing N N 307 
TRP CD2 CE2  doub Y N 308 
TRP CD2 CE3  sing Y N 309 
TRP NE1 CE2  sing Y N 310 
TRP NE1 HE1  sing N N 311 
TRP CE2 CZ2  sing Y N 312 
TRP CE3 CZ3  doub Y N 313 
TRP CE3 HE3  sing N N 314 
TRP CZ2 CH2  doub Y N 315 
TRP CZ2 HZ2  sing N N 316 
TRP CZ3 CH2  sing Y N 317 
TRP CZ3 HZ3  sing N N 318 
TRP CH2 HH2  sing N N 319 
TRP OXT HXT  sing N N 320 
TYR N   CA   sing N N 321 
TYR N   H    sing N N 322 
TYR N   H2   sing N N 323 
TYR CA  C    sing N N 324 
TYR CA  CB   sing N N 325 
TYR CA  HA   sing N N 326 
TYR C   O    doub N N 327 
TYR C   OXT  sing N N 328 
TYR CB  CG   sing N N 329 
TYR CB  HB2  sing N N 330 
TYR CB  HB3  sing N N 331 
TYR CG  CD1  doub Y N 332 
TYR CG  CD2  sing Y N 333 
TYR CD1 CE1  sing Y N 334 
TYR CD1 HD1  sing N N 335 
TYR CD2 CE2  doub Y N 336 
TYR CD2 HD2  sing N N 337 
TYR CE1 CZ   doub Y N 338 
TYR CE1 HE1  sing N N 339 
TYR CE2 CZ   sing Y N 340 
TYR CE2 HE2  sing N N 341 
TYR CZ  OH   sing N N 342 
TYR OH  HH   sing N N 343 
TYR OXT HXT  sing N N 344 
VAL N   CA   sing N N 345 
VAL N   H    sing N N 346 
VAL N   H2   sing N N 347 
VAL CA  C    sing N N 348 
VAL CA  CB   sing N N 349 
VAL CA  HA   sing N N 350 
VAL C   O    doub N N 351 
VAL C   OXT  sing N N 352 
VAL CB  CG1  sing N N 353 
VAL CB  CG2  sing N N 354 
VAL CB  HB   sing N N 355 
VAL CG1 HG11 sing N N 356 
VAL CG1 HG12 sing N N 357 
VAL CG1 HG13 sing N N 358 
VAL CG2 HG21 sing N N 359 
VAL CG2 HG22 sing N N 360 
VAL CG2 HG23 sing N N 361 
VAL OXT HXT  sing N N 362 
# 
_atom_sites.entry_id                    2EBB 
_atom_sites.fract_transf_matrix[1][1]   -0.01899894 
_atom_sites.fract_transf_matrix[1][2]   0.00041904 
_atom_sites.fract_transf_matrix[1][3]   0.00970219 
_atom_sites.fract_transf_matrix[2][1]   0.00671706 
_atom_sites.fract_transf_matrix[2][2]   0.00192681 
_atom_sites.fract_transf_matrix[2][3]   0.01307021 
_atom_sites.fract_transf_matrix[3][1]   -0.00133638 
_atom_sites.fract_transf_matrix[3][2]   0.03169643 
_atom_sites.fract_transf_matrix[3][3]   -0.00398589 
_atom_sites.fract_transf_vector[1]      0.839864 
_atom_sites.fract_transf_vector[2]      0.151265 
_atom_sites.fract_transf_vector[3]      -0.275965 
# 
loop_
_atom_type.symbol 
C 
N 
O 
S 
# 
loop_
_atom_site.group_PDB 
_atom_site.id 
_atom_site.type_symbol 
_atom_site.label_atom_id 
_atom_site.label_alt_id 
_atom_site.label_comp_id 
_atom_site.label_asym_id 
_atom_site.label_entity_id 
_atom_site.label_seq_id 
_atom_site.pdbx_PDB_ins_code 
_atom_site.Cartn_x 
_atom_site.Cartn_y 
_atom_site.Cartn_z 
_atom_site.occupancy 
_atom_site.B_iso_or_equiv 
_atom_site.pdbx_formal_charge 
_atom_site.auth_seq_id 
_atom_site.auth_comp_id 
_atom_site.auth_asym_id 
_atom_site.auth_atom_id 
_atom_site.pdbx_PDB_model_num 
ATOM   1   N N   . MET A 1 1  ? 1.951   5.862   16.642  1.00 39.54 ? 3   MET A N   1 
ATOM   2   C CA  . MET A 1 1  ? 2.873   7.033   16.577  1.00 37.14 ? 3   MET A CA  1 
ATOM   3   C C   . MET A 1 1  ? 3.021   7.527   15.141  1.00 35.08 ? 3   MET A C   1 
ATOM   4   O O   . MET A 1 1  ? 3.595   6.840   14.294  1.00 33.93 ? 3   MET A O   1 
ATOM   5   C CB  . MET A 1 1  ? 4.237   6.652   17.139  1.00 39.48 ? 3   MET A CB  1 
ATOM   6   N N   . ARG A 1 2  ? 2.506   8.721   14.871  1.00 31.39 ? 4   ARG A N   1 
ATOM   7   C CA  . ARG A 1 2  ? 2.587   9.293   13.533  1.00 28.81 ? 4   ARG A CA  1 
ATOM   8   C C   . ARG A 1 2  ? 4.018   9.692   13.189  1.00 25.47 ? 4   ARG A C   1 
ATOM   9   O O   . ARG A 1 2  ? 4.713   10.309  13.995  1.00 25.65 ? 4   ARG A O   1 
ATOM   10  C CB  . ARG A 1 2  ? 1.677   10.517  13.420  1.00 29.61 ? 4   ARG A CB  1 
ATOM   11  C CG  . ARG A 1 2  ? 1.712   11.169  12.050  1.00 32.87 ? 4   ARG A CG  1 
ATOM   12  C CD  . ARG A 1 2  ? 0.869   12.429  11.992  1.00 34.32 ? 4   ARG A CD  1 
ATOM   13  N NE  . ARG A 1 2  ? 0.879   13.003  10.649  1.00 36.63 ? 4   ARG A NE  1 
ATOM   14  C CZ  . ARG A 1 2  ? 0.272   14.135  10.311  1.00 37.70 ? 4   ARG A CZ  1 
ATOM   15  N NH1 . ARG A 1 2  ? -0.400  14.830  11.220  1.00 38.49 ? 4   ARG A NH1 1 
ATOM   16  N NH2 . ARG A 1 2  ? 0.337   14.573  9.061   1.00 38.43 ? 4   ARG A NH2 1 
ATOM   17  N N   . LEU A 1 3  ? 4.450   9.337   11.985  1.00 22.02 ? 5   LEU A N   1 
ATOM   18  C CA  . LEU A 1 3  ? 5.794   9.666   11.522  1.00 19.52 ? 5   LEU A CA  1 
ATOM   19  C C   . LEU A 1 3  ? 5.895   11.149  11.184  1.00 19.05 ? 5   LEU A C   1 
ATOM   20  O O   . LEU A 1 3  ? 4.945   11.748  10.686  1.00 19.13 ? 5   LEU A O   1 
ATOM   21  C CB  . LEU A 1 3  ? 6.131   8.837   10.279  1.00 17.84 ? 5   LEU A CB  1 
ATOM   22  C CG  . LEU A 1 3  ? 6.200   7.321   10.475  1.00 18.26 ? 5   LEU A CG  1 
ATOM   23  C CD1 . LEU A 1 3  ? 6.140   6.623   9.121   1.00 16.28 ? 5   LEU A CD1 1 
ATOM   24  C CD2 . LEU A 1 3  ? 7.474   6.954   11.217  1.00 20.45 ? 5   LEU A CD2 1 
ATOM   25  N N   . THR A 1 4  ? 7.052   11.744  11.454  1.00 17.69 ? 6   THR A N   1 
ATOM   26  C CA  . THR A 1 4  ? 7.254   13.153  11.156  1.00 18.73 ? 6   THR A CA  1 
ATOM   27  C C   . THR A 1 4  ? 7.528   13.323  9.663   1.00 17.30 ? 6   THR A C   1 
ATOM   28  O O   . THR A 1 4  ? 7.765   12.346  8.955   1.00 18.06 ? 6   THR A O   1 
ATOM   29  C CB  . THR A 1 4  ? 8.449   13.710  11.937  1.00 19.36 ? 6   THR A CB  1 
ATOM   30  O OG1 . THR A 1 4  ? 9.653   13.109  11.447  1.00 18.73 ? 6   THR A OG1 1 
ATOM   31  C CG2 . THR A 1 4  ? 8.306   13.395  13.420  1.00 21.44 ? 6   THR A CG2 1 
ATOM   32  N N   . GLU A 1 5  ? 7.495   14.565  9.194   1.00 18.13 ? 7   GLU A N   1 
ATOM   33  C CA  . GLU A 1 5  ? 7.745   14.854  7.790   1.00 18.72 ? 7   GLU A CA  1 
ATOM   34  C C   . GLU A 1 5  ? 9.084   14.270  7.349   1.00 17.81 ? 7   GLU A C   1 
ATOM   35  O O   . GLU A 1 5  ? 9.175   13.644  6.296   1.00 17.30 ? 7   GLU A O   1 
ATOM   36  C CB  . GLU A 1 5  ? 7.727   16.364  7.555   1.00 20.79 ? 7   GLU A CB  1 
ATOM   37  C CG  . GLU A 1 5  ? 8.144   16.778  6.157   1.00 25.80 ? 7   GLU A CG  1 
ATOM   38  C CD  . GLU A 1 5  ? 7.831   18.233  5.864   1.00 28.67 ? 7   GLU A CD  1 
ATOM   39  O OE1 . GLU A 1 5  ? 8.085   19.088  6.739   1.00 31.04 ? 7   GLU A OE1 1 
ATOM   40  O OE2 . GLU A 1 5  ? 7.337   18.521  4.754   1.00 30.77 ? 7   GLU A OE2 1 
ATOM   41  N N   . GLU A 1 6  ? 10.117  14.476  8.158   1.00 17.96 ? 8   GLU A N   1 
ATOM   42  C CA  . GLU A 1 6  ? 11.444  13.956  7.843   1.00 18.08 ? 8   GLU A CA  1 
ATOM   43  C C   . GLU A 1 6  ? 11.471  12.423  7.798   1.00 17.76 ? 8   GLU A C   1 
ATOM   44  O O   . GLU A 1 6  ? 12.112  11.830  6.921   1.00 16.92 ? 8   GLU A O   1 
ATOM   45  C CB  . GLU A 1 6  ? 12.472  14.459  8.867   1.00 19.38 ? 8   GLU A CB  1 
ATOM   46  C CG  . GLU A 1 6  ? 12.740  15.966  8.846   1.00 21.74 ? 8   GLU A CG  1 
ATOM   47  C CD  . GLU A 1 6  ? 11.569  16.794  9.343   1.00 21.70 ? 8   GLU A CD  1 
ATOM   48  O OE1 . GLU A 1 6  ? 10.859  16.329  10.255  1.00 19.83 ? 8   GLU A OE1 1 
ATOM   49  O OE2 . GLU A 1 6  ? 11.374  17.922  8.837   1.00 23.10 ? 8   GLU A OE2 1 
ATOM   50  N N   . GLU A 1 7  ? 10.781  11.781  8.738   1.00 17.31 ? 9   GLU A N   1 
ATOM   51  C CA  . GLU A 1 7  ? 10.741  10.320  8.783   1.00 16.87 ? 9   GLU A CA  1 
ATOM   52  C C   . GLU A 1 7  ? 10.003  9.748   7.578   1.00 16.85 ? 9   GLU A C   1 
ATOM   53  O O   . GLU A 1 7  ? 10.391  8.714   7.038   1.00 15.45 ? 9   GLU A O   1 
ATOM   54  C CB  . GLU A 1 7  ? 10.078  9.842   10.078  1.00 17.70 ? 9   GLU A CB  1 
ATOM   55  C CG  . GLU A 1 7  ? 10.855  10.229  11.331  1.00 20.98 ? 9   GLU A CG  1 
ATOM   56  C CD  . GLU A 1 7  ? 10.182  9.775   12.609  1.00 22.84 ? 9   GLU A CD  1 
ATOM   57  O OE1 . GLU A 1 7  ? 8.957   9.969   12.735  1.00 22.37 ? 9   GLU A OE1 1 
ATOM   58  O OE2 . GLU A 1 7  ? 10.881  9.234   13.496  1.00 24.91 ? 9   GLU A OE2 1 
ATOM   59  N N   . VAL A 1 8  ? 8.939   10.427  7.160   1.00 16.91 ? 10  VAL A N   1 
ATOM   60  C CA  . VAL A 1 8  ? 8.162   9.983   6.008   1.00 16.83 ? 10  VAL A CA  1 
ATOM   61  C C   . VAL A 1 8  ? 9.006   10.058  4.737   1.00 16.61 ? 10  VAL A C   1 
ATOM   62  O O   . VAL A 1 8  ? 9.025   9.118   3.936   1.00 16.70 ? 10  VAL A O   1 
ATOM   63  C CB  . VAL A 1 8  ? 6.888   10.846  5.832   1.00 15.25 ? 10  VAL A CB  1 
ATOM   64  C CG1 . VAL A 1 8  ? 6.272   10.620  4.452   1.00 16.64 ? 10  VAL A CG1 1 
ATOM   65  C CG2 . VAL A 1 8  ? 5.877   10.493  6.914   1.00 17.52 ? 10  VAL A CG2 1 
ATOM   66  N N   . GLN A 1 9  ? 9.710   11.173  4.560   1.00 15.98 ? 11  GLN A N   1 
ATOM   67  C CA  . GLN A 1 9  ? 10.550  11.361  3.388   1.00 16.45 ? 11  GLN A CA  1 
ATOM   68  C C   . GLN A 1 9  ? 11.644  10.300  3.330   1.00 16.80 ? 11  GLN A C   1 
ATOM   69  O O   . GLN A 1 9  ? 11.955  9.782   2.259   1.00 17.34 ? 11  GLN A O   1 
ATOM   70  C CB  . GLN A 1 9  ? 11.163  12.768  3.388   1.00 18.35 ? 11  GLN A CB  1 
ATOM   71  C CG  . GLN A 1 9  ? 10.122  13.872  3.221   1.00 21.91 ? 11  GLN A CG  1 
ATOM   72  C CD  . GLN A 1 9  ? 10.716  15.261  3.079   1.00 23.47 ? 11  GLN A CD  1 
ATOM   73  O OE1 . GLN A 1 9  ? 9.987   16.241  2.905   1.00 25.44 ? 11  GLN A OE1 1 
ATOM   74  N NE2 . GLN A 1 9  ? 12.037  15.357  3.150   1.00 25.97 ? 11  GLN A NE2 1 
ATOM   75  N N   . ALA A 1 10 ? 12.210  9.965   4.483   1.00 16.49 ? 12  ALA A N   1 
ATOM   76  C CA  . ALA A 1 10 ? 13.266  8.955   4.547   1.00 16.51 ? 12  ALA A CA  1 
ATOM   77  C C   . ALA A 1 10 ? 12.751  7.568   4.157   1.00 17.01 ? 12  ALA A C   1 
ATOM   78  O O   . ALA A 1 10 ? 13.407  6.840   3.409   1.00 16.86 ? 12  ALA A O   1 
ATOM   79  C CB  . ALA A 1 10 ? 13.865  8.918   5.951   1.00 17.12 ? 12  ALA A CB  1 
ATOM   80  N N   . LEU A 1 11 ? 11.574  7.207   4.660   1.00 15.95 ? 13  LEU A N   1 
ATOM   81  C CA  . LEU A 1 11 ? 10.978  5.908   4.359   1.00 16.32 ? 13  LEU A CA  1 
ATOM   82  C C   . LEU A 1 11 ? 10.508  5.842   2.913   1.00 16.00 ? 13  LEU A C   1 
ATOM   83  O O   . LEU A 1 11 ? 10.633  4.805   2.257   1.00 16.12 ? 13  LEU A O   1 
ATOM   84  C CB  . LEU A 1 11 ? 9.806   5.625   5.314   1.00 16.77 ? 13  LEU A CB  1 
ATOM   85  C CG  . LEU A 1 11 ? 10.226  5.141   6.709   1.00 18.74 ? 13  LEU A CG  1 
ATOM   86  C CD1 . LEU A 1 11 ? 9.040   5.155   7.654   1.00 19.15 ? 13  LEU A CD1 1 
ATOM   87  C CD2 . LEU A 1 11 ? 10.806  3.740   6.601   1.00 19.81 ? 13  LEU A CD2 1 
ATOM   88  N N   . LEU A 1 12 ? 9.968   6.944   2.407   1.00 15.63 ? 14  LEU A N   1 
ATOM   89  C CA  . LEU A 1 12 ? 9.512   6.946   1.030   1.00 15.49 ? 14  LEU A CA  1 
ATOM   90  C C   . LEU A 1 12 ? 10.648  6.787   0.033   1.00 14.20 ? 14  LEU A C   1 
ATOM   91  O O   . LEU A 1 12 ? 10.466  6.169   -1.013  1.00 15.01 ? 14  LEU A O   1 
ATOM   92  C CB  . LEU A 1 12 ? 8.722   8.220   0.721   1.00 16.81 ? 14  LEU A CB  1 
ATOM   93  C CG  . LEU A 1 12 ? 7.210   8.078   0.929   1.00 16.23 ? 14  LEU A CG  1 
ATOM   94  C CD1 . LEU A 1 12 ? 6.539   9.428   0.747   1.00 18.94 ? 14  LEU A CD1 1 
ATOM   95  C CD2 . LEU A 1 12 ? 6.645   7.062   -0.060  1.00 17.43 ? 14  LEU A CD2 1 
ATOM   96  N N   . GLU A 1 13 ? 11.827  7.316   0.343   1.00 14.50 ? 15  GLU A N   1 
ATOM   97  C CA  . GLU A 1 13 ? 12.919  7.186   -0.609  1.00 15.69 ? 15  GLU A CA  1 
ATOM   98  C C   . GLU A 1 13 ? 13.330  5.735   -0.816  1.00 16.19 ? 15  GLU A C   1 
ATOM   99  O O   . GLU A 1 13 ? 13.903  5.394   -1.851  1.00 17.29 ? 15  GLU A O   1 
ATOM   100 C CB  . GLU A 1 13 ? 14.139  8.009   -0.190  1.00 16.91 ? 15  GLU A CB  1 
ATOM   101 C CG  . GLU A 1 13 ? 15.038  8.278   -1.386  1.00 20.81 ? 15  GLU A CG  1 
ATOM   102 C CD  . GLU A 1 13 ? 16.286  9.061   -1.058  1.00 19.70 ? 15  GLU A CD  1 
ATOM   103 O OE1 . GLU A 1 13 ? 16.206  10.018  -0.262  1.00 19.31 ? 15  GLU A OE1 1 
ATOM   104 O OE2 . GLU A 1 13 ? 17.347  8.725   -1.625  1.00 21.70 ? 15  GLU A OE2 1 
ATOM   105 N N   . LYS A 1 14 ? 13.022  4.883   0.158   1.00 16.67 ? 16  LYS A N   1 
ATOM   106 C CA  . LYS A 1 14 ? 13.363  3.465   0.073   1.00 17.80 ? 16  LYS A CA  1 
ATOM   107 C C   . LYS A 1 14 ? 12.177  2.599   -0.338  1.00 18.56 ? 16  LYS A C   1 
ATOM   108 O O   . LYS A 1 14 ? 12.269  1.370   -0.335  1.00 20.38 ? 16  LYS A O   1 
ATOM   109 C CB  . LYS A 1 14 ? 13.899  2.959   1.415   1.00 20.36 ? 16  LYS A CB  1 
ATOM   110 C CG  . LYS A 1 14 ? 15.185  3.621   1.877   1.00 24.10 ? 16  LYS A CG  1 
ATOM   111 C CD  . LYS A 1 14 ? 15.748  2.887   3.089   1.00 27.80 ? 16  LYS A CD  1 
ATOM   112 C CE  . LYS A 1 14 ? 16.975  3.578   3.651   1.00 30.93 ? 16  LYS A CE  1 
ATOM   113 N NZ  . LYS A 1 14 ? 16.627  4.896   4.245   1.00 33.90 ? 16  LYS A NZ  1 
ATOM   114 N N   . ALA A 1 15 ? 11.065  3.237   -0.686  1.00 17.04 ? 17  ALA A N   1 
ATOM   115 C CA  . ALA A 1 15 ? 9.865   2.512   -1.091  1.00 16.98 ? 17  ALA A CA  1 
ATOM   116 C C   . ALA A 1 15 ? 9.540   2.788   -2.556  1.00 15.95 ? 17  ALA A C   1 
ATOM   117 O O   . ALA A 1 15 ? 8.698   3.627   -2.868  1.00 16.18 ? 17  ALA A O   1 
ATOM   118 C CB  . ALA A 1 15 ? 8.691   2.916   -0.211  1.00 17.13 ? 17  ALA A CB  1 
ATOM   119 N N   . ASP A 1 16 ? 10.211  2.081   -3.458  1.00 18.27 ? 18  ASP A N   1 
ATOM   120 C CA  . ASP A 1 16 ? 9.974   2.278   -4.881  1.00 17.21 ? 18  ASP A CA  1 
ATOM   121 C C   . ASP A 1 16 ? 8.518   2.031   -5.256  1.00 17.10 ? 18  ASP A C   1 
ATOM   122 O O   . ASP A 1 16 ? 7.902   1.064   -4.800  1.00 16.20 ? 18  ASP A O   1 
ATOM   123 C CB  . ASP A 1 16 ? 10.879  1.356   -5.705  1.00 21.30 ? 18  ASP A CB  1 
ATOM   124 C CG  . ASP A 1 16 ? 12.350  1.678   -5.531  1.00 24.98 ? 18  ASP A CG  1 
ATOM   125 O OD1 . ASP A 1 16 ? 12.728  2.854   -5.706  1.00 26.00 ? 18  ASP A OD1 1 
ATOM   126 O OD2 . ASP A 1 16 ? 13.131  0.753   -5.221  1.00 30.40 ? 18  ASP A OD2 1 
ATOM   127 N N   . GLY A 1 17 ? 7.978   2.922   -6.082  1.00 16.28 ? 19  GLY A N   1 
ATOM   128 C CA  . GLY A 1 17 ? 6.605   2.787   -6.527  1.00 15.40 ? 19  GLY A CA  1 
ATOM   129 C C   . GLY A 1 17 ? 5.588   3.472   -5.639  1.00 15.05 ? 19  GLY A C   1 
ATOM   130 O O   . GLY A 1 17 ? 4.480   3.763   -6.088  1.00 16.19 ? 19  GLY A O   1 
ATOM   131 N N   . TRP A 1 18 ? 5.948   3.724   -4.384  1.00 13.83 ? 20  TRP A N   1 
ATOM   132 C CA  . TRP A 1 18 ? 5.028   4.380   -3.462  1.00 14.14 ? 20  TRP A CA  1 
ATOM   133 C C   . TRP A 1 18 ? 5.205   5.887   -3.518  1.00 16.33 ? 20  TRP A C   1 
ATOM   134 O O   . TRP A 1 18 ? 6.327   6.389   -3.469  1.00 18.50 ? 20  TRP A O   1 
ATOM   135 C CB  . TRP A 1 18 ? 5.238   3.866   -2.038  1.00 13.12 ? 20  TRP A CB  1 
ATOM   136 C CG  . TRP A 1 18 ? 4.771   2.452   -1.870  1.00 13.43 ? 20  TRP A CG  1 
ATOM   137 C CD1 . TRP A 1 18 ? 5.513   1.312   -2.018  1.00 13.59 ? 20  TRP A CD1 1 
ATOM   138 C CD2 . TRP A 1 18 ? 3.431   2.023   -1.596  1.00 12.25 ? 20  TRP A CD2 1 
ATOM   139 N NE1 . TRP A 1 18 ? 4.716   0.204   -1.855  1.00 12.65 ? 20  TRP A NE1 1 
ATOM   140 C CE2 . TRP A 1 18 ? 3.432   0.614   -1.597  1.00 13.35 ? 20  TRP A CE2 1 
ATOM   141 C CE3 . TRP A 1 18 ? 2.222   2.701   -1.355  1.00 12.39 ? 20  TRP A CE3 1 
ATOM   142 C CZ2 . TRP A 1 18 ? 2.276   -0.138  -1.364  1.00 13.67 ? 20  TRP A CZ2 1 
ATOM   143 C CZ3 . TRP A 1 18 ? 1.074   1.956   -1.125  1.00 13.38 ? 20  TRP A CZ3 1 
ATOM   144 C CH2 . TRP A 1 18 ? 1.109   0.549   -1.131  1.00 13.61 ? 20  TRP A CH2 1 
ATOM   145 N N   . LYS A 1 19 ? 4.093   6.605   -3.629  1.00 15.37 ? 21  LYS A N   1 
ATOM   146 C CA  . LYS A 1 19 ? 4.138   8.056   -3.719  1.00 16.31 ? 21  LYS A CA  1 
ATOM   147 C C   . LYS A 1 19 ? 3.285   8.744   -2.664  1.00 15.35 ? 21  LYS A C   1 
ATOM   148 O O   . LYS A 1 19 ? 2.186   8.289   -2.333  1.00 16.17 ? 21  LYS A O   1 
ATOM   149 C CB  . LYS A 1 19 ? 3.672   8.506   -5.109  1.00 19.33 ? 21  LYS A CB  1 
ATOM   150 C CG  . LYS A 1 19 ? 4.335   7.772   -6.265  1.00 24.88 ? 21  LYS A CG  1 
ATOM   151 C CD  . LYS A 1 19 ? 5.846   7.923   -6.242  1.00 30.24 ? 21  LYS A CD  1 
ATOM   152 C CE  . LYS A 1 19 ? 6.500   7.114   -7.353  1.00 33.23 ? 21  LYS A CE  1 
ATOM   153 N NZ  . LYS A 1 19 ? 7.982   7.246   -7.345  1.00 36.37 ? 21  LYS A NZ  1 
ATOM   154 N N   . LEU A 1 20 ? 3.795   9.847   -2.129  1.00 15.68 ? 22  LEU A N   1 
ATOM   155 C CA  . LEU A 1 20 ? 3.047   10.602  -1.141  1.00 15.82 ? 22  LEU A CA  1 
ATOM   156 C C   . LEU A 1 20 ? 1.892   11.269  -1.882  1.00 15.89 ? 22  LEU A C   1 
ATOM   157 O O   . LEU A 1 20 ? 2.073   11.821  -2.970  1.00 18.35 ? 22  LEU A O   1 
ATOM   158 C CB  . LEU A 1 20 ? 3.930   11.678  -0.506  1.00 15.85 ? 22  LEU A CB  1 
ATOM   159 C CG  . LEU A 1 20 ? 3.292   12.517  0.603   1.00 15.07 ? 22  LEU A CG  1 
ATOM   160 C CD1 . LEU A 1 20 ? 2.988   11.639  1.806   1.00 15.64 ? 22  LEU A CD1 1 
ATOM   161 C CD2 . LEU A 1 20 ? 4.245   13.639  1.000   1.00 17.48 ? 22  LEU A CD2 1 
ATOM   162 N N   . ALA A 1 21 ? 0.704   11.206  -1.300  1.00 17.22 ? 23  ALA A N   1 
ATOM   163 C CA  . ALA A 1 21 ? -0.460  11.820  -1.923  1.00 16.86 ? 23  ALA A CA  1 
ATOM   164 C C   . ALA A 1 21 ? -1.426  12.323  -0.865  1.00 17.74 ? 23  ALA A C   1 
ATOM   165 O O   . ALA A 1 21 ? -1.443  11.842  0.268   1.00 16.37 ? 23  ALA A O   1 
ATOM   166 C CB  . ALA A 1 21 ? -1.161  10.818  -2.836  1.00 19.18 ? 23  ALA A CB  1 
ATOM   167 N N   . ASP A 1 22 ? -2.223  13.313  -1.244  1.00 19.55 ? 24  ASP A N   1 
ATOM   168 C CA  . ASP A 1 22 ? -3.215  13.877  -0.344  1.00 20.84 ? 24  ASP A CA  1 
ATOM   169 C C   . ASP A 1 22 ? -2.616  14.194  1.028   1.00 19.48 ? 24  ASP A C   1 
ATOM   170 O O   . ASP A 1 22 ? -3.246  13.984  2.066   1.00 21.29 ? 24  ASP A O   1 
ATOM   171 C CB  . ASP A 1 22 ? -4.396  12.909  -0.209  1.00 22.66 ? 24  ASP A CB  1 
ATOM   172 C CG  . ASP A 1 22 ? -4.952  12.474  -1.558  1.00 25.97 ? 24  ASP A CG  1 
ATOM   173 O OD1 . ASP A 1 22 ? -5.133  13.339  -2.442  1.00 27.16 ? 24  ASP A OD1 1 
ATOM   174 O OD2 . ASP A 1 22 ? -5.216  11.267  -1.739  1.00 26.99 ? 24  ASP A OD2 1 
ATOM   175 N N   . GLU A 1 23 ? -1.380  14.682  1.001   1.00 20.05 ? 25  GLU A N   1 
ATOM   176 C CA  . GLU A 1 23 ? -0.626  15.087  2.184   1.00 21.14 ? 25  GLU A CA  1 
ATOM   177 C C   . GLU A 1 23 ? -0.239  14.044  3.223   1.00 20.96 ? 25  GLU A C   1 
ATOM   178 O O   . GLU A 1 23 ? 0.795   14.189  3.872   1.00 23.61 ? 25  GLU A O   1 
ATOM   179 C CB  . GLU A 1 23 ? -1.357  16.218  2.913   1.00 22.13 ? 25  GLU A CB  1 
ATOM   180 C CG  . GLU A 1 23 ? -1.635  17.441  2.063   1.00 25.17 ? 25  GLU A CG  1 
ATOM   181 C CD  . GLU A 1 23 ? -2.269  18.558  2.867   1.00 25.50 ? 25  GLU A CD  1 
ATOM   182 O OE1 . GLU A 1 23 ? -1.521  19.353  3.478   1.00 27.85 ? 25  GLU A OE1 1 
ATOM   183 O OE2 . GLU A 1 23 ? -3.515  18.625  2.899   1.00 27.20 ? 25  GLU A OE2 1 
ATOM   184 N N   . ARG A 1 24 ? -1.047  13.002  3.402   1.00 21.28 ? 26  ARG A N   1 
ATOM   185 C CA  . ARG A 1 24 ? -0.729  12.009  4.426   1.00 19.42 ? 26  ARG A CA  1 
ATOM   186 C C   . ARG A 1 24 ? -0.999  10.558  4.049   1.00 16.55 ? 26  ARG A C   1 
ATOM   187 O O   . ARG A 1 24 ? -1.235  9.718   4.916   1.00 15.20 ? 26  ARG A O   1 
ATOM   188 C CB  . ARG A 1 24 ? -1.478  12.346  5.717   1.00 22.38 ? 26  ARG A CB  1 
ATOM   189 C CG  . ARG A 1 24 ? -2.992  12.297  5.593   1.00 25.32 ? 26  ARG A CG  1 
ATOM   190 C CD  . ARG A 1 24 ? -3.676  12.750  6.880   1.00 30.31 ? 26  ARG A CD  1 
ATOM   191 N NE  . ARG A 1 24 ? -3.432  14.158  7.181   1.00 34.05 ? 26  ARG A NE  1 
ATOM   192 C CZ  . ARG A 1 24 ? -3.872  15.172  6.440   1.00 35.63 ? 26  ARG A CZ  1 
ATOM   193 N NH1 . ARG A 1 24 ? -4.585  14.939  5.345   1.00 36.53 ? 26  ARG A NH1 1 
ATOM   194 N NH2 . ARG A 1 24 ? -3.599  16.419  6.796   1.00 37.07 ? 26  ARG A NH2 1 
ATOM   195 N N   . TRP A 1 25 ? -0.958  10.267  2.755   1.00 15.33 ? 27  TRP A N   1 
ATOM   196 C CA  . TRP A 1 25 ? -1.180  8.908   2.272   1.00 14.58 ? 27  TRP A CA  1 
ATOM   197 C C   . TRP A 1 25 ? -0.051  8.486   1.351   1.00 13.99 ? 27  TRP A C   1 
ATOM   198 O O   . TRP A 1 25 ? 0.604   9.330   0.738   1.00 15.47 ? 27  TRP A O   1 
ATOM   199 C CB  . TRP A 1 25 ? -2.478  8.821   1.459   1.00 14.97 ? 27  TRP A CB  1 
ATOM   200 C CG  . TRP A 1 25 ? -3.724  9.030   2.241   1.00 15.51 ? 27  TRP A CG  1 
ATOM   201 C CD1 . TRP A 1 25 ? -4.170  10.200  2.792   1.00 16.40 ? 27  TRP A CD1 1 
ATOM   202 C CD2 . TRP A 1 25 ? -4.673  8.024   2.600   1.00 15.63 ? 27  TRP A CD2 1 
ATOM   203 N NE1 . TRP A 1 25 ? -5.343  9.978   3.477   1.00 15.11 ? 27  TRP A NE1 1 
ATOM   204 C CE2 . TRP A 1 25 ? -5.672  8.651   3.376   1.00 17.09 ? 27  TRP A CE2 1 
ATOM   205 C CE3 . TRP A 1 25 ? -4.775  6.650   2.342   1.00 16.01 ? 27  TRP A CE3 1 
ATOM   206 C CZ2 . TRP A 1 25 ? -6.761  7.949   3.899   1.00 17.08 ? 27  TRP A CZ2 1 
ATOM   207 C CZ3 . TRP A 1 25 ? -5.860  5.950   2.862   1.00 17.43 ? 27  TRP A CZ3 1 
ATOM   208 C CH2 . TRP A 1 25 ? -6.839  6.603   3.633   1.00 17.56 ? 27  TRP A CH2 1 
ATOM   209 N N   . ILE A 1 26 ? 0.201   7.183   1.276   1.00 13.03 ? 28  ILE A N   1 
ATOM   210 C CA  . ILE A 1 26 ? 1.178   6.692   0.321   1.00 11.69 ? 28  ILE A CA  1 
ATOM   211 C C   . ILE A 1 26 ? 0.344   5.861   -0.641  1.00 12.23 ? 28  ILE A C   1 
ATOM   212 O O   . ILE A 1 26 ? -0.553  5.109   -0.231  1.00 12.31 ? 28  ILE A O   1 
ATOM   213 C CB  . ILE A 1 26 ? 2.352   5.882   0.960   1.00 11.95 ? 28  ILE A CB  1 
ATOM   214 C CG1 . ILE A 1 26 ? 1.848   4.759   1.868   1.00 12.04 ? 28  ILE A CG1 1 
ATOM   215 C CG2 . ILE A 1 26 ? 3.261   6.849   1.701   1.00 13.99 ? 28  ILE A CG2 1 
ATOM   216 C CD1 . ILE A 1 26 ? 2.986   3.869   2.409   1.00 14.14 ? 28  ILE A CD1 1 
ATOM   217 N N   . VAL A 1 27 ? 0.611   6.051   -1.926  1.00 11.46 ? 29  VAL A N   1 
ATOM   218 C CA  . VAL A 1 27 ? -0.138  5.387   -2.977  1.00 12.79 ? 29  VAL A CA  1 
ATOM   219 C C   . VAL A 1 27 ? 0.736   4.669   -3.987  1.00 12.29 ? 29  VAL A C   1 
ATOM   220 O O   . VAL A 1 27 ? 1.774   5.184   -4.410  1.00 13.01 ? 29  VAL A O   1 
ATOM   221 C CB  . VAL A 1 27 ? -0.996  6.422   -3.739  1.00 13.36 ? 29  VAL A CB  1 
ATOM   222 C CG1 . VAL A 1 27 ? -1.833  5.734   -4.811  1.00 12.80 ? 29  VAL A CG1 1 
ATOM   223 C CG2 . VAL A 1 27 ? -1.881  7.170   -2.762  1.00 16.28 ? 29  VAL A CG2 1 
ATOM   224 N N   . LYS A 1 28 ? 0.308   3.479   -4.387  1.00 10.94 ? 30  LYS A N   1 
ATOM   225 C CA  . LYS A 1 28 ? 1.048   2.721   -5.373  1.00 11.93 ? 30  LYS A CA  1 
ATOM   226 C C   . LYS A 1 28 ? 0.110   2.086   -6.380  1.00 13.04 ? 30  LYS A C   1 
ATOM   227 O O   . LYS A 1 28 ? -0.997  1.671   -6.040  1.00 13.23 ? 30  LYS A O   1 
ATOM   228 C CB  . LYS A 1 28 ? 1.901   1.630   -4.718  1.00 12.19 ? 30  LYS A CB  1 
ATOM   229 C CG  . LYS A 1 28 ? 2.693   0.826   -5.741  1.00 12.66 ? 30  LYS A CG  1 
ATOM   230 C CD  . LYS A 1 28 ? 3.862   0.089   -5.105  1.00 12.29 ? 30  LYS A CD  1 
ATOM   231 C CE  . LYS A 1 28 ? 4.696   -0.607  -6.168  1.00 11.77 ? 30  LYS A CE  1 
ATOM   232 N NZ  . LYS A 1 28 ? 5.964   -1.151  -5.591  1.00 15.05 ? 30  LYS A NZ  1 
ATOM   233 N N   . LYS A 1 29 ? 0.562   2.035   -7.625  1.00 12.75 ? 31  LYS A N   1 
ATOM   234 C CA  . LYS A 1 29 ? -0.210  1.435   -8.695  1.00 13.77 ? 31  LYS A CA  1 
ATOM   235 C C   . LYS A 1 29 ? 0.459   0.128   -9.101  1.00 14.48 ? 31  LYS A C   1 
ATOM   236 O O   . LYS A 1 29 ? 1.659   0.089   -9.399  1.00 17.87 ? 31  LYS A O   1 
ATOM   237 C CB  . LYS A 1 29 ? -0.305  2.400   -9.879  1.00 16.12 ? 31  LYS A CB  1 
ATOM   238 C CG  . LYS A 1 29 ? -1.088  3.664   -9.533  1.00 20.82 ? 31  LYS A CG  1 
ATOM   239 C CD  . LYS A 1 29 ? -1.431  4.495   -10.757 1.00 27.62 ? 31  LYS A CD  1 
ATOM   240 C CE  . LYS A 1 29 ? -2.350  5.654   -10.383 1.00 28.69 ? 31  LYS A CE  1 
ATOM   241 N NZ  . LYS A 1 29 ? -3.641  5.191   -9.787  1.00 29.94 ? 31  LYS A NZ  1 
ATOM   242 N N   . TYR A 1 30 ? -0.317  -0.950  -9.074  1.00 13.71 ? 32  TYR A N   1 
ATOM   243 C CA  . TYR A 1 30 ? 0.174   -2.276  -9.440  1.00 12.73 ? 32  TYR A CA  1 
ATOM   244 C C   . TYR A 1 30 ? -0.540  -2.705  -10.713 1.00 13.73 ? 32  TYR A C   1 
ATOM   245 O O   . TYR A 1 30 ? -1.766  -2.841  -10.728 1.00 13.73 ? 32  TYR A O   1 
ATOM   246 C CB  . TYR A 1 30 ? -0.138  -3.282  -8.331  1.00 12.32 ? 32  TYR A CB  1 
ATOM   247 C CG  . TYR A 1 30 ? 0.604   -3.070  -7.032  1.00 12.35 ? 32  TYR A CG  1 
ATOM   248 C CD1 . TYR A 1 30 ? 1.892   -3.577  -6.850  1.00 13.82 ? 32  TYR A CD1 1 
ATOM   249 C CD2 . TYR A 1 30 ? 0.006   -2.397  -5.967  1.00 13.29 ? 32  TYR A CD2 1 
ATOM   250 C CE1 . TYR A 1 30 ? 2.561   -3.429  -5.635  1.00 13.96 ? 32  TYR A CE1 1 
ATOM   251 C CE2 . TYR A 1 30 ? 0.667   -2.243  -4.749  1.00 13.48 ? 32  TYR A CE2 1 
ATOM   252 C CZ  . TYR A 1 30 ? 1.944   -2.766  -4.590  1.00 13.46 ? 32  TYR A CZ  1 
ATOM   253 O OH  . TYR A 1 30 ? 2.587   -2.648  -3.376  1.00 14.75 ? 32  TYR A OH  1 
ATOM   254 N N   . ARG A 1 31 ? 0.224   -2.923  -11.778 1.00 13.88 ? 33  ARG A N   1 
ATOM   255 C CA  . ARG A 1 31 ? -0.357  -3.330  -13.048 1.00 14.97 ? 33  ARG A CA  1 
ATOM   256 C C   . ARG A 1 31 ? -0.228  -4.827  -13.285 1.00 16.81 ? 33  ARG A C   1 
ATOM   257 O O   . ARG A 1 31 ? 0.801   -5.435  -12.980 1.00 16.96 ? 33  ARG A O   1 
ATOM   258 C CB  . ARG A 1 31 ? 0.305   -2.568  -14.199 1.00 16.20 ? 33  ARG A CB  1 
ATOM   259 C CG  . ARG A 1 31 ? -0.279  -2.893  -15.567 1.00 16.19 ? 33  ARG A CG  1 
ATOM   260 C CD  . ARG A 1 31 ? 0.167   -1.870  -16.600 1.00 18.02 ? 33  ARG A CD  1 
ATOM   261 N NE  . ARG A 1 31 ? -0.341  -0.536  -16.297 1.00 19.90 ? 33  ARG A NE  1 
ATOM   262 C CZ  . ARG A 1 31 ? -1.583  -0.131  -16.546 1.00 16.02 ? 33  ARG A CZ  1 
ATOM   263 N NH1 . ARG A 1 31 ? -2.450  -0.959  -17.114 1.00 18.55 ? 33  ARG A NH1 1 
ATOM   264 N NH2 . ARG A 1 31 ? -1.959  1.099   -16.220 1.00 19.42 ? 33  ARG A NH2 1 
ATOM   265 N N   . PHE A 1 32 ? -1.281  -5.411  -13.841 1.00 15.88 ? 34  PHE A N   1 
ATOM   266 C CA  . PHE A 1 32 ? -1.317  -6.835  -14.126 1.00 18.14 ? 34  PHE A CA  1 
ATOM   267 C C   . PHE A 1 32 ? -1.571  -7.095  -15.605 1.00 20.32 ? 34  PHE A C   1 
ATOM   268 O O   . PHE A 1 32 ? -2.108  -6.243  -16.311 1.00 20.91 ? 34  PHE A O   1 
ATOM   269 C CB  . PHE A 1 32 ? -2.406  -7.494  -13.280 1.00 17.57 ? 34  PHE A CB  1 
ATOM   270 C CG  . PHE A 1 32 ? -2.113  -7.459  -11.812 1.00 18.05 ? 34  PHE A CG  1 
ATOM   271 C CD1 . PHE A 1 32 ? -1.453  -8.516  -11.199 1.00 18.74 ? 34  PHE A CD1 1 
ATOM   272 C CD2 . PHE A 1 32 ? -2.434  -6.336  -11.055 1.00 17.30 ? 34  PHE A CD2 1 
ATOM   273 C CE1 . PHE A 1 32 ? -1.100  -8.450  -9.855  1.00 17.12 ? 34  PHE A CE1 1 
ATOM   274 C CE2 . PHE A 1 32 ? -2.084  -6.262  -9.712  1.00 17.51 ? 34  PHE A CE2 1 
ATOM   275 C CZ  . PHE A 1 32 ? -1.420  -7.321  -9.112  1.00 16.44 ? 34  PHE A CZ  1 
ATOM   276 N N   . GLN A 1 33 ? -1.172  -8.275  -16.068 1.00 23.05 ? 35  GLN A N   1 
ATOM   277 C CA  . GLN A 1 33 ? -1.371  -8.653  -17.460 1.00 25.41 ? 35  GLN A CA  1 
ATOM   278 C C   . GLN A 1 33 ? -2.716  -9.359  -17.578 1.00 25.19 ? 35  GLN A C   1 
ATOM   279 O O   . GLN A 1 33 ? -3.303  -9.425  -18.656 1.00 25.58 ? 35  GLN A O   1 
ATOM   280 C CB  . GLN A 1 33 ? -0.256  -9.594  -17.927 1.00 29.73 ? 35  GLN A CB  1 
ATOM   281 C CG  . GLN A 1 33 ? 1.150   -9.020  -17.823 1.00 35.31 ? 35  GLN A CG  1 
ATOM   282 C CD  . GLN A 1 33 ? 1.327   -7.735  -18.611 1.00 38.14 ? 35  GLN A CD  1 
ATOM   283 O OE1 . GLN A 1 33 ? 0.779   -6.691  -18.253 1.00 40.92 ? 35  GLN A OE1 1 
ATOM   284 N NE2 . GLN A 1 33 ? 2.093   -7.806  -19.696 1.00 40.17 ? 35  GLN A NE2 1 
ATOM   285 N N   . ASP A 1 34 ? -3.197  -9.876  -16.449 1.00 24.77 ? 36  ASP A N   1 
ATOM   286 C CA  . ASP A 1 34 ? -4.470  -10.588 -16.386 1.00 25.07 ? 36  ASP A CA  1 
ATOM   287 C C   . ASP A 1 34 ? -5.395  -9.954  -15.346 1.00 23.06 ? 36  ASP A C   1 
ATOM   288 O O   . ASP A 1 34 ? -5.008  -9.785  -14.187 1.00 23.25 ? 36  ASP A O   1 
ATOM   289 C CB  . ASP A 1 34 ? -4.222  -12.057 -16.035 1.00 26.92 ? 36  ASP A CB  1 
ATOM   290 C CG  . ASP A 1 34 ? -5.507  -12.843 -15.870 1.00 30.20 ? 36  ASP A CG  1 
ATOM   291 O OD1 . ASP A 1 34 ? -6.186  -12.675 -14.838 1.00 32.19 ? 36  ASP A OD1 1 
ATOM   292 O OD2 . ASP A 1 34 ? -5.846  -13.628 -16.780 1.00 34.25 ? 36  ASP A OD2 1 
ATOM   293 N N   . TYR A 1 35 ? -6.611  -9.610  -15.761 1.00 21.89 ? 37  TYR A N   1 
ATOM   294 C CA  . TYR A 1 35 ? -7.583  -8.982  -14.866 1.00 19.88 ? 37  TYR A CA  1 
ATOM   295 C C   . TYR A 1 35 ? -7.847  -9.774  -13.591 1.00 19.76 ? 37  TYR A C   1 
ATOM   296 O O   . TYR A 1 35 ? -7.842  -9.213  -12.497 1.00 18.45 ? 37  TYR A O   1 
ATOM   297 C CB  . TYR A 1 35 ? -8.912  -8.745  -15.594 1.00 17.77 ? 37  TYR A CB  1 
ATOM   298 C CG  . TYR A 1 35 ? -9.994  -8.122  -14.731 1.00 18.09 ? 37  TYR A CG  1 
ATOM   299 C CD1 . TYR A 1 35 ? -9.859  -6.825  -14.232 1.00 16.97 ? 37  TYR A CD1 1 
ATOM   300 C CD2 . TYR A 1 35 ? -11.154 -8.827  -14.419 1.00 18.23 ? 37  TYR A CD2 1 
ATOM   301 C CE1 . TYR A 1 35 ? -10.860 -6.248  -13.444 1.00 18.75 ? 37  TYR A CE1 1 
ATOM   302 C CE2 . TYR A 1 35 ? -12.159 -8.262  -13.636 1.00 18.86 ? 37  TYR A CE2 1 
ATOM   303 C CZ  . TYR A 1 35 ? -12.007 -6.974  -13.152 1.00 18.47 ? 37  TYR A CZ  1 
ATOM   304 O OH  . TYR A 1 35 ? -13.007 -6.420  -12.383 1.00 18.55 ? 37  TYR A OH  1 
ATOM   305 N N   . LEU A 1 36 ? -8.083  -11.075 -13.721 1.00 18.90 ? 38  LEU A N   1 
ATOM   306 C CA  . LEU A 1 36 ? -8.359  -11.893 -12.547 1.00 19.30 ? 38  LEU A CA  1 
ATOM   307 C C   . LEU A 1 36 ? -7.151  -12.048 -11.630 1.00 17.22 ? 38  LEU A C   1 
ATOM   308 O O   . LEU A 1 36 ? -7.307  -12.340 -10.446 1.00 16.37 ? 38  LEU A O   1 
ATOM   309 C CB  . LEU A 1 36 ? -8.910  -13.256 -12.969 1.00 20.58 ? 38  LEU A CB  1 
ATOM   310 C CG  . LEU A 1 36 ? -10.276 -13.148 -13.659 1.00 22.40 ? 38  LEU A CG  1 
ATOM   311 C CD1 . LEU A 1 36 ? -10.755 -14.525 -14.081 1.00 23.10 ? 38  LEU A CD1 1 
ATOM   312 C CD2 . LEU A 1 36 ? -11.285 -12.501 -12.714 1.00 21.51 ? 38  LEU A CD2 1 
ATOM   313 N N   . GLN A 1 37 ? -5.949  -11.853 -12.170 1.00 18.12 ? 39  GLN A N   1 
ATOM   314 C CA  . GLN A 1 37 ? -4.742  -11.928 -11.351 1.00 19.51 ? 39  GLN A CA  1 
ATOM   315 C C   . GLN A 1 37 ? -4.714  -10.688 -10.463 1.00 17.06 ? 39  GLN A C   1 
ATOM   316 O O   . GLN A 1 37 ? -4.283  -10.746 -9.313  1.00 17.95 ? 39  GLN A O   1 
ATOM   317 C CB  . GLN A 1 37 ? -3.489  -11.983 -12.228 1.00 22.08 ? 39  GLN A CB  1 
ATOM   318 C CG  . GLN A 1 37 ? -3.197  -13.375 -12.760 1.00 27.52 ? 39  GLN A CG  1 
ATOM   319 C CD  . GLN A 1 37 ? -2.876  -14.358 -11.648 1.00 30.34 ? 39  GLN A CD  1 
ATOM   320 O OE1 . GLN A 1 37 ? -1.795  -14.317 -11.061 1.00 33.61 ? 39  GLN A OE1 1 
ATOM   321 N NE2 . GLN A 1 37 ? -3.821  -15.238 -11.345 1.00 31.82 ? 39  GLN A NE2 1 
ATOM   322 N N   . GLY A 1 38 ? -5.171  -9.565  -11.010 1.00 18.00 ? 40  GLY A N   1 
ATOM   323 C CA  . GLY A 1 38 ? -5.224  -8.338  -10.230 1.00 16.18 ? 40  GLY A CA  1 
ATOM   324 C C   . GLY A 1 38 ? -6.176  -8.542  -9.066  1.00 15.36 ? 40  GLY A C   1 
ATOM   325 O O   . GLY A 1 38 ? -5.931  -8.075  -7.954  1.00 14.89 ? 40  GLY A O   1 
ATOM   326 N N   . ILE A 1 39 ? -7.273  -9.248  -9.329  1.00 15.32 ? 41  ILE A N   1 
ATOM   327 C CA  . ILE A 1 39 ? -8.269  -9.542  -8.303  1.00 14.95 ? 41  ILE A CA  1 
ATOM   328 C C   . ILE A 1 39 ? -7.681  -10.455 -7.226  1.00 15.16 ? 41  ILE A C   1 
ATOM   329 O O   . ILE A 1 39 ? -7.932  -10.263 -6.036  1.00 15.15 ? 41  ILE A O   1 
ATOM   330 C CB  . ILE A 1 39 ? -9.522  -10.214 -8.929  1.00 16.49 ? 41  ILE A CB  1 
ATOM   331 C CG1 . ILE A 1 39 ? -10.144 -9.282  -9.974  1.00 16.05 ? 41  ILE A CG1 1 
ATOM   332 C CG2 . ILE A 1 39 ? -10.544 -10.545 -7.851  1.00 16.26 ? 41  ILE A CG2 1 
ATOM   333 C CD1 . ILE A 1 39 ? -10.639 -7.963  -9.411  1.00 18.72 ? 41  ILE A CD1 1 
ATOM   334 N N   . GLU A 1 40 ? -6.894  -11.444 -7.645  1.00 15.69 ? 42  GLU A N   1 
ATOM   335 C CA  . GLU A 1 40 ? -6.264  -12.375 -6.715  1.00 15.78 ? 42  GLU A CA  1 
ATOM   336 C C   . GLU A 1 40 ? -5.307  -11.610 -5.807  1.00 13.95 ? 42  GLU A C   1 
ATOM   337 O O   . GLU A 1 40 ? -5.201  -11.904 -4.616  1.00 15.08 ? 42  GLU A O   1 
ATOM   338 C CB  . GLU A 1 40 ? -5.526  -13.470 -7.496  1.00 18.27 ? 42  GLU A CB  1 
ATOM   339 C CG  . GLU A 1 40 ? -4.652  -14.415 -6.662  1.00 19.71 ? 42  GLU A CG  1 
ATOM   340 C CD  . GLU A 1 40 ? -5.410  -15.163 -5.575  1.00 21.24 ? 42  GLU A CD  1 
ATOM   341 O OE1 . GLU A 1 40 ? -6.657  -15.223 -5.624  1.00 21.81 ? 42  GLU A OE1 1 
ATOM   342 O OE2 . GLU A 1 40 ? -4.746  -15.708 -4.667  1.00 22.99 ? 42  GLU A OE2 1 
ATOM   343 N N   . PHE A 1 41 ? -4.624  -10.619 -6.376  1.00 14.46 ? 43  PHE A N   1 
ATOM   344 C CA  . PHE A 1 41 ? -3.697  -9.777  -5.624  1.00 13.73 ? 43  PHE A CA  1 
ATOM   345 C C   . PHE A 1 41 ? -4.497  -9.053  -4.547  1.00 13.40 ? 43  PHE A C   1 
ATOM   346 O O   . PHE A 1 41 ? -4.099  -9.010  -3.386  1.00 12.71 ? 43  PHE A O   1 
ATOM   347 C CB  . PHE A 1 41 ? -3.035  -8.758  -6.556  1.00 13.10 ? 43  PHE A CB  1 
ATOM   348 C CG  . PHE A 1 41 ? -2.209  -7.721  -5.845  1.00 12.73 ? 43  PHE A CG  1 
ATOM   349 C CD1 . PHE A 1 41 ? -1.041  -8.070  -5.178  1.00 13.82 ? 43  PHE A CD1 1 
ATOM   350 C CD2 . PHE A 1 41 ? -2.590  -6.384  -5.869  1.00 13.11 ? 43  PHE A CD2 1 
ATOM   351 C CE1 . PHE A 1 41 ? -0.262  -7.099  -4.548  1.00 13.12 ? 43  PHE A CE1 1 
ATOM   352 C CE2 . PHE A 1 41 ? -1.821  -5.405  -5.243  1.00 13.45 ? 43  PHE A CE2 1 
ATOM   353 C CZ  . PHE A 1 41 ? -0.656  -5.761  -4.582  1.00 14.27 ? 43  PHE A CZ  1 
ATOM   354 N N   . VAL A 1 42 ? -5.636  -8.496  -4.943  1.00 14.48 ? 44  VAL A N   1 
ATOM   355 C CA  . VAL A 1 42 ? -6.495  -7.792  -3.999  1.00 14.05 ? 44  VAL A CA  1 
ATOM   356 C C   . VAL A 1 42 ? -6.939  -8.736  -2.879  1.00 13.15 ? 44  VAL A C   1 
ATOM   357 O O   . VAL A 1 42 ? -6.927  -8.373  -1.703  1.00 13.86 ? 44  VAL A O   1 
ATOM   358 C CB  . VAL A 1 42 ? -7.737  -7.205  -4.712  1.00 13.42 ? 44  VAL A CB  1 
ATOM   359 C CG1 . VAL A 1 42 ? -8.740  -6.696  -3.688  1.00 16.11 ? 44  VAL A CG1 1 
ATOM   360 C CG2 . VAL A 1 42 ? -7.315  -6.069  -5.630  1.00 14.18 ? 44  VAL A CG2 1 
ATOM   361 N N   . ARG A 1 43 ? -7.316  -9.959  -3.244  1.00 13.66 ? 45  ARG A N   1 
ATOM   362 C CA  . ARG A 1 43 ? -7.754  -10.928 -2.250  1.00 15.92 ? 45  ARG A CA  1 
ATOM   363 C C   . ARG A 1 43 ? -6.650  -11.182 -1.225  1.00 15.16 ? 45  ARG A C   1 
ATOM   364 O O   . ARG A 1 43 ? -6.897  -11.208 -0.020  1.00 15.70 ? 45  ARG A O   1 
ATOM   365 C CB  . ARG A 1 43 ? -8.138  -12.241 -2.937  1.00 16.93 ? 45  ARG A CB  1 
ATOM   366 C CG  . ARG A 1 43 ? -8.768  -13.274 -2.016  1.00 18.99 ? 45  ARG A CG  1 
ATOM   367 C CD  . ARG A 1 43 ? -8.983  -14.592 -2.747  1.00 21.82 ? 45  ARG A CD  1 
ATOM   368 N NE  . ARG A 1 43 ? -7.722  -15.289 -2.989  1.00 23.88 ? 45  ARG A NE  1 
ATOM   369 C CZ  . ARG A 1 43 ? -7.031  -15.932 -2.051  1.00 26.88 ? 45  ARG A CZ  1 
ATOM   370 N NH1 . ARG A 1 43 ? -7.482  -15.973 -0.804  1.00 28.10 ? 45  ARG A NH1 1 
ATOM   371 N NH2 . ARG A 1 43 ? -5.888  -16.533 -2.358  1.00 27.46 ? 45  ARG A NH2 1 
ATOM   372 N N   . ARG A 1 44 ? -5.424  -11.348 -1.711  1.00 15.45 ? 46  ARG A N   1 
ATOM   373 C CA  . ARG A 1 44 ? -4.295  -11.615 -0.833  1.00 16.71 ? 46  ARG A CA  1 
ATOM   374 C C   . ARG A 1 44 ? -3.902  -10.453 0.065   1.00 16.54 ? 46  ARG A C   1 
ATOM   375 O O   . ARG A 1 44 ? -3.681  -10.652 1.260   1.00 16.76 ? 46  ARG A O   1 
ATOM   376 C CB  . ARG A 1 44 ? -3.083  -12.062 -1.648  1.00 17.45 ? 46  ARG A CB  1 
ATOM   377 C CG  . ARG A 1 44 ? -3.284  -13.395 -2.341  1.00 18.32 ? 46  ARG A CG  1 
ATOM   378 C CD  . ARG A 1 44 ? -1.988  -13.885 -2.944  1.00 21.67 ? 46  ARG A CD  1 
ATOM   379 N NE  . ARG A 1 44 ? -2.217  -14.947 -3.913  1.00 24.23 ? 46  ARG A NE  1 
ATOM   380 C CZ  . ARG A 1 44 ? -1.258  -15.510 -4.637  1.00 26.18 ? 46  ARG A CZ  1 
ATOM   381 N NH1 . ARG A 1 44 ? 0.001   -15.113 -4.495  1.00 25.03 ? 46  ARG A NH1 1 
ATOM   382 N NH2 . ARG A 1 44 ? -1.561  -16.461 -5.513  1.00 27.73 ? 46  ARG A NH2 1 
ATOM   383 N N   . ILE A 1 45 ? -3.826  -9.240  -0.478  1.00 16.13 ? 47  ILE A N   1 
ATOM   384 C CA  . ILE A 1 45 ? -3.438  -8.129  0.377   1.00 13.98 ? 47  ILE A CA  1 
ATOM   385 C C   . ILE A 1 45 ? -4.551  -7.734  1.338   1.00 13.25 ? 47  ILE A C   1 
ATOM   386 O O   . ILE A 1 45 ? -4.283  -7.162  2.388   1.00 13.74 ? 47  ILE A O   1 
ATOM   387 C CB  . ILE A 1 45 ? -2.942  -6.886  -0.431  1.00 13.04 ? 47  ILE A CB  1 
ATOM   388 C CG1 . ILE A 1 45 ? -4.062  -6.287  -1.280  1.00 12.82 ? 47  ILE A CG1 1 
ATOM   389 C CG2 . ILE A 1 45 ? -1.762  -7.291  -1.312  1.00 14.01 ? 47  ILE A CG2 1 
ATOM   390 C CD1 . ILE A 1 45 ? -3.669  -4.959  -1.921  1.00 15.27 ? 47  ILE A CD1 1 
ATOM   391 N N   . ALA A 1 46 ? -5.797  -8.058  0.991   1.00 13.41 ? 48  ALA A N   1 
ATOM   392 C CA  . ALA A 1 46 ? -6.920  -7.749  1.867   1.00 13.50 ? 48  ALA A CA  1 
ATOM   393 C C   . ALA A 1 46 ? -6.815  -8.639  3.102   1.00 13.61 ? 48  ALA A C   1 
ATOM   394 O O   . ALA A 1 46 ? -7.034  -8.187  4.219   1.00 15.68 ? 48  ALA A O   1 
ATOM   395 C CB  . ALA A 1 46 ? -8.241  -7.997  1.150   1.00 13.99 ? 48  ALA A CB  1 
ATOM   396 N N   . ALA A 1 47 ? -6.472  -9.907  2.889   1.00 16.70 ? 49  ALA A N   1 
ATOM   397 C CA  . ALA A 1 47 ? -6.330  -10.855 3.991   1.00 17.04 ? 49  ALA A CA  1 
ATOM   398 C C   . ALA A 1 47 ? -5.228  -10.380 4.936   1.00 17.71 ? 49  ALA A C   1 
ATOM   399 O O   . ALA A 1 47 ? -5.390  -10.396 6.157   1.00 19.49 ? 49  ALA A O   1 
ATOM   400 C CB  . ALA A 1 47 ? -5.999  -12.241 3.444   1.00 17.67 ? 49  ALA A CB  1 
ATOM   401 N N   . ILE A 1 48 ? -4.110  -9.953  4.361   1.00 17.80 ? 50  ILE A N   1 
ATOM   402 C CA  . ILE A 1 48 ? -2.985  -9.452  5.143   1.00 18.36 ? 50  ILE A CA  1 
ATOM   403 C C   . ILE A 1 48 ? -3.411  -8.224  5.945   1.00 18.64 ? 50  ILE A C   1 
ATOM   404 O O   . ILE A 1 48 ? -3.050  -8.066  7.114   1.00 19.81 ? 50  ILE A O   1 
ATOM   405 C CB  . ILE A 1 48 ? -1.812  -9.057  4.229   1.00 19.00 ? 50  ILE A CB  1 
ATOM   406 C CG1 . ILE A 1 48 ? -1.250  -10.301 3.537   1.00 19.66 ? 50  ILE A CG1 1 
ATOM   407 C CG2 . ILE A 1 48 ? -0.737  -8.345  5.037   1.00 19.48 ? 50  ILE A CG2 1 
ATOM   408 C CD1 . ILE A 1 48 ? -0.217  -9.984  2.472   1.00 17.64 ? 50  ILE A CD1 1 
ATOM   409 N N   . SER A 1 49 ? -4.187  -7.358  5.306   1.00 18.06 ? 51  SER A N   1 
ATOM   410 C CA  . SER A 1 49 ? -4.664  -6.140  5.945   1.00 17.68 ? 51  SER A CA  1 
ATOM   411 C C   . SER A 1 49 ? -5.610  -6.435  7.102   1.00 17.99 ? 51  SER A C   1 
ATOM   412 O O   . SER A 1 49 ? -5.529  -5.805  8.156   1.00 18.56 ? 51  SER A O   1 
ATOM   413 C CB  . SER A 1 49 ? -5.366  -5.258  4.915   1.00 15.84 ? 51  SER A CB  1 
ATOM   414 O OG  . SER A 1 49 ? -4.488  -4.956  3.845   1.00 16.75 ? 51  SER A OG  1 
ATOM   415 N N   . GLU A 1 50 ? -6.513  -7.390  6.902   1.00 19.42 ? 52  GLU A N   1 
ATOM   416 C CA  . GLU A 1 50 ? -7.472  -7.754  7.937   1.00 21.74 ? 52  GLU A CA  1 
ATOM   417 C C   . GLU A 1 50 ? -6.763  -8.307  9.168   1.00 22.77 ? 52  GLU A C   1 
ATOM   418 O O   . GLU A 1 50 ? -7.142  -8.007  10.301  1.00 22.42 ? 52  GLU A O   1 
ATOM   419 C CB  . GLU A 1 50 ? -8.465  -8.787  7.396   1.00 22.20 ? 52  GLU A CB  1 
ATOM   420 C CG  . GLU A 1 50 ? -9.552  -9.197  8.384   1.00 24.18 ? 52  GLU A CG  1 
ATOM   421 C CD  . GLU A 1 50 ? -10.250 -8.007  9.020   1.00 27.21 ? 52  GLU A CD  1 
ATOM   422 O OE1 . GLU A 1 50 ? -10.659 -7.087  8.282   1.00 25.67 ? 52  GLU A OE1 1 
ATOM   423 O OE2 . GLU A 1 50 ? -10.396 -7.995  10.261  1.00 31.90 ? 52  GLU A OE2 1 
ATOM   424 N N   . ASN A 1 51 ? -5.727  -9.110  8.946   1.00 23.56 ? 53  ASN A N   1 
ATOM   425 C CA  . ASN A 1 51 ? -4.977  -9.688  10.058  1.00 25.00 ? 53  ASN A CA  1 
ATOM   426 C C   . ASN A 1 51 ? -4.201  -8.606  10.803  1.00 24.73 ? 53  ASN A C   1 
ATOM   427 O O   . ASN A 1 51 ? -3.952  -8.724  12.003  1.00 25.52 ? 53  ASN A O   1 
ATOM   428 C CB  . ASN A 1 51 ? -4.002  -10.755 9.556   1.00 27.75 ? 53  ASN A CB  1 
ATOM   429 C CG  . ASN A 1 51 ? -3.230  -11.416 10.685  1.00 30.78 ? 53  ASN A CG  1 
ATOM   430 O OD1 . ASN A 1 51 ? -3.770  -12.229 11.436  1.00 34.44 ? 53  ASN A OD1 1 
ATOM   431 N ND2 . ASN A 1 51 ? -1.959  -11.056 10.817  1.00 33.19 ? 53  ASN A ND2 1 
ATOM   432 N N   . ALA A 1 52 ? -3.819  -7.552  10.086  1.00 22.63 ? 54  ALA A N   1 
ATOM   433 C CA  . ALA A 1 52 ? -3.072  -6.451  10.683  1.00 21.85 ? 54  ALA A CA  1 
ATOM   434 C C   . ALA A 1 52 ? -4.011  -5.395  11.256  1.00 20.75 ? 54  ALA A C   1 
ATOM   435 O O   . ALA A 1 52 ? -3.561  -4.402  11.827  1.00 21.19 ? 54  ALA A O   1 
ATOM   436 C CB  . ALA A 1 52 ? -2.150  -5.817  9.639   1.00 21.12 ? 54  ALA A CB  1 
ATOM   437 N N   . ASN A 1 53 ? -5.315  -5.619  11.108  1.00 20.51 ? 55  ASN A N   1 
ATOM   438 C CA  . ASN A 1 53 ? -6.317  -4.676  11.599  1.00 19.73 ? 55  ASN A CA  1 
ATOM   439 C C   . ASN A 1 53 ? -5.974  -3.286  11.072  1.00 19.58 ? 55  ASN A C   1 
ATOM   440 O O   . ASN A 1 53 ? -6.053  -2.294  11.793  1.00 19.69 ? 55  ASN A O   1 
ATOM   441 C CB  . ASN A 1 53 ? -6.330  -4.669  13.131  1.00 22.94 ? 55  ASN A CB  1 
ATOM   442 C CG  . ASN A 1 53 ? -6.623  -6.037  13.715  1.00 25.00 ? 55  ASN A CG  1 
ATOM   443 O OD1 . ASN A 1 53 ? -5.878  -6.534  14.562  1.00 29.68 ? 55  ASN A OD1 1 
ATOM   444 N ND2 . ASN A 1 53 ? -7.712  -6.652  13.268  1.00 26.34 ? 55  ASN A ND2 1 
ATOM   445 N N   . HIS A 1 54 ? -5.595  -3.232  9.799   1.00 17.84 ? 56  HIS A N   1 
ATOM   446 C CA  . HIS A 1 54 ? -5.197  -1.983  9.154   1.00 17.81 ? 56  HIS A CA  1 
ATOM   447 C C   . HIS A 1 54 ? -5.580  -2.108  7.684   1.00 17.60 ? 56  HIS A C   1 
ATOM   448 O O   . HIS A 1 54 ? -4.910  -2.797  6.918   1.00 19.05 ? 56  HIS A O   1 
ATOM   449 C CB  . HIS A 1 54 ? -3.686  -1.812  9.311   1.00 16.01 ? 56  HIS A CB  1 
ATOM   450 C CG  . HIS A 1 54 ? -3.210  -0.400  9.171   1.00 18.34 ? 56  HIS A CG  1 
ATOM   451 N ND1 . HIS A 1 54 ? -2.882  0.158   7.959   1.00 20.10 ? 56  HIS A ND1 1 
ATOM   452 C CD2 . HIS A 1 54 ? -2.998  0.559   10.104  1.00 17.87 ? 56  HIS A CD2 1 
ATOM   453 C CE1 . HIS A 1 54 ? -2.483  1.406   8.148   1.00 18.31 ? 56  HIS A CE1 1 
ATOM   454 N NE2 . HIS A 1 54 ? -2.545  1.672   9.438   1.00 22.05 ? 56  HIS A NE2 1 
ATOM   455 N N   . HIS A 1 55 ? -6.646  -1.421  7.290   1.00 18.20 ? 57  HIS A N   1 
ATOM   456 C CA  . HIS A 1 55 ? -7.139  -1.525  5.920   1.00 16.82 ? 57  HIS A CA  1 
ATOM   457 C C   . HIS A 1 55 ? -6.817  -0.369  4.983   1.00 15.53 ? 57  HIS A C   1 
ATOM   458 O O   . HIS A 1 55 ? -7.059  0.793   5.302   1.00 16.76 ? 57  HIS A O   1 
ATOM   459 C CB  . HIS A 1 55 ? -8.651  -1.737  5.955   1.00 19.84 ? 57  HIS A CB  1 
ATOM   460 C CG  . HIS A 1 55 ? -9.088  -2.744  6.971   1.00 21.05 ? 57  HIS A CG  1 
ATOM   461 N ND1 . HIS A 1 55 ? -9.102  -2.476  8.326   1.00 22.92 ? 57  HIS A ND1 1 
ATOM   462 C CD2 . HIS A 1 55 ? -9.478  -4.033  6.842   1.00 22.90 ? 57  HIS A CD2 1 
ATOM   463 C CE1 . HIS A 1 55 ? -9.481  -3.554  8.982   1.00 23.15 ? 57  HIS A CE1 1 
ATOM   464 N NE2 . HIS A 1 55 ? -9.714  -4.517  8.106   1.00 24.29 ? 57  HIS A NE2 1 
ATOM   465 N N   . PRO A 1 56 ? -6.279  -0.684  3.796   1.00 12.99 ? 58  PRO A N   1 
ATOM   466 C CA  . PRO A 1 56 ? -5.931  0.331   2.803   1.00 11.98 ? 58  PRO A CA  1 
ATOM   467 C C   . PRO A 1 56 ? -7.156  0.597   1.939   1.00 12.44 ? 58  PRO A C   1 
ATOM   468 O O   . PRO A 1 56 ? -8.146  -0.127  2.029   1.00 14.54 ? 58  PRO A O   1 
ATOM   469 C CB  . PRO A 1 56 ? -4.841  -0.355  1.994   1.00 13.76 ? 58  PRO A CB  1 
ATOM   470 C CG  . PRO A 1 56 ? -5.385  -1.761  1.911   1.00 14.29 ? 58  PRO A CG  1 
ATOM   471 C CD  . PRO A 1 56 ? -5.848  -2.022  3.343   1.00 14.04 ? 58  PRO A CD  1 
ATOM   472 N N   . PHE A 1 57 ? -7.098  1.655   1.139   1.00 11.60 ? 59  PHE A N   1 
ATOM   473 C CA  . PHE A 1 57 ? -8.171  1.938   0.195   1.00 10.99 ? 59  PHE A CA  1 
ATOM   474 C C   . PHE A 1 57 ? -7.653  1.247   -1.067  1.00 10.46 ? 59  PHE A C   1 
ATOM   475 O O   . PHE A 1 57 ? -6.470  1.363   -1.390  1.00 12.36 ? 59  PHE A O   1 
ATOM   476 C CB  . PHE A 1 57 ? -8.298  3.439   -0.066  1.00 11.23 ? 59  PHE A CB  1 
ATOM   477 C CG  . PHE A 1 57 ? -9.238  3.773   -1.188  1.00 11.91 ? 59  PHE A CG  1 
ATOM   478 C CD1 . PHE A 1 57 ? -10.597 3.945   -0.953  1.00 14.40 ? 59  PHE A CD1 1 
ATOM   479 C CD2 . PHE A 1 57 ? -8.759  3.890   -2.491  1.00 11.43 ? 59  PHE A CD2 1 
ATOM   480 C CE1 . PHE A 1 57 ? -11.475 4.224   -2.006  1.00 15.02 ? 59  PHE A CE1 1 
ATOM   481 C CE2 . PHE A 1 57 ? -9.623  4.166   -3.547  1.00 15.09 ? 59  PHE A CE2 1 
ATOM   482 C CZ  . PHE A 1 57 ? -10.984 4.335   -3.305  1.00 14.21 ? 59  PHE A CZ  1 
ATOM   483 N N   . ILE A 1 58 ? -8.519  0.517   -1.764  1.00 10.42 ? 60  ILE A N   1 
ATOM   484 C CA  . ILE A 1 58 ? -8.117  -0.184  -2.986  1.00 9.21  ? 60  ILE A CA  1 
ATOM   485 C C   . ILE A 1 58 ? -9.087  0.095   -4.129  1.00 11.46 ? 60  ILE A C   1 
ATOM   486 O O   . ILE A 1 58 ? -10.296 0.074   -3.931  1.00 11.62 ? 60  ILE A O   1 
ATOM   487 C CB  . ILE A 1 58 ? -8.103  -1.724  -2.772  1.00 10.41 ? 60  ILE A CB  1 
ATOM   488 C CG1 . ILE A 1 58 ? -7.080  -2.100  -1.702  1.00 11.72 ? 60  ILE A CG1 1 
ATOM   489 C CG2 . ILE A 1 58 ? -7.784  -2.438  -4.090  1.00 10.93 ? 60  ILE A CG2 1 
ATOM   490 C CD1 . ILE A 1 58 ? -7.182  -3.559  -1.251  1.00 12.28 ? 60  ILE A CD1 1 
ATOM   491 N N   . SER A 1 59 ? -8.563  0.378   -5.318  1.00 11.92 ? 61  SER A N   1 
ATOM   492 C CA  . SER A 1 59 ? -9.437  0.572   -6.466  1.00 12.85 ? 61  SER A CA  1 
ATOM   493 C C   . SER A 1 59 ? -8.947  -0.342  -7.580  1.00 12.55 ? 61  SER A C   1 
ATOM   494 O O   . SER A 1 59 ? -7.744  -0.600  -7.717  1.00 11.10 ? 61  SER A O   1 
ATOM   495 C CB  . SER A 1 59 ? -9.470  2.033   -6.926  1.00 14.90 ? 61  SER A CB  1 
ATOM   496 O OG  . SER A 1 59 ? -8.263  2.428   -7.544  1.00 16.42 ? 61  SER A OG  1 
ATOM   497 N N   . ILE A 1 60 ? -9.895  -0.855  -8.356  1.00 12.05 ? 62  ILE A N   1 
ATOM   498 C CA  . ILE A 1 60 ? -9.597  -1.765  -9.446  1.00 11.61 ? 62  ILE A CA  1 
ATOM   499 C C   . ILE A 1 60 ? -10.135 -1.171  -10.741 1.00 12.41 ? 62  ILE A C   1 
ATOM   500 O O   . ILE A 1 60 ? -11.338 -1.204  -11.000 1.00 13.92 ? 62  ILE A O   1 
ATOM   501 C CB  . ILE A 1 60 ? -10.252 -3.141  -9.194  1.00 12.36 ? 62  ILE A CB  1 
ATOM   502 C CG1 . ILE A 1 60 ? -9.874  -3.635  -7.792  1.00 15.34 ? 62  ILE A CG1 1 
ATOM   503 C CG2 . ILE A 1 60 ? -9.795  -4.137  -10.253 1.00 14.50 ? 62  ILE A CG2 1 
ATOM   504 C CD1 . ILE A 1 60 ? -10.727 -4.774  -7.281  1.00 16.90 ? 62  ILE A CD1 1 
ATOM   505 N N   . ASP A 1 61 ? -9.229  -0.601  -11.526 1.00 13.59 ? 63  ASP A N   1 
ATOM   506 C CA  . ASP A 1 61 ? -9.554  0.021   -12.806 1.00 14.29 ? 63  ASP A CA  1 
ATOM   507 C C   . ASP A 1 61 ? -9.008  -0.964  -13.829 1.00 15.23 ? 63  ASP A C   1 
ATOM   508 O O   . ASP A 1 61 ? -7.869  -0.844  -14.273 1.00 14.54 ? 63  ASP A O   1 
ATOM   509 C CB  . ASP A 1 61 ? -8.824  1.363   -12.914 1.00 16.51 ? 63  ASP A CB  1 
ATOM   510 C CG  . ASP A 1 61 ? -9.283  2.192   -14.096 1.00 18.04 ? 63  ASP A CG  1 
ATOM   511 O OD1 . ASP A 1 61 ? -9.998  1.658   -14.967 1.00 18.71 ? 63  ASP A OD1 1 
ATOM   512 O OD2 . ASP A 1 61 ? -8.916  3.386   -14.155 1.00 22.14 ? 63  ASP A OD2 1 
ATOM   513 N N   . TYR A 1 62 ? -9.841  -1.937  -14.188 1.00 15.08 ? 64  TYR A N   1 
ATOM   514 C CA  . TYR A 1 62 ? -9.464  -3.005  -15.102 1.00 17.21 ? 64  TYR A CA  1 
ATOM   515 C C   . TYR A 1 62 ? -8.203  -3.691  -14.572 1.00 16.90 ? 64  TYR A C   1 
ATOM   516 O O   . TYR A 1 62 ? -8.222  -4.250  -13.474 1.00 16.13 ? 64  TYR A O   1 
ATOM   517 C CB  . TYR A 1 62 ? -9.255  -2.477  -16.531 1.00 19.22 ? 64  TYR A CB  1 
ATOM   518 C CG  . TYR A 1 62 ? -9.211  -3.571  -17.585 1.00 23.04 ? 64  TYR A CG  1 
ATOM   519 C CD1 . TYR A 1 62 ? -9.792  -4.818  -17.350 1.00 22.64 ? 64  TYR A CD1 1 
ATOM   520 C CD2 . TYR A 1 62 ? -8.596  -3.356  -18.818 1.00 25.02 ? 64  TYR A CD2 1 
ATOM   521 C CE1 . TYR A 1 62 ? -9.757  -5.828  -18.315 1.00 26.18 ? 64  TYR A CE1 1 
ATOM   522 C CE2 . TYR A 1 62 ? -8.558  -4.360  -19.794 1.00 27.02 ? 64  TYR A CE2 1 
ATOM   523 C CZ  . TYR A 1 62 ? -9.139  -5.592  -19.533 1.00 26.40 ? 64  TYR A CZ  1 
ATOM   524 O OH  . TYR A 1 62 ? -9.091  -6.595  -20.480 1.00 29.33 ? 64  TYR A OH  1 
ATOM   525 N N   . LYS A 1 63 ? -7.107  -3.628  -15.322 1.00 16.95 ? 65  LYS A N   1 
ATOM   526 C CA  . LYS A 1 63 ? -5.863  -4.276  -14.910 1.00 16.44 ? 65  LYS A CA  1 
ATOM   527 C C   . LYS A 1 63 ? -4.941  -3.430  -14.029 1.00 15.20 ? 65  LYS A C   1 
ATOM   528 O O   . LYS A 1 63 ? -3.807  -3.827  -13.747 1.00 15.87 ? 65  LYS A O   1 
ATOM   529 C CB  . LYS A 1 63 ? -5.099  -4.756  -16.145 1.00 17.68 ? 65  LYS A CB  1 
ATOM   530 C CG  . LYS A 1 63 ? -5.839  -5.819  -16.940 1.00 19.34 ? 65  LYS A CG  1 
ATOM   531 C CD  . LYS A 1 63 ? -5.082  -6.190  -18.207 1.00 22.60 ? 65  LYS A CD  1 
ATOM   532 C CE  . LYS A 1 63 ? -5.812  -7.281  -18.981 1.00 26.09 ? 65  LYS A CE  1 
ATOM   533 N NZ  . LYS A 1 63 ? -5.102  -7.646  -20.243 1.00 26.37 ? 65  LYS A NZ  1 
ATOM   534 N N   . LEU A 1 64 ? -5.423  -2.273  -13.593 1.00 14.10 ? 66  LEU A N   1 
ATOM   535 C CA  . LEU A 1 64 ? -4.628  -1.403  -12.734 1.00 14.25 ? 66  LEU A CA  1 
ATOM   536 C C   . LEU A 1 64 ? -5.223  -1.341  -11.338 1.00 14.31 ? 66  LEU A C   1 
ATOM   537 O O   . LEU A 1 64 ? -6.349  -0.878  -11.154 1.00 13.73 ? 66  LEU A O   1 
ATOM   538 C CB  . LEU A 1 64 ? -4.553  0.011   -13.315 1.00 16.65 ? 66  LEU A CB  1 
ATOM   539 C CG  . LEU A 1 64 ? -3.734  0.996   -12.473 1.00 18.97 ? 66  LEU A CG  1 
ATOM   540 C CD1 . LEU A 1 64 ? -2.292  0.522   -12.408 1.00 19.45 ? 66  LEU A CD1 1 
ATOM   541 C CD2 . LEU A 1 64 ? -3.817  2.392   -13.065 1.00 23.30 ? 66  LEU A CD2 1 
ATOM   542 N N   . ILE A 1 65 ? -4.460  -1.820  -10.360 1.00 11.67 ? 67  ILE A N   1 
ATOM   543 C CA  . ILE A 1 65 ? -4.895  -1.823  -8.969  1.00 12.19 ? 67  ILE A CA  1 
ATOM   544 C C   . ILE A 1 65 ? -4.174  -0.695  -8.245  1.00 12.22 ? 67  ILE A C   1 
ATOM   545 O O   . ILE A 1 65 ? -2.943  -0.637  -8.257  1.00 13.77 ? 67  ILE A O   1 
ATOM   546 C CB  . ILE A 1 65 ? -4.524  -3.151  -8.259  1.00 12.35 ? 67  ILE A CB  1 
ATOM   547 C CG1 . ILE A 1 65 ? -4.999  -4.359  -9.073  1.00 15.11 ? 67  ILE A CG1 1 
ATOM   548 C CG2 . ILE A 1 65 ? -5.118  -3.171  -6.862  1.00 13.37 ? 67  ILE A CG2 1 
ATOM   549 C CD1 . ILE A 1 65 ? -6.484  -4.427  -9.287  1.00 14.03 ? 67  ILE A CD1 1 
ATOM   550 N N   . THR A 1 66 ? -4.935  0.208   -7.633  1.00 10.49 ? 68  THR A N   1 
ATOM   551 C CA  . THR A 1 66 ? -4.334  1.307   -6.887  1.00 11.01 ? 68  THR A CA  1 
ATOM   552 C C   . THR A 1 66 ? -4.551  1.035   -5.402  1.00 11.32 ? 68  THR A C   1 
ATOM   553 O O   . THR A 1 66 ? -5.668  0.735   -4.972  1.00 12.49 ? 68  THR A O   1 
ATOM   554 C CB  . THR A 1 66 ? -4.960  2.663   -7.268  1.00 11.11 ? 68  THR A CB  1 
ATOM   555 O OG1 . THR A 1 66 ? -4.732  2.924   -8.661  1.00 13.72 ? 68  THR A OG1 1 
ATOM   556 C CG2 . THR A 1 66 ? -4.335  3.781   -6.446  1.00 14.10 ? 68  THR A CG2 1 
ATOM   557 N N   . VAL A 1 67 ? -3.473  1.117   -4.625  1.00 9.18  ? 69  VAL A N   1 
ATOM   558 C CA  . VAL A 1 67 ? -3.534  0.869   -3.184  1.00 9.61  ? 69  VAL A CA  1 
ATOM   559 C C   . VAL A 1 67 ? -3.085  2.123   -2.447  1.00 9.73  ? 69  VAL A C   1 
ATOM   560 O O   . VAL A 1 67 ? -2.029  2.682   -2.754  1.00 12.15 ? 69  VAL A O   1 
ATOM   561 C CB  . VAL A 1 67 ? -2.610  -0.314  -2.788  1.00 8.92  ? 69  VAL A CB  1 
ATOM   562 C CG1 . VAL A 1 67 ? -2.724  -0.583  -1.288  1.00 11.87 ? 69  VAL A CG1 1 
ATOM   563 C CG2 . VAL A 1 67 ? -2.976  -1.561  -3.607  1.00 10.77 ? 69  VAL A CG2 1 
ATOM   564 N N   . LYS A 1 68 ? -3.891  2.564   -1.487  1.00 9.00  ? 70  LYS A N   1 
ATOM   565 C CA  . LYS A 1 68 ? -3.589  3.765   -0.710  1.00 9.76  ? 70  LYS A CA  1 
ATOM   566 C C   . LYS A 1 68 ? -3.584  3.439   0.781   1.00 11.17 ? 70  LYS A C   1 
ATOM   567 O O   . LYS A 1 68 ? -4.564  2.911   1.315   1.00 11.45 ? 70  LYS A O   1 
ATOM   568 C CB  . LYS A 1 68 ? -4.631  4.847   -1.006  1.00 11.00 ? 70  LYS A CB  1 
ATOM   569 C CG  . LYS A 1 68 ? -4.812  5.140   -2.488  1.00 15.01 ? 70  LYS A CG  1 
ATOM   570 C CD  . LYS A 1 68 ? -5.794  6.290   -2.713  1.00 18.14 ? 70  LYS A CD  1 
ATOM   571 C CE  . LYS A 1 68 ? -6.056  6.506   -4.201  1.00 19.54 ? 70  LYS A CE  1 
ATOM   572 N NZ  . LYS A 1 68 ? -6.889  7.721   -4.463  1.00 22.26 ? 70  LYS A NZ  1 
ATOM   573 N N   . LEU A 1 69 ? -2.475  3.755   1.443   1.00 11.19 ? 71  LEU A N   1 
ATOM   574 C CA  . LEU A 1 69 ? -2.321  3.479   2.868   1.00 11.31 ? 71  LEU A CA  1 
ATOM   575 C C   . LEU A 1 69 ? -2.153  4.727   3.722   1.00 11.74 ? 71  LEU A C   1 
ATOM   576 O O   . LEU A 1 69 ? -1.549  5.707   3.301   1.00 12.18 ? 71  LEU A O   1 
ATOM   577 C CB  . LEU A 1 69 ? -1.093  2.593   3.103   1.00 12.73 ? 71  LEU A CB  1 
ATOM   578 C CG  . LEU A 1 69 ? -1.146  1.099   2.792   1.00 12.28 ? 71  LEU A CG  1 
ATOM   579 C CD1 . LEU A 1 69 ? 0.284   0.588   2.626   1.00 13.06 ? 71  LEU A CD1 1 
ATOM   580 C CD2 . LEU A 1 69 ? -1.874  0.349   3.910   1.00 15.07 ? 71  LEU A CD2 1 
ATOM   581 N N   . SER A 1 70 ? -2.700  4.657   4.930   1.00 12.81 ? 72  SER A N   1 
ATOM   582 C CA  . SER A 1 70 ? -2.591  5.716   5.920   1.00 13.04 ? 72  SER A CA  1 
ATOM   583 C C   . SER A 1 70 ? -3.176  5.165   7.214   1.00 13.39 ? 72  SER A C   1 
ATOM   584 O O   . SER A 1 70 ? -3.867  4.141   7.201   1.00 14.71 ? 72  SER A O   1 
ATOM   585 C CB  . SER A 1 70 ? -3.339  6.977   5.481   1.00 13.13 ? 72  SER A CB  1 
ATOM   586 O OG  . SER A 1 70 ? -2.980  8.080   6.305   1.00 16.37 ? 72  SER A OG  1 
ATOM   587 N N   . SER A 1 71 ? -2.885  5.824   8.331   1.00 13.71 ? 73  SER A N   1 
ATOM   588 C CA  . SER A 1 71 ? -3.378  5.392   9.637   1.00 14.57 ? 73  SER A CA  1 
ATOM   589 C C   . SER A 1 71 ? -4.329  6.448   10.187  1.00 15.49 ? 73  SER A C   1 
ATOM   590 O O   . SER A 1 71 ? -3.896  7.477   10.709  1.00 16.52 ? 73  SER A O   1 
ATOM   591 C CB  . SER A 1 71 ? -2.203  5.193   10.601  1.00 15.08 ? 73  SER A CB  1 
ATOM   592 O OG  . SER A 1 71 ? -1.259  4.284   10.059  1.00 18.56 ? 73  SER A OG  1 
ATOM   593 N N   . TRP A 1 72 ? -5.630  6.196   10.078  1.00 15.02 ? 74  TRP A N   1 
ATOM   594 C CA  . TRP A 1 72 ? -6.598  7.176   10.543  1.00 16.72 ? 74  TRP A CA  1 
ATOM   595 C C   . TRP A 1 72 ? -6.499  7.486   12.032  1.00 16.38 ? 74  TRP A C   1 
ATOM   596 O O   . TRP A 1 72 ? -6.703  8.627   12.437  1.00 17.89 ? 74  TRP A O   1 
ATOM   597 C CB  . TRP A 1 72 ? -8.029  6.749   10.182  1.00 16.42 ? 74  TRP A CB  1 
ATOM   598 C CG  . TRP A 1 72 ? -8.574  5.576   10.939  1.00 18.39 ? 74  TRP A CG  1 
ATOM   599 C CD1 . TRP A 1 72 ? -8.400  4.251   10.648  1.00 19.54 ? 74  TRP A CD1 1 
ATOM   600 C CD2 . TRP A 1 72 ? -9.423  5.623   12.093  1.00 18.88 ? 74  TRP A CD2 1 
ATOM   601 N NE1 . TRP A 1 72 ? -9.093  3.472   11.548  1.00 19.15 ? 74  TRP A NE1 1 
ATOM   602 C CE2 . TRP A 1 72 ? -9.727  4.291   12.447  1.00 19.58 ? 74  TRP A CE2 1 
ATOM   603 C CE3 . TRP A 1 72 ? -9.953  6.667   12.863  1.00 21.58 ? 74  TRP A CE3 1 
ATOM   604 C CZ2 . TRP A 1 72 ? -10.544 3.970   13.538  1.00 20.18 ? 74  TRP A CZ2 1 
ATOM   605 C CZ3 . TRP A 1 72 ? -10.766 6.350   13.948  1.00 20.42 ? 74  TRP A CZ3 1 
ATOM   606 C CH2 . TRP A 1 72 ? -11.052 5.011   14.273  1.00 20.17 ? 74  TRP A CH2 1 
ATOM   607 N N   . ARG A 1 73 ? -6.176  6.483   12.841  1.00 18.86 ? 75  ARG A N   1 
ATOM   608 C CA  . ARG A 1 73 ? -6.059  6.693   14.281  1.00 20.05 ? 75  ARG A CA  1 
ATOM   609 C C   . ARG A 1 73 ? -4.865  7.575   14.645  1.00 19.94 ? 75  ARG A C   1 
ATOM   610 O O   . ARG A 1 73 ? -4.896  8.273   15.658  1.00 20.76 ? 75  ARG A O   1 
ATOM   611 C CB  . ARG A 1 73 ? -5.950  5.350   15.012  1.00 22.61 ? 75  ARG A CB  1 
ATOM   612 C CG  . ARG A 1 73 ? -7.219  4.506   14.980  1.00 26.62 ? 75  ARG A CG  1 
ATOM   613 C CD  . ARG A 1 73 ? -7.063  3.240   15.817  1.00 29.93 ? 75  ARG A CD  1 
ATOM   614 N NE  . ARG A 1 73 ? -8.307  2.476   15.910  1.00 34.19 ? 75  ARG A NE  1 
ATOM   615 C CZ  . ARG A 1 73 ? -9.390  2.877   16.570  1.00 35.22 ? 75  ARG A CZ  1 
ATOM   616 N NH1 . ARG A 1 73 ? -9.396  4.043   17.205  1.00 37.12 ? 75  ARG A NH1 1 
ATOM   617 N NH2 . ARG A 1 73 ? -10.474 2.112   16.597  1.00 35.79 ? 75  ARG A NH2 1 
ATOM   618 N N   . ALA A 1 74 ? -3.821  7.543   13.822  1.00 18.79 ? 76  ALA A N   1 
ATOM   619 C CA  . ALA A 1 74 ? -2.622  8.344   14.073  1.00 18.93 ? 76  ALA A CA  1 
ATOM   620 C C   . ALA A 1 74 ? -2.656  9.669   13.329  1.00 18.25 ? 76  ALA A C   1 
ATOM   621 O O   . ALA A 1 74 ? -1.766  10.506  13.497  1.00 18.30 ? 76  ALA A O   1 
ATOM   622 C CB  . ALA A 1 74 ? -1.379  7.553   13.666  1.00 18.95 ? 76  ALA A CB  1 
ATOM   623 N N   . LYS A 1 75 ? -3.681  9.839   12.496  1.00 16.54 ? 77  LYS A N   1 
ATOM   624 C CA  . LYS A 1 75 ? -3.877  11.044  11.704  1.00 17.28 ? 77  LYS A CA  1 
ATOM   625 C C   . LYS A 1 75 ? -2.741  11.311  10.730  1.00 16.24 ? 77  LYS A C   1 
ATOM   626 O O   . LYS A 1 75 ? -2.302  12.441  10.522  1.00 18.64 ? 77  LYS A O   1 
ATOM   627 C CB  . LYS A 1 75 ? -4.038  12.208  12.655  1.00 19.07 ? 77  LYS A CB  1 
ATOM   628 C CG  . LYS A 1 75 ? -5.144  11.926  13.657  1.00 20.89 ? 77  LYS A CG  1 
ATOM   629 C CD  . LYS A 1 75 ? -5.726  13.132  14.347  1.00 20.80 ? 77  LYS A CD  1 
ATOM   630 C CE  . LYS A 1 75 ? -6.617  12.674  15.532  1.00 17.55 ? 77  LYS A CE  1 
ATOM   631 N NZ  . LYS A 1 75 ? -7.978  12.268  15.061  1.00 15.44 ? 77  LYS A NZ  1 
ATOM   632 N N   . GLY A 1 76 ? -2.270  10.212  10.165  1.00 16.06 ? 78  GLY A N   1 
ATOM   633 C CA  . GLY A 1 76 ? -1.191  10.272  9.199   1.00 16.30 ? 78  GLY A CA  1 
ATOM   634 C C   . GLY A 1 76 ? -0.534  8.928   8.984   1.00 14.34 ? 78  GLY A C   1 
ATOM   635 O O   . GLY A 1 76 ? -1.108  7.873   9.260   1.00 15.68 ? 78  GLY A O   1 
ATOM   636 N N   . LEU A 1 77 ? 0.693   8.975   8.487   1.00 14.12 ? 79  LEU A N   1 
ATOM   637 C CA  . LEU A 1 77 ? 1.435   7.758   8.219   1.00 15.83 ? 79  LEU A CA  1 
ATOM   638 C C   . LEU A 1 77 ? 2.165   7.236   9.449   1.00 16.52 ? 79  LEU A C   1 
ATOM   639 O O   . LEU A 1 77 ? 2.663   8.006   10.274  1.00 18.57 ? 79  LEU A O   1 
ATOM   640 C CB  . LEU A 1 77 ? 2.435   8.009   7.095   1.00 15.50 ? 79  LEU A CB  1 
ATOM   641 C CG  . LEU A 1 77 ? 1.792   8.332   5.747   1.00 15.28 ? 79  LEU A CG  1 
ATOM   642 C CD1 . LEU A 1 77 ? 2.792   9.008   4.820   1.00 16.07 ? 79  LEU A CD1 1 
ATOM   643 C CD2 . LEU A 1 77 ? 1.259   7.042   5.139   1.00 16.35 ? 79  LEU A CD2 1 
ATOM   644 N N   . THR A 1 78 ? 2.207   5.917   9.565   1.00 17.13 ? 80  THR A N   1 
ATOM   645 C CA  . THR A 1 78 ? 2.895   5.257   10.665  1.00 17.83 ? 80  THR A CA  1 
ATOM   646 C C   . THR A 1 78 ? 3.841   4.233   10.066  1.00 18.32 ? 80  THR A C   1 
ATOM   647 O O   . THR A 1 78 ? 3.784   3.949   8.870   1.00 17.05 ? 80  THR A O   1 
ATOM   648 C CB  . THR A 1 78 ? 1.913   4.528   11.612  1.00 19.18 ? 80  THR A CB  1 
ATOM   649 O OG1 . THR A 1 78 ? 1.192   3.521   10.886  1.00 20.33 ? 80  THR A OG1 1 
ATOM   650 C CG2 . THR A 1 78 ? 0.938   5.515   12.221  1.00 18.77 ? 80  THR A CG2 1 
ATOM   651 N N   . LYS A 1 79 ? 4.720   3.684   10.894  1.00 18.73 ? 81  LYS A N   1 
ATOM   652 C CA  . LYS A 1 79 ? 5.654   2.679   10.420  1.00 19.52 ? 81  LYS A CA  1 
ATOM   653 C C   . LYS A 1 79 ? 4.890   1.502   9.813   1.00 19.10 ? 81  LYS A C   1 
ATOM   654 O O   . LYS A 1 79 ? 5.327   0.919   8.819   1.00 18.75 ? 81  LYS A O   1 
ATOM   655 C CB  . LYS A 1 79 ? 6.530   2.198   11.581  1.00 23.04 ? 81  LYS A CB  1 
ATOM   656 C CG  . LYS A 1 79 ? 7.516   1.104   11.210  1.00 26.75 ? 81  LYS A CG  1 
ATOM   657 C CD  . LYS A 1 79 ? 8.533   1.577   10.190  1.00 28.94 ? 81  LYS A CD  1 
ATOM   658 C CE  . LYS A 1 79 ? 9.535   0.476   9.884   1.00 31.06 ? 81  LYS A CE  1 
ATOM   659 N NZ  . LYS A 1 79 ? 10.590  0.908   8.931   1.00 31.93 ? 81  LYS A NZ  1 
ATOM   660 N N   . LEU A 1 80 ? 3.745   1.167   10.407  1.00 19.12 ? 82  LEU A N   1 
ATOM   661 C CA  . LEU A 1 80 ? 2.927   0.058   9.924   1.00 17.90 ? 82  LEU A CA  1 
ATOM   662 C C   . LEU A 1 80 ? 2.533   0.238   8.464   1.00 16.39 ? 82  LEU A C   1 
ATOM   663 O O   . LEU A 1 80 ? 2.484   -0.731  7.710   1.00 15.90 ? 82  LEU A O   1 
ATOM   664 C CB  . LEU A 1 80 ? 1.672   -0.104  10.785  1.00 16.86 ? 82  LEU A CB  1 
ATOM   665 C CG  . LEU A 1 80 ? 0.697   -1.218  10.385  1.00 18.91 ? 82  LEU A CG  1 
ATOM   666 C CD1 . LEU A 1 80 ? 1.416   -2.556  10.291  1.00 19.06 ? 82  LEU A CD1 1 
ATOM   667 C CD2 . LEU A 1 80 ? -0.422  -1.283  11.405  1.00 22.25 ? 82  LEU A CD2 1 
ATOM   668 N N   . ASP A 1 81 ? 2.240   1.470   8.063   1.00 16.06 ? 83  ASP A N   1 
ATOM   669 C CA  . ASP A 1 81 ? 1.876   1.723   6.670   1.00 15.47 ? 83  ASP A CA  1 
ATOM   670 C C   . ASP A 1 81 ? 3.011   1.303   5.746   1.00 15.70 ? 83  ASP A C   1 
ATOM   671 O O   . ASP A 1 81 ? 2.785   0.646   4.735   1.00 14.66 ? 83  ASP A O   1 
ATOM   672 C CB  . ASP A 1 81 ? 1.571   3.204   6.446   1.00 15.52 ? 83  ASP A CB  1 
ATOM   673 C CG  . ASP A 1 81 ? 0.271   3.632   7.085   1.00 15.17 ? 83  ASP A CG  1 
ATOM   674 O OD1 . ASP A 1 81 ? -0.760  2.996   6.799   1.00 14.65 ? 83  ASP A OD1 1 
ATOM   675 O OD2 . ASP A 1 81 ? 0.275   4.606   7.866   1.00 16.01 ? 83  ASP A OD2 1 
ATOM   676 N N   . PHE A 1 82 ? 4.236   1.685   6.092   1.00 14.07 ? 84  PHE A N   1 
ATOM   677 C CA  . PHE A 1 82 ? 5.379   1.330   5.266   1.00 15.47 ? 84  PHE A CA  1 
ATOM   678 C C   . PHE A 1 82 ? 5.701   -0.160  5.350   1.00 16.41 ? 84  PHE A C   1 
ATOM   679 O O   . PHE A 1 82 ? 6.211   -0.741  4.394   1.00 16.14 ? 84  PHE A O   1 
ATOM   680 C CB  . PHE A 1 82 ? 6.582   2.196   5.653   1.00 15.30 ? 84  PHE A CB  1 
ATOM   681 C CG  . PHE A 1 82 ? 6.477   3.610   5.150   1.00 14.80 ? 84  PHE A CG  1 
ATOM   682 C CD1 . PHE A 1 82 ? 6.785   3.917   3.827   1.00 13.99 ? 84  PHE A CD1 1 
ATOM   683 C CD2 . PHE A 1 82 ? 6.003   4.625   5.978   1.00 14.90 ? 84  PHE A CD2 1 
ATOM   684 C CE1 . PHE A 1 82 ? 6.620   5.213   3.329   1.00 14.04 ? 84  PHE A CE1 1 
ATOM   685 C CE2 . PHE A 1 82 ? 5.835   5.922   5.493   1.00 14.68 ? 84  PHE A CE2 1 
ATOM   686 C CZ  . PHE A 1 82 ? 6.142   6.216   4.166   1.00 15.63 ? 84  PHE A CZ  1 
ATOM   687 N N   . ASP A 1 83 ? 5.393   -0.781  6.484   1.00 17.02 ? 85  ASP A N   1 
ATOM   688 C CA  . ASP A 1 83 ? 5.631   -2.212  6.625   1.00 18.28 ? 85  ASP A CA  1 
ATOM   689 C C   . ASP A 1 83 ? 4.661   -2.963  5.718   1.00 17.28 ? 85  ASP A C   1 
ATOM   690 O O   . ASP A 1 83 ? 5.046   -3.911  5.033   1.00 16.27 ? 85  ASP A O   1 
ATOM   691 C CB  . ASP A 1 83 ? 5.437   -2.663  8.074   1.00 20.10 ? 85  ASP A CB  1 
ATOM   692 C CG  . ASP A 1 83 ? 6.524   -2.152  8.993   1.00 25.60 ? 85  ASP A CG  1 
ATOM   693 O OD1 . ASP A 1 83 ? 7.670   -1.992  8.524   1.00 26.74 ? 85  ASP A OD1 1 
ATOM   694 O OD2 . ASP A 1 83 ? 6.236   -1.925  10.188  1.00 29.06 ? 85  ASP A OD2 1 
ATOM   695 N N   . LEU A 1 84 ? 3.402   -2.528  5.709   1.00 16.67 ? 86  LEU A N   1 
ATOM   696 C CA  . LEU A 1 84 ? 2.389   -3.160  4.872   1.00 15.47 ? 86  LEU A CA  1 
ATOM   697 C C   . LEU A 1 84 ? 2.705   -2.931  3.400   1.00 13.51 ? 86  LEU A C   1 
ATOM   698 O O   . LEU A 1 84 ? 2.484   -3.805  2.563   1.00 16.11 ? 86  LEU A O   1 
ATOM   699 C CB  . LEU A 1 84 ? 0.998   -2.610  5.201   1.00 15.02 ? 86  LEU A CB  1 
ATOM   700 C CG  . LEU A 1 84 ? 0.379   -3.155  6.491   1.00 14.38 ? 86  LEU A CG  1 
ATOM   701 C CD1 . LEU A 1 84 ? -0.862  -2.355  6.859   1.00 14.75 ? 86  LEU A CD1 1 
ATOM   702 C CD2 . LEU A 1 84 ? 0.039   -4.625  6.310   1.00 16.05 ? 86  LEU A CD2 1 
ATOM   703 N N   . ALA A 1 85 ? 3.237   -1.753  3.091   1.00 14.20 ? 87  ALA A N   1 
ATOM   704 C CA  . ALA A 1 85 ? 3.596   -1.423  1.719   1.00 13.65 ? 87  ALA A CA  1 
ATOM   705 C C   . ALA A 1 85 ? 4.610   -2.450  1.208   1.00 15.12 ? 87  ALA A C   1 
ATOM   706 O O   . ALA A 1 85 ? 4.512   -2.924  0.074   1.00 14.30 ? 87  ALA A O   1 
ATOM   707 C CB  . ALA A 1 85 ? 4.181   -0.022  1.655   1.00 15.03 ? 87  ALA A CB  1 
ATOM   708 N N   . LYS A 1 86 ? 5.581   -2.793  2.050   1.00 15.15 ? 88  LYS A N   1 
ATOM   709 C CA  . LYS A 1 86 ? 6.585   -3.779  1.670   1.00 16.50 ? 88  LYS A CA  1 
ATOM   710 C C   . LYS A 1 86 ? 5.957   -5.162  1.544   1.00 15.85 ? 88  LYS A C   1 
ATOM   711 O O   . LYS A 1 86 ? 6.318   -5.932  0.650   1.00 14.85 ? 88  LYS A O   1 
ATOM   712 C CB  . LYS A 1 86 ? 7.730   -3.821  2.689   1.00 19.58 ? 88  LYS A CB  1 
ATOM   713 C CG  . LYS A 1 86 ? 8.681   -2.646  2.582   1.00 23.99 ? 88  LYS A CG  1 
ATOM   714 C CD  . LYS A 1 86 ? 10.019  -2.961  3.232   1.00 29.19 ? 88  LYS A CD  1 
ATOM   715 C CE  . LYS A 1 86 ? 11.017  -1.838  2.991   1.00 32.37 ? 88  LYS A CE  1 
ATOM   716 N NZ  . LYS A 1 86 ? 12.382  -2.180  3.482   1.00 34.80 ? 88  LYS A NZ  1 
ATOM   717 N N   . GLN A 1 87 ? 5.018   -5.478  2.433   1.00 15.63 ? 89  GLN A N   1 
ATOM   718 C CA  . GLN A 1 87 ? 4.342   -6.770  2.392   1.00 16.18 ? 89  GLN A CA  1 
ATOM   719 C C   . GLN A 1 87 ? 3.537   -6.897  1.105   1.00 15.26 ? 89  GLN A C   1 
ATOM   720 O O   . GLN A 1 87 ? 3.507   -7.962  0.484   1.00 14.80 ? 89  GLN A O   1 
ATOM   721 C CB  . GLN A 1 87 ? 3.418   -6.933  3.602   1.00 17.87 ? 89  GLN A CB  1 
ATOM   722 C CG  . GLN A 1 87 ? 4.157   -7.078  4.928   1.00 21.17 ? 89  GLN A CG  1 
ATOM   723 C CD  . GLN A 1 87 ? 3.215   -7.131  6.115   1.00 22.92 ? 89  GLN A CD  1 
ATOM   724 O OE1 . GLN A 1 87 ? 2.306   -7.958  6.161   1.00 25.40 ? 89  GLN A OE1 1 
ATOM   725 N NE2 . GLN A 1 87 ? 3.428   -6.244  7.084   1.00 27.29 ? 89  GLN A NE2 1 
ATOM   726 N N   . TYR A 1 88 ? 2.878   -5.815  0.698   1.00 15.06 ? 90  TYR A N   1 
ATOM   727 C CA  . TYR A 1 88 ? 2.109   -5.861  -0.535  1.00 14.17 ? 90  TYR A CA  1 
ATOM   728 C C   . TYR A 1 88 ? 3.077   -6.007  -1.712  1.00 14.60 ? 90  TYR A C   1 
ATOM   729 O O   . TYR A 1 88 ? 2.795   -6.733  -2.667  1.00 14.84 ? 90  TYR A O   1 
ATOM   730 C CB  . TYR A 1 88 ? 1.271   -4.585  -0.732  1.00 14.23 ? 90  TYR A CB  1 
ATOM   731 C CG  . TYR A 1 88 ? 0.272   -4.247  0.360   1.00 13.58 ? 90  TYR A CG  1 
ATOM   732 C CD1 . TYR A 1 88 ? -0.222  -5.215  1.240   1.00 12.66 ? 90  TYR A CD1 1 
ATOM   733 C CD2 . TYR A 1 88 ? -0.199  -2.939  0.494   1.00 12.66 ? 90  TYR A CD2 1 
ATOM   734 C CE1 . TYR A 1 88 ? -1.168  -4.879  2.232   1.00 12.47 ? 90  TYR A CE1 1 
ATOM   735 C CE2 . TYR A 1 88 ? -1.129  -2.597  1.464   1.00 12.80 ? 90  TYR A CE2 1 
ATOM   736 C CZ  . TYR A 1 88 ? -1.612  -3.564  2.331   1.00 12.32 ? 90  TYR A CZ  1 
ATOM   737 O OH  . TYR A 1 88 ? -2.527  -3.198  3.293   1.00 14.18 ? 90  TYR A OH  1 
ATOM   738 N N   . ASP A 1 89 ? 4.212   -5.313  -1.649  1.00 15.02 ? 91  ASP A N   1 
ATOM   739 C CA  . ASP A 1 89 ? 5.201   -5.395  -2.719  1.00 15.55 ? 91  ASP A CA  1 
ATOM   740 C C   . ASP A 1 89 ? 5.659   -6.837  -2.878  1.00 15.45 ? 91  ASP A C   1 
ATOM   741 O O   . ASP A 1 89 ? 5.841   -7.318  -3.992  1.00 15.20 ? 91  ASP A O   1 
ATOM   742 C CB  . ASP A 1 89 ? 6.432   -4.532  -2.422  1.00 16.25 ? 91  ASP A CB  1 
ATOM   743 C CG  . ASP A 1 89 ? 6.170   -3.052  -2.575  1.00 16.16 ? 91  ASP A CG  1 
ATOM   744 O OD1 . ASP A 1 89 ? 5.188   -2.669  -3.252  1.00 14.68 ? 91  ASP A OD1 1 
ATOM   745 O OD2 . ASP A 1 89 ? 6.968   -2.263  -2.027  1.00 18.48 ? 91  ASP A OD2 1 
ATOM   746 N N   . GLU A 1 90 ? 5.844   -7.517  -1.747  1.00 16.41 ? 92  GLU A N   1 
ATOM   747 C CA  . GLU A 1 90 ? 6.292   -8.907  -1.748  1.00 18.70 ? 92  GLU A CA  1 
ATOM   748 C C   . GLU A 1 90 ? 5.288   -9.813  -2.451  1.00 18.19 ? 92  GLU A C   1 
ATOM   749 O O   . GLU A 1 90 ? 5.670   -10.678 -3.240  1.00 18.63 ? 92  GLU A O   1 
ATOM   750 C CB  . GLU A 1 90 ? 6.504   -9.391  -0.312  1.00 21.10 ? 92  GLU A CB  1 
ATOM   751 C CG  . GLU A 1 90 ? 7.022   -10.825 -0.201  1.00 28.49 ? 92  GLU A CG  1 
ATOM   752 C CD  . GLU A 1 90 ? 8.424   -10.992 -0.764  1.00 34.59 ? 92  GLU A CD  1 
ATOM   753 O OE1 . GLU A 1 90 ? 9.083   -9.964  -1.031  1.00 39.02 ? 92  GLU A OE1 1 
ATOM   754 O OE2 . GLU A 1 90 ? 8.875   -12.150 -0.932  1.00 39.45 ? 92  GLU A OE2 1 
ATOM   755 N N   . VAL A 1 91 ? 4.004   -9.613  -2.160  1.00 17.52 ? 93  VAL A N   1 
ATOM   756 C CA  . VAL A 1 91 ? 2.956   -10.412 -2.786  1.00 17.35 ? 93  VAL A CA  1 
ATOM   757 C C   . VAL A 1 91 ? 3.021   -10.204 -4.296  1.00 17.87 ? 93  VAL A C   1 
ATOM   758 O O   . VAL A 1 91 ? 3.007   -11.163 -5.072  1.00 17.87 ? 93  VAL A O   1 
ATOM   759 C CB  . VAL A 1 91 ? 1.546   -10.002 -2.290  1.00 17.57 ? 93  VAL A CB  1 
ATOM   760 C CG1 . VAL A 1 91 ? 0.487   -10.791 -3.035  1.00 18.72 ? 93  VAL A CG1 1 
ATOM   761 C CG2 . VAL A 1 91 ? 1.423   -10.241 -0.791  1.00 19.47 ? 93  VAL A CG2 1 
ATOM   762 N N   . TYR A 1 92 ? 3.103   -8.942  -4.706  1.00 17.43 ? 94  TYR A N   1 
ATOM   763 C CA  . TYR A 1 92 ? 3.165   -8.590  -6.115  1.00 17.84 ? 94  TYR A CA  1 
ATOM   764 C C   . TYR A 1 92 ? 4.358   -9.237  -6.810  1.00 19.92 ? 94  TYR A C   1 
ATOM   765 O O   . TYR A 1 92 ? 4.233   -9.770  -7.913  1.00 20.35 ? 94  TYR A O   1 
ATOM   766 C CB  . TYR A 1 92 ? 3.259   -7.070  -6.275  1.00 18.42 ? 94  TYR A CB  1 
ATOM   767 C CG  . TYR A 1 92 ? 3.240   -6.610  -7.713  1.00 17.75 ? 94  TYR A CG  1 
ATOM   768 C CD1 . TYR A 1 92 ? 2.059   -6.631  -8.454  1.00 18.73 ? 94  TYR A CD1 1 
ATOM   769 C CD2 . TYR A 1 92 ? 4.402   -6.160  -8.338  1.00 19.97 ? 94  TYR A CD2 1 
ATOM   770 C CE1 . TYR A 1 92 ? 2.033   -6.214  -9.780  1.00 20.48 ? 94  TYR A CE1 1 
ATOM   771 C CE2 . TYR A 1 92 ? 4.388   -5.740  -9.668  1.00 21.19 ? 94  TYR A CE2 1 
ATOM   772 C CZ  . TYR A 1 92 ? 3.198   -5.771  -10.382 1.00 21.26 ? 94  TYR A CZ  1 
ATOM   773 O OH  . TYR A 1 92 ? 3.172   -5.351  -11.692 1.00 23.58 ? 94  TYR A OH  1 
ATOM   774 N N   . ASN A 1 93 ? 5.518   -9.185  -6.164  1.00 21.71 ? 95  ASN A N   1 
ATOM   775 C CA  . ASN A 1 93 ? 6.724   -9.760  -6.745  1.00 24.40 ? 95  ASN A CA  1 
ATOM   776 C C   . ASN A 1 93 ? 6.650   -11.277 -6.867  1.00 25.30 ? 95  ASN A C   1 
ATOM   777 O O   . ASN A 1 93 ? 7.176   -11.851 -7.819  1.00 26.03 ? 95  ASN A O   1 
ATOM   778 C CB  . ASN A 1 93 ? 7.952   -9.355  -5.930  1.00 25.67 ? 95  ASN A CB  1 
ATOM   779 C CG  . ASN A 1 93 ? 8.219   -7.862  -5.985  1.00 27.94 ? 95  ASN A CG  1 
ATOM   780 O OD1 . ASN A 1 93 ? 8.100   -7.239  -7.041  1.00 30.11 ? 95  ASN A OD1 1 
ATOM   781 N ND2 . ASN A 1 93 ? 8.591   -7.281  -4.850  1.00 30.81 ? 95  ASN A ND2 1 
ATOM   782 N N   . GLN A 1 94 ? 6.000   -11.926 -5.908  1.00 24.92 ? 96  GLN A N   1 
ATOM   783 C CA  . GLN A 1 94 ? 5.861   -13.380 -5.947  1.00 26.91 ? 96  GLN A CA  1 
ATOM   784 C C   . GLN A 1 94 ? 4.941   -13.784 -7.093  1.00 27.66 ? 96  GLN A C   1 
ATOM   785 O O   . GLN A 1 94 ? 5.216   -14.742 -7.817  1.00 27.13 ? 96  GLN A O   1 
ATOM   786 C CB  . GLN A 1 94 ? 5.297   -13.903 -4.623  1.00 28.96 ? 96  GLN A CB  1 
ATOM   787 C CG  . GLN A 1 94 ? 6.248   -13.771 -3.439  1.00 33.21 ? 96  GLN A CG  1 
ATOM   788 C CD  . GLN A 1 94 ? 7.516   -14.590 -3.613  1.00 35.69 ? 96  GLN A CD  1 
ATOM   789 O OE1 . GLN A 1 94 ? 7.464   -15.812 -3.761  1.00 37.33 ? 96  GLN A OE1 1 
ATOM   790 N NE2 . GLN A 1 94 ? 8.663   -13.918 -3.596  1.00 36.90 ? 96  GLN A NE2 1 
ATOM   791 N N   . MET A 1 95 ? 3.850   -13.043 -7.261  1.00 26.75 ? 97  MET A N   1 
ATOM   792 C CA  . MET A 1 95 ? 2.890   -13.326 -8.320  1.00 27.21 ? 97  MET A CA  1 
ATOM   793 C C   . MET A 1 95 ? 3.477   -13.071 -9.705  1.00 30.12 ? 97  MET A C   1 
ATOM   794 O O   . MET A 1 95 ? 3.230   -13.831 -10.642 1.00 30.47 ? 97  MET A O   1 
ATOM   795 C CB  . MET A 1 95 ? 1.624   -12.483 -8.127  1.00 23.37 ? 97  MET A CB  1 
ATOM   796 C CG  . MET A 1 95 ? 0.797   -12.880 -6.908  1.00 20.84 ? 97  MET A CG  1 
ATOM   797 S SD  . MET A 1 95 ? -0.719  -11.891 -6.715  1.00 15.08 ? 97  MET A SD  1 
ATOM   798 C CE  . MET A 1 95 ? -1.778  -12.655 -7.953  1.00 20.61 ? 97  MET A CE  1 
ATOM   799 N N   . LYS A 1 96 ? 4.258   -12.004 -9.834  1.00 32.75 ? 98  LYS A N   1 
ATOM   800 C CA  . LYS A 1 96 ? 4.866   -11.667 -11.114 1.00 35.90 ? 98  LYS A CA  1 
ATOM   801 C C   . LYS A 1 96 ? 5.958   -12.674 -11.467 1.00 36.50 ? 98  LYS A C   1 
ATOM   802 O O   . LYS A 1 96 ? 6.350   -13.453 -10.573 1.00 37.40 ? 98  LYS A O   1 
ATOM   803 C CB  . LYS A 1 96 ? 5.451   -10.251 -11.062 1.00 37.39 ? 98  LYS A CB  1 
ATOM   804 C CG  . LYS A 1 96 ? 6.052   -9.774  -12.375 1.00 39.83 ? 98  LYS A CG  1 
ATOM   805 C CD  . LYS A 1 96 ? 6.403   -8.292  -12.332 1.00 41.32 ? 98  LYS A CD  1 
ATOM   806 C CE  . LYS A 1 96 ? 7.450   -7.985  -11.273 1.00 42.22 ? 98  LYS A CE  1 
ATOM   807 N NZ  . LYS A 1 96 ? 7.821   -6.542  -11.274 1.00 43.19 ? 98  LYS A NZ  1 
HETATM 808 O O   . HOH B 2 .  ? 6.700   10.746  -3.245  1.00 7.62  ? 104 HOH A O   1 
HETATM 809 O O   . HOH B 2 .  ? -0.812  -10.710 -14.228 1.00 21.40 ? 105 HOH A O   1 
HETATM 810 O O   . HOH B 2 .  ? -7.085  -6.419  -12.243 1.00 19.19 ? 106 HOH A O   1 
HETATM 811 O O   . HOH B 2 .  ? -9.676  -2.100  1.047   1.00 18.08 ? 107 HOH A O   1 
HETATM 812 O O   . HOH B 2 .  ? -6.895  1.677   -9.961  1.00 15.98 ? 108 HOH A O   1 
HETATM 813 O O   . HOH B 2 .  ? 9.325   9.246   -2.623  1.00 18.67 ? 109 HOH A O   1 
HETATM 814 O O   . HOH B 2 .  ? -4.225  17.811  -1.856  1.00 22.09 ? 110 HOH A O   1 
HETATM 815 O O   . HOH B 2 .  ? -6.449  12.362  4.967   1.00 18.11 ? 111 HOH A O   1 
HETATM 816 O O   . HOH B 2 .  ? 7.859   0.107   -8.065  1.00 25.36 ? 112 HOH A O   1 
HETATM 817 O O   . HOH B 2 .  ? 3.004   3.614   -8.473  1.00 18.84 ? 113 HOH A O   1 
HETATM 818 O O   . HOH B 2 .  ? 8.053   -0.597  0.008   1.00 24.03 ? 114 HOH A O   1 
HETATM 819 O O   . HOH B 2 .  ? -6.312  3.762   8.302   1.00 19.42 ? 115 HOH A O   1 
HETATM 820 O O   . HOH B 2 .  ? 7.842   0.661   2.605   1.00 19.00 ? 116 HOH A O   1 
HETATM 821 O O   . HOH B 2 .  ? -5.075  3.654   12.147  1.00 23.41 ? 117 HOH A O   1 
HETATM 822 O O   . HOH B 2 .  ? 1.285   6.219   -7.017  1.00 21.22 ? 118 HOH A O   1 
HETATM 823 O O   . HOH B 2 .  ? 6.678   16.853  10.791  1.00 24.92 ? 119 HOH A O   1 
HETATM 824 O O   . HOH B 2 .  ? -12.402 -14.130 -1.184  1.00 26.84 ? 120 HOH A O   1 
HETATM 825 O O   . HOH B 2 .  ? 10.293  2.230   3.082   1.00 24.99 ? 121 HOH A O   1 
HETATM 826 O O   . HOH B 2 .  ? -4.570  2.219   5.298   1.00 23.82 ? 122 HOH A O   1 
HETATM 827 O O   . HOH B 2 .  ? -6.098  15.699  -2.303  1.00 30.68 ? 123 HOH A O   1 
HETATM 828 O O   . HOH B 2 .  ? 8.969   -6.223  -0.248  1.00 23.01 ? 124 HOH A O   1 
HETATM 829 O O   . HOH B 2 .  ? -12.062 -12.608 1.006   1.00 23.25 ? 125 HOH A O   1 
HETATM 830 O O   . HOH B 2 .  ? 5.541   16.811  0.346   1.00 34.59 ? 126 HOH A O   1 
HETATM 831 O O   . HOH B 2 .  ? 0.731   15.229  -0.980  1.00 23.51 ? 127 HOH A O   1 
HETATM 832 O O   . HOH B 2 .  ? 3.394   1.743   13.327  1.00 26.07 ? 128 HOH A O   1 
HETATM 833 O O   . HOH B 2 .  ? -4.590  16.851  1.063   1.00 29.17 ? 129 HOH A O   1 
HETATM 834 O O   . HOH B 2 .  ? 17.907  15.208  5.671   1.00 27.42 ? 130 HOH A O   1 
HETATM 835 O O   . HOH B 2 .  ? 7.394   9.523   14.902  1.00 29.16 ? 131 HOH A O   1 
HETATM 836 O O   . HOH B 2 .  ? -3.162  -2.341  13.843  1.00 34.27 ? 132 HOH A O   1 
HETATM 837 O O   . HOH B 2 .  ? 4.813   4.439   13.707  1.00 32.09 ? 133 HOH A O   1 
HETATM 838 O O   . HOH B 2 .  ? 3.005   -2.264  -11.846 1.00 25.83 ? 134 HOH A O   1 
HETATM 839 O O   . HOH B 2 .  ? -7.041  -12.337 7.385   1.00 33.72 ? 135 HOH A O   1 
HETATM 840 O O   . HOH B 2 .  ? 16.427  11.338  4.822   1.00 25.69 ? 136 HOH A O   1 
HETATM 841 O O   . HOH B 2 .  ? -6.837  1.122   8.918   1.00 21.29 ? 137 HOH A O   1 
HETATM 842 O O   . HOH B 2 .  ? 6.886   16.144  2.653   1.00 35.36 ? 138 HOH A O   1 
HETATM 843 O O   . HOH B 2 .  ? 6.016   -2.971  -7.988  1.00 28.12 ? 139 HOH A O   1 
HETATM 844 O O   . HOH B 2 .  ? 12.285  7.179   8.836   1.00 24.35 ? 140 HOH A O   1 
HETATM 845 O O   . HOH B 2 .  ? 1.470   11.995  7.555   1.00 31.45 ? 141 HOH A O   1 
HETATM 846 O O   . HOH B 2 .  ? -9.224  -12.063 1.313   1.00 24.57 ? 142 HOH A O   1 
HETATM 847 O O   . HOH B 2 .  ? 2.747   10.859  9.298   1.00 25.02 ? 143 HOH A O   1 
HETATM 848 O O   . HOH B 2 .  ? -8.532  5.074   -7.383  1.00 29.29 ? 144 HOH A O   1 
HETATM 849 O O   . HOH B 2 .  ? 0.399   -12.461 -11.772 1.00 38.64 ? 145 HOH A O   1 
HETATM 850 O O   . HOH B 2 .  ? 7.755   10.100  -6.027  1.00 26.67 ? 146 HOH A O   1 
HETATM 851 O O   . HOH B 2 .  ? 15.326  11.154  2.217   1.00 26.37 ? 147 HOH A O   1 
HETATM 852 O O   . HOH B 2 .  ? -1.944  -3.946  -18.041 1.00 28.81 ? 148 HOH A O   1 
HETATM 853 O O   . HOH B 2 .  ? 18.779  12.428  5.863   1.00 34.69 ? 149 HOH A O   1 
HETATM 854 O O   . HOH B 2 .  ? -8.963  -14.595 2.461   1.00 29.75 ? 150 HOH A O   1 
HETATM 855 O O   . HOH B 2 .  ? -7.316  4.004   -11.515 1.00 25.77 ? 151 HOH A O   1 
HETATM 856 O O   . HOH B 2 .  ? -7.077  15.601  1.392   1.00 30.72 ? 152 HOH A O   1 
HETATM 857 O O   . HOH B 2 .  ? -2.792  9.600   -6.058  1.00 39.98 ? 153 HOH A O   1 
HETATM 858 O O   . HOH B 2 .  ? 9.249   4.880   -7.870  1.00 34.52 ? 154 HOH A O   1 
HETATM 859 O O   . HOH B 2 .  ? 8.992   2.374   -9.261  1.00 44.78 ? 155 HOH A O   1 
HETATM 860 O O   . HOH B 2 .  ? 4.145   -10.414 1.793   1.00 24.70 ? 156 HOH A O   1 
HETATM 861 O O   . HOH B 2 .  ? -14.476 -7.371  9.028   1.00 28.33 ? 157 HOH A O   1 
HETATM 862 O O   . HOH B 2 .  ? 12.036  13.432  12.635  1.00 30.46 ? 158 HOH A O   1 
HETATM 863 O O   . HOH B 2 .  ? -1.830  17.018  -3.605  1.00 33.68 ? 159 HOH A O   1 
HETATM 864 O O   . HOH B 2 .  ? 14.124  10.966  9.770   1.00 40.60 ? 160 HOH A O   1 
HETATM 865 O O   . HOH B 2 .  ? 13.406  18.182  1.834   1.00 42.41 ? 161 HOH A O   1 
HETATM 866 O O   . HOH B 2 .  ? 7.912   -3.906  -9.551  1.00 40.30 ? 162 HOH A O   1 
HETATM 867 O O   . HOH B 2 .  ? -6.281  9.366   0.069   1.00 31.41 ? 163 HOH A O   1 
HETATM 868 O O   . HOH B 2 .  ? 6.800   14.031  4.289   1.00 31.81 ? 164 HOH A O   1 
HETATM 869 O O   . HOH B 2 .  ? -9.871  9.983   3.148   1.00 26.84 ? 165 HOH A O   1 
HETATM 870 O O   . HOH B 2 .  ? 13.696  -2.439  8.987   1.00 30.76 ? 166 HOH A O   1 
HETATM 871 O O   . HOH B 2 .  ? -2.710  3.661   13.956  1.00 29.13 ? 167 HOH A O   1 
HETATM 872 O O   . HOH B 2 .  ? 15.598  14.018  1.988   1.00 25.40 ? 168 HOH A O   1 
HETATM 873 O O   . HOH B 2 .  ? -0.169  23.060  4.965   1.00 37.09 ? 169 HOH A O   1 
HETATM 874 O O   . HOH B 2 .  ? -2.316  21.702  4.602   1.00 24.20 ? 170 HOH A O   1 
HETATM 875 O O   . HOH B 2 .  ? -2.036  14.444  -4.106  1.00 24.30 ? 171 HOH A O   1 
HETATM 876 O O   . HOH B 2 .  ? 9.560   -3.781  -1.350  1.00 29.33 ? 172 HOH A O   1 
HETATM 877 O O   . HOH B 2 .  ? -0.087  2.816   -14.777 1.00 31.46 ? 173 HOH A O   1 
HETATM 878 O O   . HOH B 2 .  ? -9.327  7.587   -2.229  1.00 27.73 ? 174 HOH A O   1 
HETATM 879 O O   . HOH B 2 .  ? 3.957   -1.602  -9.473  1.00 27.90 ? 175 HOH A O   1 
HETATM 880 O O   . HOH B 2 .  ? -8.933  11.620  5.426   1.00 29.98 ? 176 HOH A O   1 
HETATM 881 O O   . HOH B 2 .  ? 2.559   14.645  -2.756  1.00 39.10 ? 177 HOH A O   1 
HETATM 882 O O   . HOH B 2 .  ? 6.044   0.209   -10.004 1.00 30.47 ? 178 HOH A O   1 
HETATM 883 O O   . HOH B 2 .  ? 10.751  18.252  -0.143  1.00 35.33 ? 179 HOH A O   1 
HETATM 884 O O   . HOH B 2 .  ? 1.267   19.212  -0.278  1.00 31.07 ? 180 HOH A O   1 
HETATM 885 O O   . HOH B 2 .  ? -10.733 6.149   -6.494  1.00 37.25 ? 181 HOH A O   1 
HETATM 886 O O   . HOH B 2 .  ? 17.827  15.244  3.044   1.00 32.69 ? 182 HOH A O   1 
HETATM 887 O O   . HOH B 2 .  ? -0.386  8.597   -6.599  1.00 36.30 ? 183 HOH A O   1 
HETATM 888 O O   . HOH B 2 .  ? 6.138   16.533  13.658  1.00 30.34 ? 184 HOH A O   1 
HETATM 889 O O   . HOH B 2 .  ? 14.487  13.082  5.996   1.00 27.86 ? 185 HOH A O   1 
HETATM 890 O O   . HOH B 2 .  ? 14.114  3.366   -3.502  1.00 34.44 ? 186 HOH A O   1 
HETATM 891 O O   . HOH B 2 .  ? 11.080  5.801   11.045  1.00 39.74 ? 187 HOH A O   1 
HETATM 892 O O   . HOH B 2 .  ? -4.606  9.493   -4.091  1.00 30.30 ? 188 HOH A O   1 
HETATM 893 O O   . HOH B 2 .  ? -4.216  -0.247  12.794  1.00 32.76 ? 189 HOH A O   1 
HETATM 894 O O   . HOH B 2 .  ? 2.404   16.885  0.542   1.00 37.62 ? 190 HOH A O   1 
HETATM 895 O O   . HOH B 2 .  ? -9.592  -4.316  14.917  1.00 35.83 ? 191 HOH A O   1 
HETATM 896 O O   . HOH B 2 .  ? 2.339   16.631  3.578   1.00 33.47 ? 192 HOH A O   1 
HETATM 897 O O   . HOH B 2 .  ? -0.846  11.234  16.051  1.00 31.79 ? 193 HOH A O   1 
HETATM 898 O O   . HOH B 2 .  ? 4.649   12.751  14.878  1.00 37.33 ? 194 HOH A O   1 
HETATM 899 O O   . HOH B 2 .  ? -1.041  -4.778  12.962  1.00 38.11 ? 195 HOH A O   1 
HETATM 900 O O   . HOH B 2 .  ? -10.199 -15.782 0.103   1.00 33.74 ? 196 HOH A O   1 
HETATM 901 O O   . HOH B 2 .  ? 15.172  16.999  3.572   1.00 37.72 ? 197 HOH A O   1 
HETATM 902 O O   . HOH B 2 .  ? -12.509 -4.372  15.612  1.00 39.03 ? 198 HOH A O   1 
HETATM 903 O O   . HOH B 2 .  ? 3.807   14.562  10.820  1.00 44.88 ? 199 HOH A O   1 
HETATM 904 O O   . HOH B 2 .  ? -1.346  17.972  11.453  1.00 39.71 ? 200 HOH A O   1 
HETATM 905 O O   . HOH B 2 .  ? 11.675  -0.443  -2.750  1.00 33.78 ? 201 HOH A O   1 
HETATM 906 O O   . HOH B 2 .  ? 11.841  13.089  15.832  1.00 44.93 ? 202 HOH A O   1 
HETATM 907 O O   . HOH B 2 .  ? -7.985  11.010  1.226   1.00 32.78 ? 203 HOH A O   1 
HETATM 908 O O   . HOH B 2 .  ? 2.607   -16.368 -5.536  1.00 36.79 ? 204 HOH A O   1 
HETATM 909 O O   . HOH B 2 .  ? 6.760   16.256  16.128  1.00 36.17 ? 205 HOH A O   1 
HETATM 910 O O   . HOH B 2 .  ? 0.191   16.874  -5.696  1.00 35.93 ? 206 HOH A O   1 
HETATM 911 O O   . HOH B 2 .  ? -8.150  6.970   0.192   1.00 45.48 ? 207 HOH A O   1 
HETATM 912 O O   . HOH B 2 .  ? 10.748  -1.273  -0.246  1.00 41.65 ? 208 HOH A O   1 
HETATM 913 O O   . HOH B 2 .  ? -2.122  4.939   16.414  1.00 42.07 ? 209 HOH A O   1 
HETATM 914 O O   . HOH B 2 .  ? 1.218   1.099   -14.587 1.00 33.06 ? 210 HOH A O   1 
# 
